data_2E9B
#
_entry.id   2E9B
#
_cell.length_a   71.031
_cell.length_b   129.178
_cell.length_c   192.060
_cell.angle_alpha   90.00
_cell.angle_beta   90.00
_cell.angle_gamma   90.00
#
_symmetry.space_group_name_H-M   'P 21 21 21'
#
loop_
_entity.id
_entity.type
_entity.pdbx_description
1 polymer 'AmyX protein'
2 branched alpha-D-glucopyranose-(1-4)-alpha-D-glucopyranose-(1-4)-alpha-D-glucopyranose
3 branched alpha-D-glucopyranose-(1-4)-alpha-D-glucopyranose
4 branched beta-D-glucopyranose-(1-4)-alpha-D-glucopyranose-(1-4)-alpha-D-glucopyranose
5 non-polymer 'CALCIUM ION'
6 non-polymer 'ACETATE ION'
7 non-polymer GLYCEROL
8 water water
#
_entity_poly.entity_id   1
_entity_poly.type   'polypeptide(L)'
_entity_poly.pdbx_seq_one_letter_code
;MVSIRRSFEAYVDDMNIITVLIPAEQKEIMTPPFRLETEITDFPLAVREEYSLEAKYKYVCVSDHPVTFGKIHCVRASSG
HKTDLQIGAVIRTAAFDDEFYYDGELGAVYTADHTVFKVWAPAATSAAVKLSHPNKSGRTFQMTRLEKGVYAVTVTGDLH
GYEYLFCICNNSEWMETVDQYAKAVTVNGEKGVVLRPDQMKWTAPLKPFSHPVDAVIYETHLRDFSIHENSGMINKGKYL
ALTETDTQTANGSSSGLAYVKELGVTHVELLPVNDFAGVDEEKPLDAYNWGYNPLHFFAPEGSYASNPHDPQTRKTELKQ
MINTLHQHGLRVILDVVFNHVYKRENSPFEKTVPGYFFRHDECGKPSNGTGVGNDIASERRMARKFIADCVVYWLEEYNV
DGFRFDLLGILDIDTVLYMKEKATKAKPGILLFGEGWDLATPLPHEQKAALANAPRMPGIGFFNDMFRDAVKGNTFHLKA
TGFALGNGESAQAVMHGIAGSSGWKALAPIVPEPSQSINYVESHDNHTFWDKMSFALPQENDSRKRSRQRLAVAIILLAQ
GVPFIHSGQEFFRTKQGVENSYQSSDSINQLDWDRRETFKEDVHYIRRLISLRKAHPAFRLRSAADIQRHLECLTLKEHL
IAYRLYDLDEVDEWKDIIVIHHASPDSVEWRLPNDIPYRLLCDPSGFQEDPTEIKKTVAVNGIGTVILYLASDLKSFA
;
_entity_poly.pdbx_strand_id   A,B
#
loop_
_chem_comp.id
_chem_comp.type
_chem_comp.name
_chem_comp.formula
ACT non-polymer 'ACETATE ION' 'C2 H3 O2 -1'
BGC D-saccharide, beta linking beta-D-glucopyranose 'C6 H12 O6'
CA non-polymer 'CALCIUM ION' 'Ca 2'
GLC D-saccharide, alpha linking alpha-D-glucopyranose 'C6 H12 O6'
GOL non-polymer GLYCEROL 'C3 H8 O3'
#
# COMPACT_ATOMS: atom_id res chain seq x y z
N MET A 1 32.94 14.10 1.90
CA MET A 1 33.15 14.66 0.55
C MET A 1 33.73 16.08 0.57
N VAL A 2 34.91 16.25 -0.01
CA VAL A 2 35.52 17.56 -0.09
C VAL A 2 34.72 18.22 -1.21
N SER A 3 34.79 19.54 -1.35
CA SER A 3 34.02 20.19 -2.40
C SER A 3 34.41 21.63 -2.70
N ILE A 4 33.95 22.13 -3.84
CA ILE A 4 34.23 23.51 -4.22
C ILE A 4 33.50 24.42 -3.25
N ARG A 5 34.23 25.37 -2.66
CA ARG A 5 33.66 26.31 -1.69
C ARG A 5 32.78 27.33 -2.41
N ARG A 6 31.50 27.37 -2.06
CA ARG A 6 30.54 28.30 -2.68
C ARG A 6 29.74 29.14 -1.67
N SER A 7 29.50 30.42 -2.01
CA SER A 7 28.75 31.33 -1.17
C SER A 7 27.35 30.77 -0.93
N PHE A 8 26.62 30.59 -2.03
CA PHE A 8 25.26 30.04 -2.01
C PHE A 8 25.10 29.13 -3.23
N GLU A 9 23.89 28.62 -3.46
CA GLU A 9 23.67 27.72 -4.60
C GLU A 9 22.59 28.17 -5.57
N ALA A 10 22.67 27.69 -6.80
CA ALA A 10 21.69 28.02 -7.85
C ALA A 10 21.62 26.89 -8.87
N TYR A 11 20.41 26.43 -9.18
CA TYR A 11 20.23 25.36 -10.15
C TYR A 11 19.17 25.67 -11.21
N VAL A 12 19.36 25.14 -12.41
CA VAL A 12 18.42 25.33 -13.50
C VAL A 12 17.48 24.11 -13.50
N ASP A 13 16.28 24.29 -12.95
CA ASP A 13 15.31 23.19 -12.88
C ASP A 13 14.33 23.12 -14.06
N ASP A 14 14.43 24.07 -14.97
CA ASP A 14 13.60 24.06 -16.16
C ASP A 14 14.16 25.04 -17.19
N MET A 15 13.75 24.88 -18.45
CA MET A 15 14.25 25.72 -19.53
C MET A 15 14.33 27.21 -19.25
N ASN A 16 13.59 27.69 -18.25
CA ASN A 16 13.62 29.11 -17.94
C ASN A 16 13.42 29.43 -16.45
N ILE A 17 13.68 28.45 -15.59
CA ILE A 17 13.50 28.67 -14.16
C ILE A 17 14.75 28.29 -13.38
N ILE A 18 15.21 29.21 -12.54
CA ILE A 18 16.41 29.00 -11.72
C ILE A 18 16.05 28.99 -10.24
N THR A 19 16.49 27.96 -9.53
CA THR A 19 16.23 27.83 -8.10
C THR A 19 17.44 28.29 -7.29
N VAL A 20 17.28 29.36 -6.51
CA VAL A 20 18.38 29.86 -5.68
C VAL A 20 18.24 29.45 -4.22
N LEU A 21 19.28 28.85 -3.67
CA LEU A 21 19.28 28.42 -2.26
C LEU A 21 20.34 29.15 -1.46
N ILE A 22 19.91 29.94 -0.48
CA ILE A 22 20.85 30.68 0.35
C ILE A 22 20.91 30.10 1.77
N PRO A 23 22.13 29.94 2.33
CA PRO A 23 22.26 29.39 3.69
C PRO A 23 21.57 30.23 4.78
N ALA A 24 20.84 29.52 5.64
CA ALA A 24 20.10 30.10 6.74
C ALA A 24 20.64 31.42 7.29
N GLU A 25 21.79 31.36 7.97
CA GLU A 25 22.38 32.58 8.55
C GLU A 25 22.98 33.55 7.54
N GLN A 26 22.34 33.67 6.38
CA GLN A 26 22.81 34.59 5.34
C GLN A 26 21.59 35.21 4.67
N LYS A 27 20.41 34.71 5.03
CA LYS A 27 19.15 35.20 4.47
C LYS A 27 19.04 36.73 4.42
N GLU A 28 19.59 37.41 5.42
CA GLU A 28 19.50 38.87 5.46
C GLU A 28 20.64 39.57 4.71
N ILE A 29 21.66 38.81 4.34
CA ILE A 29 22.80 39.35 3.61
C ILE A 29 22.62 39.15 2.10
N MET A 30 22.70 37.89 1.66
CA MET A 30 22.54 37.55 0.26
C MET A 30 21.07 37.60 -0.13
N THR A 31 20.63 38.80 -0.53
CA THR A 31 19.24 39.05 -0.87
C THR A 31 19.01 39.46 -2.32
N PRO A 32 17.74 39.48 -2.77
CA PRO A 32 17.36 39.86 -4.12
C PRO A 32 17.54 41.37 -4.30
N PRO A 33 17.48 41.88 -5.54
CA PRO A 33 17.26 41.17 -6.80
C PRO A 33 18.46 40.32 -7.20
N PHE A 34 18.21 39.29 -8.01
CA PHE A 34 19.27 38.41 -8.50
C PHE A 34 19.43 38.66 -10.00
N ARG A 35 20.61 38.33 -10.54
CA ARG A 35 20.87 38.52 -11.97
C ARG A 35 21.73 37.39 -12.54
N LEU A 36 21.44 36.98 -13.76
CA LEU A 36 22.17 35.91 -14.43
C LEU A 36 23.19 36.50 -15.39
N GLU A 37 24.47 36.21 -15.15
CA GLU A 37 25.55 36.75 -15.97
C GLU A 37 26.41 35.71 -16.67
N THR A 38 27.04 36.14 -17.77
CA THR A 38 27.97 35.33 -18.57
C THR A 38 28.71 36.32 -19.44
N GLU A 39 29.71 35.84 -20.17
CA GLU A 39 30.46 36.70 -21.08
C GLU A 39 29.47 37.31 -22.05
N ILE A 40 29.40 38.65 -22.05
CA ILE A 40 28.50 39.43 -22.92
C ILE A 40 27.04 39.36 -22.46
N THR A 41 26.82 38.91 -21.23
CA THR A 41 25.46 38.77 -20.71
C THR A 41 25.22 39.38 -19.32
N ASP A 42 23.97 39.72 -19.05
CA ASP A 42 23.56 40.30 -17.77
C ASP A 42 22.07 40.67 -17.78
N PHE A 43 21.22 39.71 -17.42
CA PHE A 43 19.77 39.94 -17.39
C PHE A 43 19.23 39.86 -15.97
N PRO A 44 18.00 40.33 -15.75
CA PRO A 44 17.36 40.31 -14.42
C PRO A 44 16.55 39.03 -14.20
N LEU A 45 16.39 38.65 -12.94
CA LEU A 45 15.62 37.45 -12.58
C LEU A 45 14.47 37.78 -11.64
N ALA A 46 13.25 37.51 -12.10
CA ALA A 46 12.05 37.77 -11.31
C ALA A 46 11.79 36.62 -10.33
N VAL A 47 11.25 36.96 -9.16
CA VAL A 47 10.94 35.95 -8.14
C VAL A 47 9.45 35.58 -8.14
N ARG A 48 9.15 34.35 -8.53
CA ARG A 48 7.79 33.85 -8.56
C ARG A 48 7.30 33.45 -7.17
N GLU A 49 8.21 32.89 -6.36
CA GLU A 49 7.86 32.49 -5.01
C GLU A 49 9.12 32.26 -4.18
N GLU A 50 8.95 32.26 -2.86
CA GLU A 50 10.05 32.08 -1.94
C GLU A 50 9.55 31.48 -0.63
N TYR A 51 10.30 30.54 -0.08
CA TYR A 51 9.93 29.92 1.17
C TYR A 51 11.14 29.28 1.84
N SER A 52 11.06 29.12 3.15
CA SER A 52 12.14 28.55 3.92
C SER A 52 12.13 27.03 4.04
N LEU A 53 13.33 26.47 4.13
CA LEU A 53 13.53 25.03 4.29
C LEU A 53 14.02 24.83 5.72
N GLU A 54 14.82 23.80 5.97
CA GLU A 54 15.30 23.58 7.33
C GLU A 54 16.71 24.08 7.56
N ALA A 55 17.42 24.35 6.46
CA ALA A 55 18.80 24.83 6.57
C ALA A 55 19.04 25.96 5.59
N LYS A 56 18.11 26.16 4.67
CA LYS A 56 18.26 27.20 3.66
C LYS A 56 16.96 27.92 3.36
N TYR A 57 17.07 29.07 2.69
CA TYR A 57 15.90 29.84 2.29
C TYR A 57 15.92 29.70 0.77
N LYS A 58 14.76 29.52 0.17
CA LYS A 58 14.69 29.30 -1.27
C LYS A 58 13.88 30.29 -2.11
N TYR A 59 14.37 30.55 -3.32
CA TYR A 59 13.71 31.43 -4.28
C TYR A 59 13.54 30.65 -5.59
N VAL A 60 12.36 30.77 -6.19
CA VAL A 60 12.10 30.13 -7.47
C VAL A 60 12.02 31.29 -8.45
N CYS A 61 13.14 31.55 -9.14
CA CYS A 61 13.24 32.67 -10.09
C CYS A 61 12.93 32.33 -11.55
N VAL A 62 12.51 33.35 -12.30
CA VAL A 62 12.18 33.21 -13.70
C VAL A 62 13.05 34.12 -14.58
N SER A 63 13.35 33.67 -15.80
CA SER A 63 14.17 34.46 -16.72
C SER A 63 13.42 34.74 -18.01
N ASP A 64 13.71 35.89 -18.64
CA ASP A 64 13.04 36.28 -19.88
C ASP A 64 13.53 35.50 -21.09
N HIS A 65 14.77 35.02 -21.03
CA HIS A 65 15.33 34.26 -22.14
C HIS A 65 15.76 32.88 -21.66
N PRO A 66 15.60 31.85 -22.52
CA PRO A 66 15.98 30.49 -22.17
C PRO A 66 17.50 30.37 -21.98
N VAL A 67 17.92 29.77 -20.86
CA VAL A 67 19.32 29.59 -20.57
C VAL A 67 20.00 28.88 -21.75
N THR A 68 21.25 29.25 -22.04
CA THR A 68 21.99 28.64 -23.13
C THR A 68 23.11 27.75 -22.63
N PHE A 69 22.91 26.45 -22.72
CA PHE A 69 23.90 25.48 -22.27
C PHE A 69 25.21 25.48 -23.05
N GLY A 70 26.30 25.13 -22.37
CA GLY A 70 27.59 25.11 -23.02
C GLY A 70 28.54 26.18 -22.50
N LYS A 71 27.96 27.24 -21.93
CA LYS A 71 28.72 28.36 -21.39
C LYS A 71 28.51 28.47 -19.89
N ILE A 72 29.54 28.93 -19.17
CA ILE A 72 29.43 29.10 -17.72
C ILE A 72 28.56 30.30 -17.36
N HIS A 73 27.62 30.09 -16.45
CA HIS A 73 26.71 31.15 -16.01
C HIS A 73 26.94 31.59 -14.56
N CYS A 74 26.69 32.86 -14.29
CA CYS A 74 26.84 33.39 -12.94
C CYS A 74 25.55 34.01 -12.40
N VAL A 75 25.24 33.71 -11.15
CA VAL A 75 24.07 34.25 -10.48
C VAL A 75 24.57 35.23 -9.43
N ARG A 76 24.17 36.49 -9.55
CA ARG A 76 24.61 37.53 -8.63
C ARG A 76 23.51 38.07 -7.71
N ALA A 77 23.82 38.14 -6.42
CA ALA A 77 22.88 38.65 -5.42
C ALA A 77 23.13 40.16 -5.24
N SER A 78 22.16 40.86 -4.67
CA SER A 78 22.29 42.30 -4.45
C SER A 78 23.52 42.64 -3.60
N SER A 79 23.89 41.72 -2.71
CA SER A 79 25.05 41.93 -1.84
C SER A 79 26.37 41.79 -2.59
N GLY A 80 26.30 41.43 -3.87
CA GLY A 80 27.52 41.27 -4.65
C GLY A 80 28.03 39.85 -4.77
N HIS A 81 27.66 38.98 -3.85
CA HIS A 81 28.11 37.60 -3.91
C HIS A 81 27.69 36.97 -5.23
N LYS A 82 28.43 35.94 -5.64
CA LYS A 82 28.13 35.24 -6.88
C LYS A 82 28.31 33.74 -6.67
N THR A 83 27.83 32.97 -7.64
CA THR A 83 27.95 31.52 -7.60
C THR A 83 27.76 31.03 -9.02
N ASP A 84 28.29 29.86 -9.34
CA ASP A 84 28.15 29.32 -10.68
C ASP A 84 26.84 28.57 -10.81
N LEU A 85 26.18 28.71 -11.97
CA LEU A 85 24.91 28.03 -12.22
C LEU A 85 25.19 26.54 -12.37
N GLN A 86 24.51 25.73 -11.57
CA GLN A 86 24.67 24.28 -11.62
C GLN A 86 23.51 23.61 -12.35
N ILE A 87 23.63 22.32 -12.60
CA ILE A 87 22.61 21.55 -13.30
C ILE A 87 21.48 21.10 -12.38
N GLY A 88 20.25 21.40 -12.79
CA GLY A 88 19.09 20.99 -12.01
C GLY A 88 18.32 19.86 -12.68
N ALA A 89 17.00 19.89 -12.57
CA ALA A 89 16.18 18.84 -13.16
C ALA A 89 15.79 19.10 -14.61
N VAL A 90 16.20 20.25 -15.13
CA VAL A 90 15.87 20.63 -16.50
C VAL A 90 16.18 19.53 -17.54
N ILE A 91 17.16 18.68 -17.23
CA ILE A 91 17.57 17.59 -18.09
C ILE A 91 16.49 16.55 -18.40
N ARG A 92 15.53 16.41 -17.49
CA ARG A 92 14.46 15.44 -17.65
C ARG A 92 13.20 15.99 -18.33
N THR A 93 13.25 17.23 -18.81
CA THR A 93 12.11 17.85 -19.46
C THR A 93 12.06 17.54 -20.96
N ALA A 94 10.84 17.48 -21.48
CA ALA A 94 10.63 17.21 -22.91
C ALA A 94 11.21 18.33 -23.74
N ALA A 95 11.15 19.56 -23.22
CA ALA A 95 11.69 20.70 -23.94
C ALA A 95 13.19 20.55 -24.13
N PHE A 96 13.86 20.00 -23.12
CA PHE A 96 15.31 19.81 -23.18
C PHE A 96 15.62 18.72 -24.22
N ASP A 97 14.87 17.62 -24.15
CA ASP A 97 15.05 16.49 -25.05
C ASP A 97 14.88 16.93 -26.51
N ASP A 98 13.80 17.64 -26.81
CA ASP A 98 13.54 18.09 -28.17
C ASP A 98 14.61 19.05 -28.69
N GLU A 99 15.14 19.88 -27.82
CA GLU A 99 16.18 20.84 -28.19
C GLU A 99 17.53 20.17 -28.52
N PHE A 100 17.92 19.15 -27.75
CA PHE A 100 19.22 18.50 -27.96
C PHE A 100 19.29 17.10 -28.60
N TYR A 101 18.16 16.51 -28.94
CA TYR A 101 18.20 15.18 -29.57
C TYR A 101 19.11 15.22 -30.80
N TYR A 102 20.08 14.29 -30.85
CA TYR A 102 21.03 14.20 -31.96
C TYR A 102 20.80 12.86 -32.67
N ASP A 103 20.73 12.90 -34.00
CA ASP A 103 20.45 11.71 -34.81
C ASP A 103 21.66 11.09 -35.53
N GLY A 104 22.84 11.70 -35.40
CA GLY A 104 24.02 11.17 -36.06
C GLY A 104 24.69 10.05 -35.29
N GLU A 105 25.87 9.63 -35.72
CA GLU A 105 26.58 8.56 -35.00
C GLU A 105 27.49 9.13 -33.92
N LEU A 106 27.61 8.37 -32.84
CA LEU A 106 28.44 8.76 -31.70
C LEU A 106 29.51 7.70 -31.40
N GLY A 107 30.58 8.13 -30.76
CA GLY A 107 31.65 7.21 -30.40
C GLY A 107 32.94 7.54 -31.12
N ALA A 108 33.71 6.51 -31.44
CA ALA A 108 34.98 6.65 -32.14
C ALA A 108 34.85 6.11 -33.57
N VAL A 109 34.96 7.00 -34.55
CA VAL A 109 34.87 6.61 -35.95
C VAL A 109 36.31 6.53 -36.47
N TYR A 110 36.73 5.33 -36.82
CA TYR A 110 38.09 5.05 -37.27
C TYR A 110 38.35 5.08 -38.77
N THR A 111 39.59 5.45 -39.09
CA THR A 111 40.10 5.52 -40.46
C THR A 111 41.62 5.39 -40.25
N ALA A 112 42.32 4.73 -41.15
CA ALA A 112 43.77 4.57 -40.99
C ALA A 112 44.47 5.93 -41.00
N ASP A 113 43.85 6.89 -41.67
CA ASP A 113 44.38 8.24 -41.78
C ASP A 113 44.15 9.07 -40.52
N HIS A 114 42.94 8.99 -39.96
CA HIS A 114 42.56 9.75 -38.77
C HIS A 114 41.34 9.15 -38.05
N THR A 115 41.09 9.59 -36.82
CA THR A 115 39.97 9.12 -36.01
C THR A 115 39.16 10.30 -35.47
N VAL A 116 37.84 10.24 -35.64
CA VAL A 116 36.95 11.29 -35.15
C VAL A 116 36.30 10.82 -33.85
N PHE A 117 36.28 11.67 -32.82
CA PHE A 117 35.66 11.30 -31.53
C PHE A 117 34.44 12.17 -31.26
N LYS A 118 33.35 11.55 -30.81
CA LYS A 118 32.12 12.29 -30.52
C LYS A 118 31.38 11.77 -29.30
N VAL A 119 30.90 12.68 -28.47
CA VAL A 119 30.15 12.35 -27.26
C VAL A 119 29.05 13.37 -27.05
N TRP A 120 27.90 12.90 -26.57
CA TRP A 120 26.76 13.77 -26.34
C TRP A 120 26.76 14.22 -24.88
N ALA A 121 27.01 15.50 -24.63
CA ALA A 121 27.01 16.05 -23.29
C ALA A 121 26.44 17.47 -23.37
N PRO A 122 25.12 17.58 -23.59
CA PRO A 122 24.45 18.88 -23.70
C PRO A 122 24.53 19.84 -22.51
N ALA A 123 24.66 19.31 -21.30
CA ALA A 123 24.71 20.16 -20.11
C ALA A 123 26.11 20.49 -19.60
N ALA A 124 27.14 19.97 -20.26
CA ALA A 124 28.52 20.24 -19.86
C ALA A 124 29.00 21.59 -20.41
N THR A 125 30.18 22.03 -19.98
CA THR A 125 30.76 23.29 -20.44
C THR A 125 32.09 23.08 -21.18
N SER A 126 32.62 21.87 -21.09
CA SER A 126 33.88 21.52 -21.75
C SER A 126 33.99 20.00 -21.82
N ALA A 127 34.92 19.54 -22.66
CA ALA A 127 35.14 18.10 -22.83
C ALA A 127 36.48 17.87 -23.50
N ALA A 128 37.05 16.69 -23.29
CA ALA A 128 38.34 16.33 -23.87
C ALA A 128 38.48 14.82 -24.03
N VAL A 129 39.37 14.41 -24.91
CA VAL A 129 39.62 12.99 -25.13
C VAL A 129 41.02 12.66 -24.62
N LYS A 130 41.12 11.67 -23.74
CA LYS A 130 42.40 11.25 -23.17
C LYS A 130 42.94 9.96 -23.80
N LEU A 131 44.07 10.08 -24.48
CA LEU A 131 44.71 8.95 -25.17
C LEU A 131 45.98 8.43 -24.50
N SER A 132 46.09 7.10 -24.42
CA SER A 132 47.26 6.47 -23.83
C SER A 132 47.54 5.16 -24.56
N HIS A 133 48.74 4.61 -24.34
CA HIS A 133 49.15 3.38 -25.00
C HIS A 133 50.42 2.88 -24.31
N PRO A 134 50.47 1.58 -23.98
CA PRO A 134 51.66 1.02 -23.32
C PRO A 134 52.94 1.40 -24.06
N ASN A 135 53.75 2.24 -23.42
CA ASN A 135 55.01 2.69 -24.00
C ASN A 135 54.79 3.38 -25.35
N LYS A 136 54.29 4.61 -25.33
CA LYS A 136 54.05 5.34 -26.58
C LYS A 136 53.61 6.80 -26.39
N SER A 137 53.85 7.36 -25.20
CA SER A 137 53.49 8.76 -24.93
C SER A 137 51.97 9.03 -24.96
N GLY A 138 51.45 9.52 -23.84
CA GLY A 138 50.02 9.82 -23.76
C GLY A 138 49.71 11.28 -24.07
N ARG A 139 48.56 11.53 -24.70
CA ARG A 139 48.16 12.89 -25.04
C ARG A 139 46.67 13.13 -24.71
N THR A 140 46.32 14.38 -24.41
CA THR A 140 44.93 14.75 -24.12
C THR A 140 44.57 16.01 -24.90
N PHE A 141 43.54 15.93 -25.74
CA PHE A 141 43.13 17.06 -26.56
C PHE A 141 41.72 17.59 -26.25
N GLN A 142 41.56 18.91 -26.29
CA GLN A 142 40.27 19.54 -26.04
C GLN A 142 39.35 19.35 -27.24
N MET A 143 38.08 19.03 -26.97
CA MET A 143 37.09 18.80 -28.02
C MET A 143 36.27 20.08 -28.22
N THR A 144 35.71 20.26 -29.42
CA THR A 144 34.91 21.45 -29.69
C THR A 144 33.42 21.14 -29.65
N ARG A 145 32.62 22.05 -29.10
CA ARG A 145 31.18 21.86 -29.02
C ARG A 145 30.49 22.22 -30.34
N LEU A 146 29.61 21.34 -30.80
CA LEU A 146 28.87 21.55 -32.05
C LEU A 146 27.38 21.65 -31.77
N GLU A 147 26.56 21.40 -32.79
CA GLU A 147 25.11 21.47 -32.64
C GLU A 147 24.60 20.29 -31.82
N LYS A 148 23.44 20.47 -31.20
CA LYS A 148 22.80 19.43 -30.42
C LYS A 148 23.59 18.92 -29.22
N GLY A 149 24.47 19.77 -28.67
CA GLY A 149 25.24 19.38 -27.50
C GLY A 149 26.27 18.28 -27.70
N VAL A 150 26.80 18.17 -28.91
CA VAL A 150 27.78 17.16 -29.24
C VAL A 150 29.19 17.76 -29.26
N TYR A 151 30.14 17.11 -28.60
CA TYR A 151 31.53 17.56 -28.58
C TYR A 151 32.31 16.61 -29.48
N ALA A 152 33.26 17.14 -30.24
CA ALA A 152 34.05 16.32 -31.14
C ALA A 152 35.45 16.87 -31.35
N VAL A 153 36.34 16.01 -31.85
CA VAL A 153 37.71 16.38 -32.17
C VAL A 153 38.26 15.32 -33.12
N THR A 154 39.05 15.74 -34.10
CA THR A 154 39.62 14.82 -35.07
C THR A 154 41.12 14.70 -34.83
N VAL A 155 41.60 13.48 -34.63
CA VAL A 155 43.01 13.23 -34.36
C VAL A 155 43.70 12.54 -35.54
N THR A 156 44.77 13.15 -36.04
CA THR A 156 45.52 12.63 -37.17
C THR A 156 46.45 11.49 -36.77
N GLY A 157 46.54 10.49 -37.66
CA GLY A 157 47.39 9.33 -37.42
C GLY A 157 46.59 8.04 -37.38
N ASP A 158 47.26 6.90 -37.25
CA ASP A 158 46.59 5.61 -37.17
C ASP A 158 46.50 5.32 -35.68
N LEU A 159 45.28 5.33 -35.14
CA LEU A 159 45.12 5.11 -33.71
C LEU A 159 44.83 3.67 -33.29
N HIS A 160 45.02 2.71 -34.19
CA HIS A 160 44.76 1.31 -33.85
C HIS A 160 45.59 0.87 -32.65
N GLY A 161 44.91 0.34 -31.64
CA GLY A 161 45.61 -0.11 -30.44
C GLY A 161 45.65 0.89 -29.30
N TYR A 162 45.22 2.12 -29.57
CA TYR A 162 45.21 3.16 -28.54
C TYR A 162 44.01 3.08 -27.58
N GLU A 163 44.28 3.34 -26.30
CA GLU A 163 43.26 3.34 -25.26
C GLU A 163 42.72 4.77 -25.18
N TYR A 164 41.45 4.93 -24.82
CA TYR A 164 40.90 6.29 -24.71
C TYR A 164 39.83 6.45 -23.63
N LEU A 165 39.77 7.66 -23.09
CA LEU A 165 38.82 8.04 -22.04
C LEU A 165 38.29 9.43 -22.37
N PHE A 166 37.07 9.74 -21.91
CA PHE A 166 36.52 11.07 -22.13
C PHE A 166 36.53 11.83 -20.79
N CYS A 167 36.76 13.14 -20.87
CA CYS A 167 36.76 13.98 -19.68
C CYS A 167 35.61 14.98 -19.89
N ILE A 168 34.57 14.88 -19.07
CA ILE A 168 33.39 15.74 -19.19
C ILE A 168 33.24 16.70 -18.00
N CYS A 169 33.15 18.00 -18.28
CA CYS A 169 33.00 18.96 -17.19
C CYS A 169 31.57 19.41 -16.91
N ASN A 170 31.00 18.88 -15.83
CA ASN A 170 29.66 19.22 -15.40
C ASN A 170 29.72 19.90 -14.02
N ASN A 171 29.00 21.01 -13.85
CA ASN A 171 28.97 21.73 -12.58
C ASN A 171 30.38 22.05 -12.08
N SER A 172 31.27 22.39 -13.00
CA SER A 172 32.65 22.72 -12.66
C SER A 172 33.47 21.58 -12.03
N GLU A 173 33.01 20.35 -12.23
CA GLU A 173 33.72 19.18 -11.72
C GLU A 173 34.00 18.28 -12.92
N TRP A 174 35.28 17.99 -13.16
CA TRP A 174 35.67 17.14 -14.28
C TRP A 174 35.58 15.68 -13.90
N MET A 175 35.00 14.87 -14.79
CA MET A 175 34.92 13.43 -14.54
C MET A 175 35.55 12.68 -15.70
N GLU A 176 36.08 11.50 -15.39
CA GLU A 176 36.76 10.65 -16.38
C GLU A 176 35.86 9.44 -16.62
N THR A 177 35.72 9.00 -17.86
CA THR A 177 34.83 7.85 -18.14
C THR A 177 35.10 7.20 -19.49
N VAL A 178 34.74 5.92 -19.64
CA VAL A 178 34.95 5.29 -20.94
C VAL A 178 33.76 5.64 -21.83
N ASP A 179 33.95 5.58 -23.14
CA ASP A 179 32.90 5.87 -24.10
C ASP A 179 31.72 4.91 -23.92
N GLN A 180 30.50 5.43 -23.87
CA GLN A 180 29.30 4.60 -23.73
C GLN A 180 29.20 3.69 -24.96
N TYR A 181 29.70 4.16 -26.09
CA TYR A 181 29.68 3.41 -27.34
C TYR A 181 30.98 2.66 -27.64
N ALA A 182 31.80 2.42 -26.60
CA ALA A 182 33.06 1.71 -26.78
C ALA A 182 32.86 0.28 -27.29
N LYS A 183 33.51 -0.06 -28.39
CA LYS A 183 33.37 -1.40 -28.96
C LYS A 183 34.52 -2.34 -28.59
N ALA A 184 35.46 -1.82 -27.83
CA ALA A 184 36.60 -2.61 -27.34
C ALA A 184 37.06 -1.96 -26.04
N VAL A 185 37.55 -2.78 -25.10
CA VAL A 185 38.02 -2.27 -23.81
C VAL A 185 39.21 -3.04 -23.29
N THR A 186 39.91 -2.46 -22.30
CA THR A 186 41.07 -3.10 -21.71
C THR A 186 40.64 -4.14 -20.65
N VAL A 187 41.58 -4.90 -20.12
CA VAL A 187 41.25 -5.91 -19.10
C VAL A 187 40.44 -5.30 -17.95
N ASN A 188 39.34 -5.96 -17.60
CA ASN A 188 38.43 -5.51 -16.54
C ASN A 188 37.67 -4.23 -16.93
N GLY A 189 37.76 -3.86 -18.21
CA GLY A 189 37.06 -2.70 -18.72
C GLY A 189 37.37 -1.35 -18.10
N GLU A 190 38.64 -1.09 -17.82
CA GLU A 190 39.04 0.18 -17.22
C GLU A 190 39.06 1.31 -18.23
N LYS A 191 39.36 1.01 -19.48
CA LYS A 191 39.40 2.03 -20.54
C LYS A 191 38.90 1.41 -21.84
N GLY A 192 38.47 2.27 -22.78
CA GLY A 192 38.02 1.79 -24.07
C GLY A 192 39.23 1.72 -24.98
N VAL A 193 39.09 1.09 -26.15
CA VAL A 193 40.21 0.98 -27.09
C VAL A 193 39.74 1.19 -28.53
N VAL A 194 40.58 1.84 -29.34
CA VAL A 194 40.28 2.07 -30.76
C VAL A 194 40.88 0.92 -31.56
N LEU A 195 40.10 0.32 -32.46
CA LEU A 195 40.58 -0.78 -33.29
C LEU A 195 40.04 -0.68 -34.71
N ARG A 196 40.87 -0.98 -35.71
CA ARG A 196 40.43 -0.93 -37.10
C ARG A 196 39.50 -2.12 -37.32
N PRO A 197 38.65 -2.07 -38.36
CA PRO A 197 37.72 -3.18 -38.62
C PRO A 197 38.48 -4.51 -38.67
N ASP A 198 37.98 -5.53 -37.97
CA ASP A 198 38.67 -6.81 -37.96
C ASP A 198 38.43 -7.64 -39.22
N GLN A 199 37.60 -7.12 -40.11
CA GLN A 199 37.32 -7.81 -41.38
C GLN A 199 36.77 -9.24 -41.24
N MET A 200 36.09 -9.52 -40.13
CA MET A 200 35.50 -10.83 -39.91
C MET A 200 34.51 -11.14 -41.03
N LYS A 201 34.58 -12.36 -41.57
CA LYS A 201 33.68 -12.79 -42.65
C LYS A 201 32.73 -13.89 -42.17
N TRP A 202 31.44 -13.75 -42.49
CA TRP A 202 30.45 -14.73 -42.08
C TRP A 202 30.27 -15.71 -43.23
N THR A 203 30.63 -16.96 -43.00
CA THR A 203 30.58 -17.98 -44.04
C THR A 203 29.52 -19.07 -43.91
N ALA A 204 28.50 -18.84 -43.08
CA ALA A 204 27.44 -19.83 -42.89
C ALA A 204 26.05 -19.23 -43.01
N PRO A 205 25.70 -18.74 -44.20
CA PRO A 205 24.39 -18.13 -44.49
C PRO A 205 23.16 -18.97 -44.12
N LEU A 206 22.28 -18.37 -43.34
CA LEU A 206 21.04 -19.01 -42.90
C LEU A 206 19.87 -18.18 -43.37
N LYS A 207 18.85 -18.84 -43.93
CA LYS A 207 17.68 -18.14 -44.40
C LYS A 207 16.85 -17.68 -43.22
N PRO A 208 15.97 -16.69 -43.42
CA PRO A 208 15.13 -16.19 -42.33
C PRO A 208 14.33 -17.29 -41.65
N PHE A 209 14.30 -17.29 -40.32
CA PHE A 209 13.57 -18.32 -39.59
C PHE A 209 12.07 -18.26 -39.88
N SER A 210 11.52 -19.39 -40.27
CA SER A 210 10.11 -19.52 -40.64
C SER A 210 9.05 -18.95 -39.69
N HIS A 211 9.03 -19.40 -38.45
CA HIS A 211 8.03 -18.94 -37.50
C HIS A 211 8.41 -19.32 -36.07
N PRO A 212 8.04 -18.48 -35.09
CA PRO A 212 8.34 -18.71 -33.66
C PRO A 212 7.96 -20.08 -33.08
N VAL A 213 6.73 -20.54 -33.36
CA VAL A 213 6.30 -21.84 -32.83
C VAL A 213 7.11 -22.99 -33.44
N ASP A 214 7.96 -22.66 -34.40
CA ASP A 214 8.82 -23.66 -35.05
C ASP A 214 10.19 -23.75 -34.38
N ALA A 215 10.38 -22.98 -33.31
CA ALA A 215 11.67 -23.00 -32.63
C ALA A 215 11.67 -23.84 -31.36
N VAL A 216 12.87 -24.19 -30.91
CA VAL A 216 13.10 -24.95 -29.68
C VAL A 216 14.34 -24.31 -29.06
N ILE A 217 14.12 -23.53 -28.01
CA ILE A 217 15.17 -22.79 -27.33
C ILE A 217 15.86 -23.56 -26.20
N TYR A 218 17.17 -23.40 -26.10
CA TYR A 218 18.01 -24.08 -25.11
C TYR A 218 18.88 -23.05 -24.37
N GLU A 219 18.55 -22.77 -23.11
CA GLU A 219 19.25 -21.77 -22.32
C GLU A 219 20.50 -22.25 -21.61
N THR A 220 21.62 -21.54 -21.80
CA THR A 220 22.86 -21.93 -21.17
C THR A 220 23.82 -20.76 -20.87
N HIS A 221 24.69 -20.98 -19.88
CA HIS A 221 25.71 -20.02 -19.43
C HIS A 221 27.05 -20.56 -19.95
N LEU A 222 27.85 -19.72 -20.59
CA LEU A 222 29.14 -20.13 -21.17
C LEU A 222 30.14 -20.84 -20.27
N ARG A 223 30.18 -20.48 -18.99
CA ARG A 223 31.11 -21.14 -18.08
C ARG A 223 30.54 -22.47 -17.60
N ASP A 224 29.25 -22.47 -17.26
CA ASP A 224 28.56 -23.67 -16.78
C ASP A 224 28.69 -24.82 -17.80
N PHE A 225 28.41 -24.50 -19.06
CA PHE A 225 28.41 -25.46 -20.16
C PHE A 225 29.61 -26.38 -20.36
N SER A 226 30.83 -25.89 -20.12
CA SER A 226 32.00 -26.73 -20.35
C SER A 226 33.08 -26.74 -19.27
N ILE A 227 32.81 -26.16 -18.11
CA ILE A 227 33.80 -26.10 -17.03
C ILE A 227 34.04 -27.43 -16.31
N HIS A 228 33.08 -28.36 -16.39
CA HIS A 228 33.21 -29.66 -15.74
C HIS A 228 34.41 -30.42 -16.29
N GLU A 229 35.14 -31.09 -15.41
CA GLU A 229 36.33 -31.83 -15.79
C GLU A 229 36.10 -32.90 -16.87
N ASN A 230 34.87 -33.39 -16.97
CA ASN A 230 34.53 -34.43 -17.94
C ASN A 230 33.72 -33.90 -19.12
N SER A 231 33.85 -32.61 -19.43
CA SER A 231 33.07 -32.04 -20.53
C SER A 231 33.54 -32.48 -21.92
N GLY A 232 34.77 -33.01 -22.01
CA GLY A 232 35.29 -33.45 -23.29
C GLY A 232 35.76 -32.32 -24.18
N MET A 233 35.79 -31.11 -23.63
CA MET A 233 36.23 -29.92 -24.37
C MET A 233 37.52 -29.35 -23.78
N ILE A 234 38.37 -28.84 -24.65
CA ILE A 234 39.66 -28.27 -24.25
C ILE A 234 39.57 -26.87 -23.63
N ASN A 235 38.87 -25.95 -24.32
CA ASN A 235 38.72 -24.57 -23.87
C ASN A 235 37.63 -24.43 -22.80
N LYS A 236 37.83 -25.07 -21.64
CA LYS A 236 36.86 -25.05 -20.56
C LYS A 236 36.41 -23.68 -20.06
N GLY A 237 35.11 -23.42 -20.20
CA GLY A 237 34.54 -22.15 -19.77
C GLY A 237 34.86 -20.94 -20.63
N LYS A 238 35.20 -21.18 -21.90
CA LYS A 238 35.56 -20.11 -22.83
C LYS A 238 34.70 -20.08 -24.10
N TYR A 239 34.72 -18.94 -24.80
CA TYR A 239 33.99 -18.74 -26.05
C TYR A 239 34.23 -19.85 -27.07
N LEU A 240 35.47 -20.31 -27.14
CA LEU A 240 35.90 -21.32 -28.09
C LEU A 240 35.51 -22.78 -27.83
N ALA A 241 34.99 -23.07 -26.64
CA ALA A 241 34.62 -24.44 -26.31
C ALA A 241 33.50 -24.96 -27.22
N LEU A 242 32.55 -24.09 -27.55
CA LEU A 242 31.43 -24.49 -28.38
C LEU A 242 31.81 -24.65 -29.86
N THR A 243 33.06 -24.37 -30.20
CA THR A 243 33.51 -24.54 -31.59
C THR A 243 34.12 -25.92 -31.81
N GLU A 244 34.50 -26.57 -30.71
CA GLU A 244 35.10 -27.91 -30.76
C GLU A 244 34.09 -28.95 -31.25
N THR A 245 34.42 -29.63 -32.34
CA THR A 245 33.55 -30.63 -32.95
C THR A 245 33.71 -32.07 -32.44
N ASP A 246 32.67 -32.88 -32.66
CA ASP A 246 32.61 -34.29 -32.26
C ASP A 246 33.27 -34.62 -30.92
N THR A 247 32.91 -33.84 -29.90
CA THR A 247 33.45 -34.02 -28.54
C THR A 247 32.62 -35.05 -27.75
N GLN A 248 33.25 -35.74 -26.81
CA GLN A 248 32.53 -36.73 -26.00
C GLN A 248 33.09 -36.89 -24.59
N THR A 249 32.27 -37.39 -23.67
CA THR A 249 32.67 -37.60 -22.29
C THR A 249 33.65 -38.78 -22.20
N ALA A 250 34.15 -39.04 -21.00
CA ALA A 250 35.11 -40.13 -20.78
C ALA A 250 34.55 -41.49 -21.19
N ASN A 251 33.29 -41.76 -20.86
CA ASN A 251 32.67 -43.03 -21.20
C ASN A 251 32.23 -43.12 -22.66
N GLY A 252 32.44 -42.05 -23.42
CA GLY A 252 32.06 -42.07 -24.82
C GLY A 252 30.76 -41.38 -25.21
N SER A 253 30.04 -40.81 -24.25
CA SER A 253 28.79 -40.12 -24.53
C SER A 253 29.04 -38.79 -25.25
N SER A 254 28.09 -38.35 -26.07
CA SER A 254 28.26 -37.08 -26.80
C SER A 254 28.23 -35.88 -25.84
N SER A 255 28.97 -34.83 -26.20
CA SER A 255 29.02 -33.62 -25.38
C SER A 255 29.22 -32.37 -26.26
N GLY A 256 29.16 -31.20 -25.64
CA GLY A 256 29.35 -29.96 -26.35
C GLY A 256 28.49 -29.75 -27.59
N LEU A 257 29.09 -29.15 -28.61
CA LEU A 257 28.42 -28.86 -29.88
C LEU A 257 27.69 -30.09 -30.42
N ALA A 258 28.40 -31.21 -30.51
CA ALA A 258 27.82 -32.44 -31.02
C ALA A 258 26.55 -32.82 -30.26
N TYR A 259 26.56 -32.58 -28.95
CA TYR A 259 25.42 -32.89 -28.10
C TYR A 259 24.21 -31.99 -28.36
N VAL A 260 24.45 -30.68 -28.38
CA VAL A 260 23.36 -29.73 -28.61
C VAL A 260 22.66 -29.99 -29.94
N LYS A 261 23.45 -30.35 -30.96
CA LYS A 261 22.92 -30.65 -32.30
C LYS A 261 22.10 -31.95 -32.33
N GLU A 262 22.51 -32.92 -31.52
CA GLU A 262 21.85 -34.23 -31.44
C GLU A 262 20.47 -34.11 -30.78
N LEU A 263 20.36 -33.24 -29.78
CA LEU A 263 19.09 -33.01 -29.07
C LEU A 263 17.99 -32.56 -30.01
N GLY A 264 18.35 -31.71 -30.97
CA GLY A 264 17.38 -31.19 -31.91
C GLY A 264 16.96 -29.75 -31.64
N VAL A 265 17.67 -29.05 -30.78
CA VAL A 265 17.33 -27.66 -30.49
C VAL A 265 17.65 -26.76 -31.68
N THR A 266 16.92 -25.64 -31.83
CA THR A 266 17.16 -24.74 -32.94
C THR A 266 17.91 -23.46 -32.54
N HIS A 267 17.62 -22.94 -31.36
CA HIS A 267 18.28 -21.73 -30.89
C HIS A 267 18.97 -21.94 -29.55
N VAL A 268 20.16 -21.36 -29.42
CA VAL A 268 20.92 -21.45 -28.17
C VAL A 268 20.90 -20.05 -27.54
N GLU A 269 20.27 -19.93 -26.37
CA GLU A 269 20.18 -18.65 -25.66
C GLU A 269 21.29 -18.57 -24.63
N LEU A 270 22.15 -17.56 -24.76
CA LEU A 270 23.27 -17.39 -23.84
C LEU A 270 23.00 -16.32 -22.81
N LEU A 271 23.52 -16.53 -21.59
CA LEU A 271 23.37 -15.52 -20.56
C LEU A 271 24.30 -14.38 -21.01
N PRO A 272 24.17 -13.18 -20.43
CA PRO A 272 24.97 -11.98 -20.77
C PRO A 272 26.40 -12.13 -21.25
N VAL A 273 26.68 -11.64 -22.46
CA VAL A 273 28.05 -11.67 -23.01
C VAL A 273 28.65 -10.28 -23.19
N ASN A 274 27.89 -9.23 -22.86
CA ASN A 274 28.44 -7.88 -22.95
C ASN A 274 29.31 -7.80 -21.69
N ASP A 275 30.26 -6.87 -21.63
CA ASP A 275 31.12 -6.81 -20.45
C ASP A 275 30.38 -6.49 -19.16
N PHE A 276 30.59 -7.34 -18.16
CA PHE A 276 29.96 -7.16 -16.86
C PHE A 276 30.99 -7.22 -15.72
N ALA A 277 30.51 -6.94 -14.51
CA ALA A 277 31.35 -6.96 -13.32
C ALA A 277 30.98 -8.17 -12.45
N GLY A 278 31.91 -8.62 -11.62
CA GLY A 278 31.64 -9.76 -10.76
C GLY A 278 32.71 -10.84 -10.81
N VAL A 279 33.49 -10.83 -11.89
CA VAL A 279 34.57 -11.80 -12.05
C VAL A 279 35.82 -11.05 -12.47
N ASP A 280 36.93 -11.32 -11.78
CA ASP A 280 38.21 -10.69 -12.12
C ASP A 280 38.73 -11.41 -13.36
N GLU A 281 38.84 -10.69 -14.47
CA GLU A 281 39.30 -11.29 -15.71
C GLU A 281 40.76 -11.74 -15.64
N GLU A 282 41.50 -11.22 -14.65
CA GLU A 282 42.91 -11.59 -14.45
C GLU A 282 42.99 -12.93 -13.72
N LYS A 283 41.98 -13.22 -12.89
CA LYS A 283 41.90 -14.45 -12.12
C LYS A 283 40.45 -14.94 -12.06
N PRO A 284 39.92 -15.38 -13.21
CA PRO A 284 38.55 -15.88 -13.42
C PRO A 284 38.04 -17.02 -12.54
N LEU A 285 38.94 -17.90 -12.10
CA LEU A 285 38.56 -19.03 -11.27
C LEU A 285 38.24 -18.67 -9.82
N ASP A 286 38.62 -17.47 -9.41
CA ASP A 286 38.40 -17.01 -8.04
C ASP A 286 36.97 -16.59 -7.71
N ALA A 287 36.14 -16.41 -8.73
CA ALA A 287 34.75 -16.01 -8.49
C ALA A 287 33.85 -16.41 -9.65
N TYR A 288 32.54 -16.38 -9.41
CA TYR A 288 31.57 -16.73 -10.45
C TYR A 288 30.39 -15.76 -10.45
N ASN A 289 29.81 -15.52 -11.63
CA ASN A 289 28.66 -14.62 -11.74
C ASN A 289 27.90 -14.87 -13.03
N TRP A 290 26.57 -14.78 -12.97
CA TRP A 290 25.72 -14.99 -14.15
C TRP A 290 26.02 -13.91 -15.19
N GLY A 291 26.23 -12.67 -14.74
CA GLY A 291 26.54 -11.59 -15.65
C GLY A 291 25.55 -10.44 -15.78
N TYR A 292 24.63 -10.30 -14.81
CA TYR A 292 23.64 -9.23 -14.88
C TYR A 292 24.06 -7.93 -14.22
N ASN A 293 25.31 -7.52 -14.45
CA ASN A 293 25.87 -6.28 -13.88
C ASN A 293 26.59 -5.55 -15.02
N PRO A 294 25.83 -4.91 -15.93
CA PRO A 294 26.34 -4.18 -17.08
C PRO A 294 27.36 -3.07 -16.85
N LEU A 295 28.47 -3.15 -17.58
CA LEU A 295 29.53 -2.15 -17.54
C LEU A 295 29.61 -1.49 -18.92
N HIS A 296 29.74 -2.31 -19.95
CA HIS A 296 29.84 -1.81 -21.32
C HIS A 296 28.90 -2.59 -22.24
N PHE A 297 27.89 -1.90 -22.78
CA PHE A 297 26.89 -2.53 -23.65
C PHE A 297 27.34 -2.89 -25.08
N PHE A 298 28.36 -2.20 -25.60
CA PHE A 298 28.84 -2.46 -26.96
C PHE A 298 30.08 -3.35 -27.08
N ALA A 299 30.62 -3.81 -25.95
CA ALA A 299 31.81 -4.68 -25.96
C ALA A 299 31.57 -6.01 -25.23
N PRO A 300 32.32 -7.08 -25.59
CA PRO A 300 32.22 -8.42 -25.01
C PRO A 300 32.89 -8.57 -23.64
N GLU A 301 32.44 -9.57 -22.87
CA GLU A 301 33.00 -9.89 -21.55
C GLU A 301 34.39 -10.50 -21.70
N GLY A 302 35.31 -10.15 -20.81
CA GLY A 302 36.66 -10.66 -20.92
C GLY A 302 37.01 -12.02 -20.34
N SER A 303 36.33 -12.45 -19.29
CA SER A 303 36.66 -13.74 -18.68
C SER A 303 36.39 -14.98 -19.55
N TYR A 304 35.62 -14.82 -20.63
CA TYR A 304 35.34 -15.96 -21.49
C TYR A 304 36.33 -16.09 -22.65
N ALA A 305 37.26 -15.15 -22.77
CA ALA A 305 38.25 -15.21 -23.84
C ALA A 305 39.57 -15.89 -23.42
N SER A 306 40.31 -16.37 -24.40
CA SER A 306 41.60 -17.01 -24.13
C SER A 306 42.57 -15.99 -23.51
N ASN A 307 42.56 -14.76 -24.04
CA ASN A 307 43.42 -13.70 -23.54
C ASN A 307 42.65 -12.39 -23.41
N PRO A 308 42.32 -11.98 -22.17
CA PRO A 308 41.58 -10.74 -21.91
C PRO A 308 42.41 -9.45 -21.97
N HIS A 309 43.73 -9.56 -22.12
CA HIS A 309 44.61 -8.40 -22.19
C HIS A 309 44.65 -7.78 -23.59
N ASP A 310 44.54 -8.62 -24.62
CA ASP A 310 44.55 -8.15 -26.00
C ASP A 310 43.11 -7.82 -26.40
N PRO A 311 42.81 -6.51 -26.53
CA PRO A 311 41.49 -6.01 -26.90
C PRO A 311 40.72 -6.71 -28.02
N GLN A 312 41.40 -7.07 -29.10
CA GLN A 312 40.73 -7.72 -30.23
C GLN A 312 40.36 -9.19 -30.02
N THR A 313 41.18 -9.92 -29.25
CA THR A 313 40.97 -11.35 -29.01
C THR A 313 39.54 -11.76 -28.66
N ARG A 314 38.97 -11.19 -27.60
CA ARG A 314 37.63 -11.54 -27.17
C ARG A 314 36.58 -11.37 -28.28
N LYS A 315 36.78 -10.38 -29.15
CA LYS A 315 35.86 -10.12 -30.25
C LYS A 315 35.96 -11.23 -31.28
N THR A 316 37.19 -11.58 -31.62
CA THR A 316 37.44 -12.62 -32.60
C THR A 316 36.84 -13.96 -32.18
N GLU A 317 37.00 -14.31 -30.91
CA GLU A 317 36.52 -15.60 -30.42
C GLU A 317 35.00 -15.74 -30.27
N LEU A 318 34.33 -14.66 -29.92
CA LEU A 318 32.88 -14.69 -29.78
C LEU A 318 32.26 -14.86 -31.18
N LYS A 319 32.84 -14.17 -32.15
CA LYS A 319 32.38 -14.24 -33.54
C LYS A 319 32.63 -15.61 -34.16
N GLN A 320 33.78 -16.22 -33.85
CA GLN A 320 34.07 -17.54 -34.39
C GLN A 320 33.05 -18.52 -33.82
N MET A 321 32.84 -18.46 -32.51
CA MET A 321 31.87 -19.33 -31.86
C MET A 321 30.52 -19.22 -32.56
N ILE A 322 30.05 -17.99 -32.73
CA ILE A 322 28.76 -17.76 -33.38
C ILE A 322 28.74 -18.27 -34.82
N ASN A 323 29.82 -18.03 -35.56
CA ASN A 323 29.89 -18.47 -36.95
C ASN A 323 29.84 -20.00 -37.02
N THR A 324 30.56 -20.66 -36.11
CA THR A 324 30.61 -22.12 -36.08
C THR A 324 29.23 -22.75 -35.81
N LEU A 325 28.48 -22.19 -34.86
CA LEU A 325 27.15 -22.70 -34.56
C LEU A 325 26.31 -22.59 -35.85
N HIS A 326 26.45 -21.46 -36.54
CA HIS A 326 25.72 -21.25 -37.78
C HIS A 326 26.05 -22.36 -38.80
N GLN A 327 27.33 -22.67 -38.94
CA GLN A 327 27.76 -23.71 -39.87
C GLN A 327 27.10 -25.05 -39.56
N HIS A 328 26.77 -25.27 -38.30
CA HIS A 328 26.16 -26.52 -37.89
C HIS A 328 24.63 -26.48 -37.78
N GLY A 329 24.06 -25.41 -38.34
CA GLY A 329 22.61 -25.24 -38.36
C GLY A 329 21.97 -24.72 -37.09
N LEU A 330 22.78 -24.17 -36.18
CA LEU A 330 22.25 -23.65 -34.92
C LEU A 330 22.24 -22.12 -34.88
N ARG A 331 21.17 -21.55 -34.32
CA ARG A 331 21.05 -20.10 -34.22
C ARG A 331 21.37 -19.60 -32.80
N VAL A 332 21.58 -18.30 -32.65
CA VAL A 332 21.95 -17.71 -31.37
C VAL A 332 21.05 -16.58 -30.86
N ILE A 333 20.73 -16.61 -29.57
CA ILE A 333 19.92 -15.59 -28.95
C ILE A 333 20.73 -14.93 -27.84
N LEU A 334 20.71 -13.61 -27.79
CA LEU A 334 21.46 -12.90 -26.77
C LEU A 334 20.59 -12.37 -25.65
N ASP A 335 20.98 -12.68 -24.42
CA ASP A 335 20.27 -12.18 -23.25
C ASP A 335 20.84 -10.76 -23.11
N VAL A 336 19.98 -9.75 -23.07
CA VAL A 336 20.45 -8.37 -22.92
C VAL A 336 19.81 -7.69 -21.72
N VAL A 337 20.55 -6.78 -21.10
CA VAL A 337 20.14 -6.10 -19.87
C VAL A 337 20.02 -4.58 -19.96
N PHE A 338 18.99 -4.08 -20.63
CA PHE A 338 18.79 -2.64 -20.78
C PHE A 338 17.92 -1.96 -19.71
N ASN A 339 17.71 -2.62 -18.58
CA ASN A 339 16.88 -2.04 -17.52
C ASN A 339 17.68 -1.37 -16.40
N HIS A 340 18.97 -1.65 -16.33
CA HIS A 340 19.80 -1.09 -15.28
C HIS A 340 21.30 -1.25 -15.57
N VAL A 341 22.12 -0.53 -14.82
CA VAL A 341 23.56 -0.61 -14.95
C VAL A 341 24.11 -0.97 -13.57
N TYR A 342 25.36 -1.38 -13.52
CA TYR A 342 25.98 -1.72 -12.25
C TYR A 342 26.55 -0.40 -11.68
N LYS A 343 26.20 -0.07 -10.45
CA LYS A 343 26.68 1.16 -9.82
C LYS A 343 26.43 2.39 -10.69
N ARG A 344 25.22 2.94 -10.55
CA ARG A 344 24.76 4.11 -11.29
C ARG A 344 25.68 5.34 -11.19
N GLU A 345 26.12 5.64 -9.98
CA GLU A 345 26.98 6.79 -9.69
C GLU A 345 28.30 6.82 -10.46
N ASN A 346 28.86 5.64 -10.75
CA ASN A 346 30.13 5.58 -11.49
C ASN A 346 29.95 5.16 -12.93
N SER A 347 28.70 5.09 -13.40
CA SER A 347 28.44 4.66 -14.78
C SER A 347 28.72 5.73 -15.82
N PRO A 348 29.08 5.29 -17.03
CA PRO A 348 29.37 6.23 -18.12
C PRO A 348 28.19 7.18 -18.36
N PHE A 349 26.97 6.66 -18.26
CA PHE A 349 25.78 7.48 -18.46
C PHE A 349 25.72 8.65 -17.49
N GLU A 350 25.90 8.34 -16.21
CA GLU A 350 25.83 9.33 -15.14
C GLU A 350 26.97 10.34 -15.16
N LYS A 351 28.17 9.91 -15.56
CA LYS A 351 29.32 10.81 -15.60
C LYS A 351 29.35 11.74 -16.81
N THR A 352 28.53 11.45 -17.81
CA THR A 352 28.49 12.26 -19.03
C THR A 352 27.32 13.27 -18.98
N VAL A 353 26.15 12.80 -18.58
CA VAL A 353 24.94 13.63 -18.47
C VAL A 353 24.21 13.21 -17.18
N PRO A 354 24.60 13.82 -16.05
CA PRO A 354 24.04 13.56 -14.71
C PRO A 354 22.54 13.67 -14.60
N GLY A 355 21.90 12.57 -14.19
CA GLY A 355 20.46 12.57 -14.00
C GLY A 355 19.56 12.38 -15.22
N TYR A 356 20.13 12.31 -16.42
CA TYR A 356 19.33 12.13 -17.63
C TYR A 356 18.87 10.69 -17.88
N PHE A 357 19.79 9.74 -17.76
CA PHE A 357 19.54 8.34 -18.05
C PHE A 357 18.83 7.43 -17.04
N PHE A 358 18.40 7.97 -15.91
CA PHE A 358 17.73 7.14 -14.91
C PHE A 358 16.43 7.77 -14.45
N ARG A 359 15.43 6.95 -14.20
CA ARG A 359 14.13 7.46 -13.75
C ARG A 359 14.19 7.88 -12.28
N HIS A 360 13.33 8.83 -11.91
CA HIS A 360 13.28 9.33 -10.54
C HIS A 360 11.85 9.39 -10.00
N ASP A 361 11.73 9.30 -8.68
CA ASP A 361 10.43 9.38 -8.01
C ASP A 361 10.10 10.86 -7.78
N GLU A 362 8.89 11.13 -7.30
CA GLU A 362 8.47 12.51 -7.07
C GLU A 362 9.38 13.32 -6.15
N CYS A 363 10.21 12.63 -5.36
CA CYS A 363 11.11 13.33 -4.43
C CYS A 363 12.43 13.76 -5.05
N GLY A 364 12.72 13.25 -6.24
CA GLY A 364 13.98 13.59 -6.90
C GLY A 364 15.08 12.58 -6.61
N LYS A 365 14.66 11.36 -6.30
CA LYS A 365 15.60 10.28 -6.01
C LYS A 365 15.39 9.16 -7.01
N PRO A 366 16.46 8.42 -7.35
CA PRO A 366 16.39 7.31 -8.31
C PRO A 366 15.40 6.24 -7.89
N SER A 367 14.57 5.81 -8.83
CA SER A 367 13.58 4.76 -8.58
C SER A 367 14.30 3.42 -8.50
N ASN A 368 13.60 2.41 -8.00
CA ASN A 368 14.21 1.09 -7.88
C ASN A 368 13.22 -0.02 -8.21
N GLY A 369 12.59 0.09 -9.37
CA GLY A 369 11.63 -0.92 -9.79
C GLY A 369 12.33 -2.22 -10.12
N THR A 370 13.62 -2.15 -10.46
CA THR A 370 14.39 -3.35 -10.80
C THR A 370 14.80 -4.10 -9.54
N GLY A 371 14.88 -3.37 -8.42
CA GLY A 371 15.26 -4.00 -7.17
C GLY A 371 16.77 -4.12 -6.98
N VAL A 372 17.54 -3.53 -7.89
CA VAL A 372 19.00 -3.57 -7.78
C VAL A 372 19.66 -2.20 -7.73
N GLY A 373 18.88 -1.14 -7.50
CA GLY A 373 19.45 0.19 -7.39
C GLY A 373 19.11 1.30 -8.36
N ASN A 374 18.83 0.97 -9.62
CA ASN A 374 18.50 2.00 -10.61
C ASN A 374 17.71 1.43 -11.79
N ASP A 375 16.94 2.31 -12.44
CA ASP A 375 16.13 1.93 -13.59
C ASP A 375 16.47 2.84 -14.76
N ILE A 376 16.94 2.26 -15.87
CA ILE A 376 17.25 3.06 -17.03
C ILE A 376 15.95 3.65 -17.56
N ALA A 377 15.97 4.94 -17.90
CA ALA A 377 14.78 5.63 -18.41
C ALA A 377 14.70 5.53 -19.93
N SER A 378 14.31 4.35 -20.41
CA SER A 378 14.20 4.10 -21.84
C SER A 378 13.39 5.14 -22.61
N GLU A 379 12.43 5.78 -21.95
CA GLU A 379 11.60 6.78 -22.61
C GLU A 379 12.32 8.07 -23.00
N ARG A 380 13.52 8.32 -22.45
CA ARG A 380 14.26 9.53 -22.83
C ARG A 380 14.68 9.28 -24.27
N ARG A 381 14.69 10.33 -25.10
CA ARG A 381 15.03 10.15 -26.51
C ARG A 381 16.44 9.61 -26.86
N MET A 382 17.47 10.01 -26.12
CA MET A 382 18.80 9.51 -26.43
C MET A 382 19.01 8.09 -25.85
N ALA A 383 18.22 7.74 -24.85
CA ALA A 383 18.31 6.40 -24.25
C ALA A 383 17.67 5.41 -25.23
N ARG A 384 16.54 5.79 -25.80
CA ARG A 384 15.83 4.96 -26.78
C ARG A 384 16.76 4.77 -27.99
N LYS A 385 17.42 5.85 -28.38
CA LYS A 385 18.36 5.82 -29.50
C LYS A 385 19.47 4.82 -29.18
N PHE A 386 20.01 4.93 -27.96
CA PHE A 386 21.08 4.03 -27.51
C PHE A 386 20.68 2.55 -27.58
N ILE A 387 19.52 2.21 -27.04
CA ILE A 387 19.04 0.83 -27.03
C ILE A 387 18.86 0.27 -28.44
N ALA A 388 18.32 1.09 -29.34
CA ALA A 388 18.12 0.65 -30.72
C ALA A 388 19.47 0.52 -31.42
N ASP A 389 20.37 1.47 -31.16
CA ASP A 389 21.71 1.47 -31.75
C ASP A 389 22.46 0.20 -31.31
N CYS A 390 22.26 -0.18 -30.06
CA CYS A 390 22.94 -1.35 -29.51
C CYS A 390 22.44 -2.65 -30.12
N VAL A 391 21.11 -2.78 -30.20
CA VAL A 391 20.51 -3.98 -30.77
C VAL A 391 20.91 -4.18 -32.23
N VAL A 392 20.91 -3.10 -33.01
CA VAL A 392 21.30 -3.19 -34.41
C VAL A 392 22.79 -3.52 -34.58
N TYR A 393 23.62 -2.97 -33.70
CA TYR A 393 25.04 -3.23 -33.75
C TYR A 393 25.35 -4.73 -33.58
N TRP A 394 24.79 -5.35 -32.54
CA TRP A 394 25.04 -6.77 -32.32
C TRP A 394 24.54 -7.63 -33.49
N LEU A 395 23.43 -7.22 -34.09
CA LEU A 395 22.88 -7.95 -35.22
C LEU A 395 23.81 -7.83 -36.43
N GLU A 396 24.24 -6.61 -36.71
CA GLU A 396 25.11 -6.35 -37.85
C GLU A 396 26.55 -6.81 -37.70
N GLU A 397 27.15 -6.58 -36.54
CA GLU A 397 28.54 -6.96 -36.32
C GLU A 397 28.77 -8.36 -35.74
N TYR A 398 27.80 -8.90 -35.03
CA TYR A 398 27.97 -10.25 -34.47
C TYR A 398 27.03 -11.27 -35.12
N ASN A 399 26.14 -10.78 -35.97
CA ASN A 399 25.25 -11.65 -36.73
C ASN A 399 24.43 -12.66 -35.91
N VAL A 400 23.82 -12.22 -34.81
CA VAL A 400 23.03 -13.11 -33.97
C VAL A 400 21.60 -13.25 -34.52
N ASP A 401 20.77 -14.05 -33.84
CA ASP A 401 19.44 -14.33 -34.34
C ASP A 401 18.25 -13.96 -33.47
N GLY A 402 18.46 -13.17 -32.43
CA GLY A 402 17.34 -12.81 -31.58
C GLY A 402 17.83 -12.33 -30.25
N PHE A 403 16.91 -11.84 -29.42
CA PHE A 403 17.26 -11.32 -28.11
C PHE A 403 16.24 -11.68 -27.03
N ARG A 404 16.74 -11.85 -25.82
CA ARG A 404 15.93 -12.16 -24.65
C ARG A 404 16.09 -10.94 -23.72
N PHE A 405 15.10 -10.06 -23.72
CA PHE A 405 15.18 -8.85 -22.90
C PHE A 405 14.94 -9.06 -21.41
N ASP A 406 15.99 -8.85 -20.63
CA ASP A 406 15.89 -8.98 -19.18
C ASP A 406 14.95 -7.90 -18.65
N LEU A 407 14.00 -8.30 -17.80
CA LEU A 407 13.01 -7.37 -17.22
C LEU A 407 12.37 -6.46 -18.25
N LEU A 408 11.82 -7.07 -19.31
CA LEU A 408 11.13 -6.34 -20.38
C LEU A 408 10.13 -5.34 -19.80
N GLY A 409 9.50 -5.70 -18.68
CA GLY A 409 8.51 -4.85 -18.05
C GLY A 409 8.96 -3.47 -17.62
N ILE A 410 10.28 -3.24 -17.54
CA ILE A 410 10.80 -1.93 -17.15
C ILE A 410 10.86 -0.96 -18.34
N LEU A 411 11.02 -1.49 -19.55
CA LEU A 411 11.10 -0.66 -20.76
C LEU A 411 9.72 -0.16 -21.18
N ASP A 412 9.70 0.95 -21.93
CA ASP A 412 8.43 1.51 -22.40
C ASP A 412 8.05 0.93 -23.78
N ILE A 413 6.75 0.83 -24.04
CA ILE A 413 6.26 0.27 -25.30
C ILE A 413 6.76 0.96 -26.56
N ASP A 414 6.79 2.29 -26.57
CA ASP A 414 7.26 3.01 -27.75
C ASP A 414 8.72 2.67 -28.10
N THR A 415 9.57 2.54 -27.10
CA THR A 415 10.97 2.22 -27.33
C THR A 415 11.08 0.81 -27.92
N VAL A 416 10.28 -0.11 -27.40
CA VAL A 416 10.27 -1.50 -27.85
C VAL A 416 9.78 -1.62 -29.30
N LEU A 417 8.72 -0.90 -29.65
CA LEU A 417 8.20 -0.96 -31.02
C LEU A 417 9.17 -0.27 -31.98
N TYR A 418 9.87 0.75 -31.51
CA TYR A 418 10.85 1.45 -32.33
C TYR A 418 12.06 0.56 -32.66
N MET A 419 12.58 -0.17 -31.68
CA MET A 419 13.73 -1.03 -31.94
C MET A 419 13.32 -2.25 -32.74
N LYS A 420 12.08 -2.71 -32.53
CA LYS A 420 11.58 -3.87 -33.25
C LYS A 420 11.59 -3.59 -34.74
N GLU A 421 11.14 -2.39 -35.08
CA GLU A 421 11.10 -1.94 -36.47
C GLU A 421 12.48 -2.04 -37.12
N LYS A 422 13.49 -1.47 -36.46
CA LYS A 422 14.85 -1.49 -36.99
C LYS A 422 15.56 -2.83 -36.98
N ALA A 423 15.25 -3.67 -35.98
CA ALA A 423 15.88 -4.98 -35.86
C ALA A 423 15.37 -5.97 -36.91
N THR A 424 14.06 -6.01 -37.12
CA THR A 424 13.50 -6.92 -38.10
C THR A 424 13.88 -6.51 -39.52
N LYS A 425 14.20 -5.24 -39.71
CA LYS A 425 14.60 -4.79 -41.04
C LYS A 425 16.04 -5.19 -41.31
N ALA A 426 16.86 -5.19 -40.26
CA ALA A 426 18.26 -5.57 -40.37
C ALA A 426 18.43 -7.09 -40.46
N LYS A 427 17.52 -7.84 -39.84
CA LYS A 427 17.60 -9.30 -39.83
C LYS A 427 16.19 -9.92 -39.76
N PRO A 428 15.55 -10.12 -40.92
CA PRO A 428 14.19 -10.71 -40.94
C PRO A 428 14.09 -12.08 -40.27
N GLY A 429 13.06 -12.26 -39.43
CA GLY A 429 12.85 -13.53 -38.77
C GLY A 429 13.45 -13.73 -37.38
N ILE A 430 14.21 -12.76 -36.87
CA ILE A 430 14.80 -12.90 -35.54
C ILE A 430 13.72 -13.05 -34.47
N LEU A 431 14.10 -13.61 -33.31
CA LEU A 431 13.16 -13.82 -32.20
C LEU A 431 13.34 -12.71 -31.17
N LEU A 432 12.22 -12.17 -30.70
CA LEU A 432 12.24 -11.08 -29.72
C LEU A 432 11.24 -11.35 -28.60
N PHE A 433 11.77 -11.56 -27.40
CA PHE A 433 10.89 -11.83 -26.27
C PHE A 433 11.54 -11.49 -24.94
N GLY A 434 10.77 -11.61 -23.86
CA GLY A 434 11.30 -11.33 -22.54
C GLY A 434 10.31 -11.54 -21.43
N GLU A 435 10.73 -11.21 -20.21
CA GLU A 435 9.89 -11.35 -19.04
C GLU A 435 9.12 -10.05 -18.81
N GLY A 436 7.80 -10.11 -19.01
CA GLY A 436 6.99 -8.92 -18.85
C GLY A 436 6.26 -8.84 -17.52
N TRP A 437 7.01 -8.97 -16.42
CA TRP A 437 6.44 -8.90 -15.08
C TRP A 437 6.02 -7.45 -14.79
N ASP A 438 5.02 -7.28 -13.93
CA ASP A 438 4.56 -5.96 -13.53
C ASP A 438 5.53 -5.49 -12.44
N LEU A 439 6.22 -4.40 -12.68
CA LEU A 439 7.19 -3.88 -11.71
C LEU A 439 6.90 -2.44 -11.32
N ALA A 440 7.30 -2.07 -10.11
CA ALA A 440 7.05 -0.72 -9.62
C ALA A 440 8.05 0.31 -10.14
N THR A 441 7.81 0.81 -11.36
CA THR A 441 8.68 1.82 -11.94
C THR A 441 7.75 2.95 -12.38
N PRO A 442 8.20 4.21 -12.24
CA PRO A 442 7.41 5.39 -12.62
C PRO A 442 7.01 5.60 -14.09
N LEU A 443 6.03 4.82 -14.54
CA LEU A 443 5.51 4.94 -15.89
C LEU A 443 4.05 4.58 -15.82
N PRO A 444 3.19 5.23 -16.63
CA PRO A 444 1.78 4.88 -16.58
C PRO A 444 1.67 3.40 -16.98
N HIS A 445 0.78 2.66 -16.33
CA HIS A 445 0.61 1.23 -16.59
C HIS A 445 0.46 0.82 -18.06
N GLU A 446 -0.21 1.63 -18.88
CA GLU A 446 -0.40 1.27 -20.28
C GLU A 446 0.81 1.51 -21.16
N GLN A 447 1.86 2.08 -20.58
CA GLN A 447 3.09 2.37 -21.33
C GLN A 447 4.22 1.36 -21.07
N LYS A 448 4.00 0.47 -20.10
CA LYS A 448 5.00 -0.54 -19.77
C LYS A 448 4.93 -1.70 -20.76
N ALA A 449 6.07 -2.26 -21.12
CA ALA A 449 6.09 -3.37 -22.05
C ALA A 449 5.87 -4.65 -21.26
N ALA A 450 4.81 -4.68 -20.46
CA ALA A 450 4.46 -5.83 -19.62
C ALA A 450 3.50 -6.79 -20.33
N LEU A 451 3.35 -7.98 -19.76
CA LEU A 451 2.49 -9.03 -20.32
C LEU A 451 1.04 -8.57 -20.56
N ALA A 452 0.51 -7.76 -19.65
CA ALA A 452 -0.85 -7.26 -19.76
C ALA A 452 -1.10 -6.47 -21.03
N ASN A 453 -0.04 -5.87 -21.59
CA ASN A 453 -0.18 -5.08 -22.80
C ASN A 453 0.27 -5.83 -24.07
N ALA A 454 0.37 -7.15 -23.98
CA ALA A 454 0.79 -7.94 -25.14
C ALA A 454 0.02 -7.61 -26.43
N PRO A 455 -1.28 -7.30 -26.34
CA PRO A 455 -2.02 -6.98 -27.57
C PRO A 455 -1.43 -5.81 -28.36
N ARG A 456 -0.80 -4.87 -27.66
CA ARG A 456 -0.19 -3.72 -28.31
C ARG A 456 1.26 -3.94 -28.74
N MET A 457 1.76 -5.16 -28.57
CA MET A 457 3.14 -5.48 -28.95
C MET A 457 3.25 -6.73 -29.82
N PRO A 458 2.54 -6.76 -30.96
CA PRO A 458 2.60 -7.93 -31.83
C PRO A 458 4.05 -8.14 -32.30
N GLY A 459 4.47 -9.39 -32.37
CA GLY A 459 5.83 -9.67 -32.79
C GLY A 459 6.77 -9.77 -31.60
N ILE A 460 6.23 -9.54 -30.40
CA ILE A 460 7.03 -9.62 -29.17
C ILE A 460 6.49 -10.75 -28.27
N GLY A 461 7.38 -11.59 -27.75
CA GLY A 461 6.95 -12.68 -26.89
C GLY A 461 7.18 -12.51 -25.38
N PHE A 462 6.53 -13.35 -24.59
CA PHE A 462 6.67 -13.28 -23.12
C PHE A 462 6.74 -14.65 -22.44
N PHE A 463 7.55 -14.74 -21.38
CA PHE A 463 7.64 -15.99 -20.64
C PHE A 463 6.26 -16.25 -20.02
N ASN A 464 5.71 -17.45 -20.22
CA ASN A 464 4.40 -17.80 -19.69
C ASN A 464 4.49 -18.40 -18.27
N ASP A 465 4.44 -17.55 -17.24
CA ASP A 465 4.54 -18.07 -15.88
C ASP A 465 3.25 -18.73 -15.39
N MET A 466 2.15 -18.49 -16.10
CA MET A 466 0.87 -19.09 -15.75
C MET A 466 1.00 -20.59 -16.01
N PHE A 467 1.42 -20.94 -17.23
CA PHE A 467 1.61 -22.33 -17.64
C PHE A 467 2.69 -22.98 -16.78
N ARG A 468 3.76 -22.24 -16.50
CA ARG A 468 4.87 -22.73 -15.69
C ARG A 468 4.36 -23.23 -14.33
N ASP A 469 3.69 -22.34 -13.60
CA ASP A 469 3.15 -22.69 -12.29
C ASP A 469 2.06 -23.76 -12.31
N ALA A 470 1.26 -23.79 -13.38
CA ALA A 470 0.20 -24.78 -13.50
C ALA A 470 0.77 -26.19 -13.58
N VAL A 471 1.90 -26.34 -14.27
CA VAL A 471 2.54 -27.63 -14.44
C VAL A 471 3.41 -28.04 -13.25
N LYS A 472 4.29 -27.14 -12.81
CA LYS A 472 5.20 -27.41 -11.70
C LYS A 472 4.61 -27.12 -10.32
N GLY A 473 3.94 -25.99 -10.20
CA GLY A 473 3.38 -25.58 -8.91
C GLY A 473 3.96 -24.22 -8.61
N ASN A 474 3.24 -23.38 -7.88
CA ASN A 474 3.70 -22.04 -7.55
C ASN A 474 5.19 -22.05 -7.15
N THR A 475 5.97 -21.18 -7.78
CA THR A 475 7.41 -21.11 -7.53
C THR A 475 7.83 -20.23 -6.34
N PHE A 476 6.85 -19.67 -5.63
CA PHE A 476 7.16 -18.80 -4.50
C PHE A 476 6.72 -19.40 -3.16
N HIS A 477 6.28 -20.65 -3.22
CA HIS A 477 5.86 -21.44 -2.07
C HIS A 477 6.48 -22.80 -2.33
N LEU A 478 7.67 -23.02 -1.77
CA LEU A 478 8.42 -24.27 -1.98
C LEU A 478 7.59 -25.55 -2.01
N LYS A 479 6.68 -25.70 -1.05
CA LYS A 479 5.85 -26.89 -0.94
C LYS A 479 4.63 -27.00 -1.86
N ALA A 480 4.34 -25.94 -2.62
CA ALA A 480 3.19 -25.97 -3.52
C ALA A 480 3.43 -26.92 -4.70
N THR A 481 2.37 -27.56 -5.18
CA THR A 481 2.47 -28.51 -6.28
C THR A 481 1.57 -28.19 -7.47
N GLY A 482 1.96 -28.71 -8.63
CA GLY A 482 1.18 -28.50 -9.85
C GLY A 482 0.67 -29.83 -10.37
N PHE A 483 0.00 -29.82 -11.52
CA PHE A 483 -0.55 -31.03 -12.11
C PHE A 483 0.47 -32.16 -12.24
N ALA A 484 1.65 -31.84 -12.73
CA ALA A 484 2.72 -32.82 -12.91
C ALA A 484 3.16 -33.42 -11.58
N LEU A 485 2.97 -32.69 -10.48
CA LEU A 485 3.39 -33.21 -9.18
C LEU A 485 2.26 -33.89 -8.41
N GLY A 486 1.04 -33.85 -8.96
CA GLY A 486 -0.09 -34.48 -8.30
C GLY A 486 -1.22 -33.58 -7.83
N ASN A 487 -1.22 -32.31 -8.23
CA ASN A 487 -2.29 -31.41 -7.82
C ASN A 487 -3.33 -31.22 -8.91
N GLY A 488 -4.51 -31.79 -8.71
CA GLY A 488 -5.58 -31.68 -9.68
C GLY A 488 -6.28 -30.34 -9.78
N GLU A 489 -6.04 -29.46 -8.80
CA GLU A 489 -6.66 -28.14 -8.80
C GLU A 489 -6.20 -27.26 -9.95
N SER A 490 -5.10 -27.64 -10.61
CA SER A 490 -4.59 -26.83 -11.71
C SER A 490 -4.58 -27.55 -13.05
N ALA A 491 -5.44 -28.54 -13.21
CA ALA A 491 -5.51 -29.29 -14.47
C ALA A 491 -6.07 -28.47 -15.62
N GLN A 492 -7.06 -27.62 -15.33
CA GLN A 492 -7.66 -26.82 -16.38
C GLN A 492 -6.71 -25.75 -16.91
N ALA A 493 -5.90 -25.18 -16.03
CA ALA A 493 -4.94 -24.15 -16.44
C ALA A 493 -3.91 -24.78 -17.38
N VAL A 494 -3.64 -26.06 -17.17
CA VAL A 494 -2.70 -26.82 -17.97
C VAL A 494 -3.27 -27.04 -19.38
N MET A 495 -4.55 -27.39 -19.46
CA MET A 495 -5.21 -27.59 -20.74
C MET A 495 -5.14 -26.29 -21.53
N HIS A 496 -5.34 -25.18 -20.83
CA HIS A 496 -5.30 -23.84 -21.42
C HIS A 496 -3.91 -23.63 -22.05
N GLY A 497 -2.87 -24.05 -21.33
CA GLY A 497 -1.51 -23.89 -21.84
C GLY A 497 -1.23 -24.77 -23.05
N ILE A 498 -1.80 -25.98 -23.05
CA ILE A 498 -1.64 -26.92 -24.15
C ILE A 498 -2.29 -26.31 -25.39
N ALA A 499 -3.30 -25.49 -25.17
CA ALA A 499 -4.02 -24.83 -26.25
C ALA A 499 -3.39 -23.51 -26.71
N GLY A 500 -2.21 -23.18 -26.21
CA GLY A 500 -1.55 -21.94 -26.62
C GLY A 500 -1.79 -20.69 -25.79
N SER A 501 -2.50 -20.83 -24.67
CA SER A 501 -2.77 -19.72 -23.77
C SER A 501 -3.47 -18.50 -24.39
N SER A 502 -4.31 -18.75 -25.39
CA SER A 502 -5.03 -17.67 -26.07
C SER A 502 -6.55 -17.73 -25.86
N GLY A 503 -6.96 -18.12 -24.66
CA GLY A 503 -8.38 -18.22 -24.36
C GLY A 503 -8.91 -19.64 -24.32
N TRP A 504 -9.69 -19.94 -23.28
CA TRP A 504 -10.26 -21.28 -23.11
C TRP A 504 -11.42 -21.20 -22.13
N LYS A 505 -12.62 -21.57 -22.60
CA LYS A 505 -13.79 -21.54 -21.74
C LYS A 505 -13.98 -20.13 -21.17
N ALA A 506 -14.07 -20.04 -19.85
CA ALA A 506 -14.27 -18.77 -19.16
C ALA A 506 -12.92 -18.20 -18.72
N LEU A 507 -11.83 -18.79 -19.21
CA LEU A 507 -10.49 -18.32 -18.87
C LEU A 507 -10.07 -17.27 -19.89
N ALA A 508 -9.72 -16.09 -19.41
CA ALA A 508 -9.29 -15.00 -20.29
C ALA A 508 -7.91 -15.33 -20.88
N PRO A 509 -7.66 -14.93 -22.14
CA PRO A 509 -6.38 -15.17 -22.82
C PRO A 509 -5.18 -14.56 -22.10
N ILE A 510 -4.04 -15.24 -22.16
CA ILE A 510 -2.81 -14.76 -21.54
C ILE A 510 -2.13 -13.88 -22.59
N VAL A 511 -2.16 -14.36 -23.83
CA VAL A 511 -1.60 -13.63 -24.97
C VAL A 511 -2.54 -13.80 -26.17
N PRO A 512 -2.50 -12.89 -27.12
CA PRO A 512 -3.37 -12.98 -28.30
C PRO A 512 -3.10 -14.18 -29.21
N GLU A 513 -1.81 -14.44 -29.50
CA GLU A 513 -1.40 -15.53 -30.38
C GLU A 513 -0.34 -16.46 -29.75
N PRO A 514 -0.32 -17.72 -30.16
CA PRO A 514 0.65 -18.69 -29.63
C PRO A 514 2.11 -18.30 -29.82
N SER A 515 2.41 -17.59 -30.91
CA SER A 515 3.78 -17.17 -31.18
C SER A 515 4.33 -16.23 -30.11
N GLN A 516 3.46 -15.78 -29.20
CA GLN A 516 3.90 -14.88 -28.14
C GLN A 516 4.03 -15.57 -26.79
N SER A 517 3.83 -16.89 -26.77
CA SER A 517 3.93 -17.64 -25.53
C SER A 517 5.15 -18.55 -25.42
N ILE A 518 6.08 -18.15 -24.56
CA ILE A 518 7.29 -18.93 -24.32
C ILE A 518 6.90 -19.92 -23.22
N ASN A 519 6.73 -21.19 -23.59
CA ASN A 519 6.33 -22.22 -22.64
C ASN A 519 7.55 -22.90 -22.00
N TYR A 520 7.64 -22.86 -20.68
CA TYR A 520 8.76 -23.45 -19.96
C TYR A 520 8.40 -23.86 -18.53
N VAL A 521 9.28 -24.64 -17.90
CA VAL A 521 9.06 -25.06 -16.51
C VAL A 521 10.30 -24.84 -15.66
N GLU A 522 11.42 -24.52 -16.30
CA GLU A 522 12.69 -24.27 -15.61
C GLU A 522 13.54 -23.22 -16.34
N SER A 523 14.37 -22.50 -15.59
CA SER A 523 15.28 -21.50 -16.14
C SER A 523 16.43 -21.33 -15.16
N HIS A 524 17.29 -20.35 -15.38
CA HIS A 524 18.42 -20.14 -14.48
C HIS A 524 17.96 -19.58 -13.13
N ASP A 525 16.77 -18.98 -13.10
CA ASP A 525 16.19 -18.39 -11.89
C ASP A 525 15.41 -19.41 -11.06
N ASN A 526 15.45 -19.24 -9.74
CA ASN A 526 14.75 -20.12 -8.80
C ASN A 526 15.34 -21.53 -8.75
N HIS A 527 14.71 -22.41 -7.98
CA HIS A 527 15.14 -23.79 -7.86
C HIS A 527 15.00 -24.48 -9.22
N THR A 528 15.82 -25.49 -9.48
CA THR A 528 15.69 -26.25 -10.74
C THR A 528 14.42 -27.09 -10.52
N PHE A 529 13.87 -27.67 -11.58
CA PHE A 529 12.65 -28.48 -11.42
C PHE A 529 12.90 -29.67 -10.49
N TRP A 530 14.08 -30.29 -10.60
CA TRP A 530 14.41 -31.44 -9.76
C TRP A 530 14.47 -31.05 -8.28
N ASP A 531 15.09 -29.92 -7.97
CA ASP A 531 15.22 -29.43 -6.59
C ASP A 531 13.88 -28.98 -5.98
N LYS A 532 13.06 -28.28 -6.76
CA LYS A 532 11.76 -27.83 -6.27
C LYS A 532 10.87 -29.02 -5.94
N MET A 533 10.81 -29.98 -6.86
CA MET A 533 10.02 -31.19 -6.70
C MET A 533 10.54 -32.00 -5.49
N SER A 534 11.84 -31.94 -5.25
CA SER A 534 12.43 -32.66 -4.13
C SER A 534 12.00 -32.06 -2.80
N PHE A 535 11.61 -30.79 -2.80
CA PHE A 535 11.15 -30.13 -1.58
C PHE A 535 9.64 -30.33 -1.39
N ALA A 536 8.90 -30.40 -2.50
CA ALA A 536 7.45 -30.56 -2.46
C ALA A 536 6.99 -32.01 -2.25
N LEU A 537 7.80 -32.97 -2.68
CA LEU A 537 7.48 -34.39 -2.54
C LEU A 537 8.61 -35.11 -1.81
N PRO A 538 8.81 -34.80 -0.52
CA PRO A 538 9.87 -35.41 0.29
C PRO A 538 9.80 -36.92 0.45
N GLN A 539 8.64 -37.52 0.21
CA GLN A 539 8.48 -38.97 0.39
C GLN A 539 8.52 -39.82 -0.86
N GLU A 540 8.79 -39.21 -2.02
CA GLU A 540 8.84 -40.00 -3.25
C GLU A 540 10.25 -40.38 -3.66
N ASN A 541 10.39 -41.62 -4.12
CA ASN A 541 11.70 -42.12 -4.53
C ASN A 541 12.16 -41.42 -5.81
N ASP A 542 13.38 -41.73 -6.24
CA ASP A 542 13.96 -41.12 -7.45
C ASP A 542 13.29 -41.55 -8.76
N SER A 543 12.88 -42.80 -8.83
CA SER A 543 12.24 -43.32 -10.03
C SER A 543 10.95 -42.57 -10.36
N ARG A 544 10.12 -42.31 -9.35
CA ARG A 544 8.86 -41.61 -9.54
C ARG A 544 9.04 -40.13 -9.85
N LYS A 545 10.07 -39.53 -9.28
CA LYS A 545 10.36 -38.11 -9.53
C LYS A 545 10.82 -37.96 -10.97
N ARG A 546 11.67 -38.89 -11.43
CA ARG A 546 12.16 -38.83 -12.79
C ARG A 546 11.00 -38.87 -13.78
N SER A 547 10.03 -39.75 -13.53
CA SER A 547 8.88 -39.88 -14.41
C SER A 547 8.00 -38.62 -14.42
N ARG A 548 7.94 -37.91 -13.31
CA ARG A 548 7.13 -36.69 -13.23
C ARG A 548 7.80 -35.53 -13.98
N GLN A 549 9.13 -35.52 -14.00
CA GLN A 549 9.87 -34.46 -14.69
C GLN A 549 9.83 -34.72 -16.21
N ARG A 550 9.83 -36.00 -16.61
CA ARG A 550 9.74 -36.34 -18.03
C ARG A 550 8.32 -35.93 -18.48
N LEU A 551 7.36 -36.09 -17.57
CA LEU A 551 5.97 -35.74 -17.83
C LEU A 551 5.83 -34.24 -18.06
N ALA A 552 6.53 -33.45 -17.26
CA ALA A 552 6.48 -31.99 -17.39
C ALA A 552 7.05 -31.55 -18.74
N VAL A 553 8.01 -32.32 -19.26
CA VAL A 553 8.61 -32.02 -20.55
C VAL A 553 7.65 -32.30 -21.71
N ALA A 554 6.99 -33.45 -21.67
CA ALA A 554 6.05 -33.85 -22.72
C ALA A 554 4.90 -32.84 -22.81
N ILE A 555 4.44 -32.39 -21.65
CA ILE A 555 3.35 -31.42 -21.61
C ILE A 555 3.77 -30.12 -22.33
N ILE A 556 5.00 -29.67 -22.11
CA ILE A 556 5.52 -28.44 -22.70
C ILE A 556 5.90 -28.65 -24.17
N LEU A 557 6.63 -29.71 -24.45
CA LEU A 557 7.05 -30.00 -25.82
C LEU A 557 5.92 -30.34 -26.80
N LEU A 558 4.80 -30.81 -26.30
CA LEU A 558 3.68 -31.14 -27.18
C LEU A 558 2.56 -30.08 -27.13
N ALA A 559 2.85 -28.94 -26.52
CA ALA A 559 1.86 -27.85 -26.42
C ALA A 559 2.01 -26.85 -27.56
N GLN A 560 0.92 -26.16 -27.88
CA GLN A 560 0.98 -25.13 -28.92
C GLN A 560 1.79 -23.99 -28.30
N GLY A 561 2.59 -23.31 -29.12
CA GLY A 561 3.42 -22.21 -28.62
C GLY A 561 4.90 -22.36 -28.93
N VAL A 562 5.75 -21.75 -28.10
CA VAL A 562 7.20 -21.81 -28.30
C VAL A 562 7.89 -22.47 -27.12
N PRO A 563 8.34 -23.74 -27.30
CA PRO A 563 9.03 -24.50 -26.25
C PRO A 563 10.41 -23.95 -25.88
N PHE A 564 10.67 -23.90 -24.58
CA PHE A 564 11.92 -23.36 -24.04
C PHE A 564 12.45 -24.35 -23.01
N ILE A 565 13.75 -24.69 -23.11
CA ILE A 565 14.36 -25.66 -22.21
C ILE A 565 15.61 -25.16 -21.50
N HIS A 566 15.71 -25.43 -20.19
CA HIS A 566 16.88 -25.01 -19.43
C HIS A 566 17.97 -26.08 -19.53
N SER A 567 19.18 -25.66 -19.88
CA SER A 567 20.30 -26.59 -20.01
C SER A 567 20.46 -27.50 -18.78
N GLY A 568 20.40 -28.82 -19.01
CA GLY A 568 20.54 -29.77 -17.91
C GLY A 568 19.21 -30.31 -17.39
N GLN A 569 18.13 -29.67 -17.81
CA GLN A 569 16.79 -30.09 -17.40
C GLN A 569 16.54 -31.50 -17.91
N GLU A 570 17.06 -31.80 -19.10
CA GLU A 570 16.88 -33.11 -19.73
C GLU A 570 17.44 -34.24 -18.88
N PHE A 571 18.44 -33.94 -18.04
CA PHE A 571 18.98 -34.96 -17.17
C PHE A 571 18.88 -34.60 -15.69
N PHE A 572 17.70 -34.10 -15.32
CA PHE A 572 17.38 -33.74 -13.94
C PHE A 572 18.43 -32.89 -13.22
N ARG A 573 18.92 -31.85 -13.89
CA ARG A 573 19.93 -30.97 -13.31
C ARG A 573 19.58 -30.54 -11.88
N THR A 574 20.58 -30.56 -11.00
CA THR A 574 20.38 -30.15 -9.61
C THR A 574 21.43 -29.13 -9.18
N LYS A 575 21.05 -28.24 -8.26
CA LYS A 575 21.96 -27.21 -7.74
C LYS A 575 22.14 -27.34 -6.23
N GLN A 576 22.00 -28.56 -5.71
CA GLN A 576 22.14 -28.82 -4.28
C GLN A 576 21.15 -28.03 -3.43
N GLY A 577 19.98 -27.72 -3.97
CA GLY A 577 18.97 -26.99 -3.23
C GLY A 577 19.09 -25.48 -3.20
N VAL A 578 20.08 -24.93 -3.89
CA VAL A 578 20.25 -23.48 -3.93
C VAL A 578 19.17 -22.87 -4.80
N GLU A 579 18.52 -21.83 -4.30
CA GLU A 579 17.43 -21.16 -5.00
C GLU A 579 17.84 -20.01 -5.94
N ASN A 580 18.87 -19.26 -5.58
CA ASN A 580 19.34 -18.14 -6.40
C ASN A 580 20.86 -18.25 -6.52
N SER A 581 21.32 -18.99 -7.52
CA SER A 581 22.76 -19.23 -7.68
C SER A 581 23.59 -18.21 -8.45
N TYR A 582 23.15 -16.96 -8.50
CA TYR A 582 23.86 -15.95 -9.26
C TYR A 582 25.35 -15.81 -9.00
N GLN A 583 25.83 -16.17 -7.79
CA GLN A 583 27.25 -16.04 -7.51
C GLN A 583 27.86 -17.28 -6.87
N SER A 584 27.15 -18.39 -6.94
CA SER A 584 27.63 -19.64 -6.35
C SER A 584 28.84 -20.19 -7.10
N SER A 585 29.55 -21.12 -6.46
CA SER A 585 30.74 -21.70 -7.06
C SER A 585 30.41 -22.65 -8.20
N ASP A 586 31.45 -23.11 -8.89
CA ASP A 586 31.32 -24.03 -10.02
C ASP A 586 30.72 -25.39 -9.64
N SER A 587 31.08 -25.92 -8.48
CA SER A 587 30.54 -27.20 -8.06
C SER A 587 29.01 -27.15 -7.98
N ILE A 588 28.46 -25.95 -7.80
CA ILE A 588 27.02 -25.77 -7.73
C ILE A 588 26.41 -25.48 -9.10
N ASN A 589 27.06 -24.64 -9.89
CA ASN A 589 26.56 -24.23 -11.21
C ASN A 589 26.96 -25.03 -12.45
N GLN A 590 28.05 -25.79 -12.40
CA GLN A 590 28.48 -26.51 -13.59
C GLN A 590 27.45 -27.48 -14.15
N LEU A 591 27.53 -27.71 -15.46
CA LEU A 591 26.64 -28.66 -16.14
C LEU A 591 27.35 -29.98 -15.88
N ASP A 592 26.69 -30.88 -15.15
CA ASP A 592 27.29 -32.16 -14.80
C ASP A 592 27.26 -33.20 -15.92
N TRP A 593 28.34 -33.29 -16.68
CA TRP A 593 28.39 -34.27 -17.77
C TRP A 593 28.48 -35.72 -17.27
N ASP A 594 28.65 -35.90 -15.97
CA ASP A 594 28.68 -37.24 -15.36
C ASP A 594 27.23 -37.73 -15.25
N ARG A 595 26.33 -36.81 -14.90
CA ARG A 595 24.91 -37.10 -14.76
C ARG A 595 24.24 -37.27 -16.14
N ARG A 596 24.74 -36.54 -17.14
CA ARG A 596 24.24 -36.65 -18.51
C ARG A 596 24.54 -38.07 -19.00
N GLU A 597 25.62 -38.62 -18.46
CA GLU A 597 26.09 -39.95 -18.77
C GLU A 597 25.16 -40.98 -18.12
N THR A 598 24.94 -40.81 -16.81
CA THR A 598 24.10 -41.71 -16.04
C THR A 598 22.67 -41.83 -16.58
N PHE A 599 22.11 -40.71 -17.02
CA PHE A 599 20.73 -40.71 -17.51
C PHE A 599 20.61 -40.55 -19.02
N LYS A 600 21.53 -41.15 -19.76
CA LYS A 600 21.49 -41.04 -21.21
C LYS A 600 20.12 -41.44 -21.76
N GLU A 601 19.48 -42.42 -21.12
CA GLU A 601 18.18 -42.92 -21.52
C GLU A 601 17.05 -41.90 -21.40
N ASP A 602 17.06 -41.13 -20.31
CA ASP A 602 16.05 -40.10 -20.09
C ASP A 602 16.28 -38.93 -21.07
N VAL A 603 17.54 -38.70 -21.43
CA VAL A 603 17.87 -37.63 -22.37
C VAL A 603 17.34 -38.02 -23.75
N HIS A 604 17.46 -39.31 -24.06
CA HIS A 604 17.00 -39.89 -25.31
C HIS A 604 15.48 -39.65 -25.45
N TYR A 605 14.75 -39.78 -24.34
CA TYR A 605 13.30 -39.55 -24.36
C TYR A 605 12.99 -38.12 -24.79
N ILE A 606 13.77 -37.16 -24.30
CA ILE A 606 13.54 -35.75 -24.68
C ILE A 606 13.86 -35.55 -26.15
N ARG A 607 14.95 -36.17 -26.60
CA ARG A 607 15.36 -36.10 -27.99
C ARG A 607 14.24 -36.61 -28.91
N ARG A 608 13.58 -37.69 -28.49
CA ARG A 608 12.48 -38.25 -29.29
C ARG A 608 11.23 -37.38 -29.31
N LEU A 609 10.97 -36.67 -28.22
CA LEU A 609 9.81 -35.78 -28.16
C LEU A 609 10.04 -34.59 -29.11
N ILE A 610 11.28 -34.11 -29.15
CA ILE A 610 11.61 -32.99 -30.04
C ILE A 610 11.47 -33.41 -31.50
N SER A 611 11.89 -34.65 -31.80
CA SER A 611 11.78 -35.18 -33.16
C SER A 611 10.31 -35.29 -33.57
N LEU A 612 9.47 -35.70 -32.64
CA LEU A 612 8.05 -35.82 -32.94
C LEU A 612 7.47 -34.45 -33.30
N ARG A 613 7.71 -33.45 -32.44
CA ARG A 613 7.21 -32.10 -32.70
C ARG A 613 7.62 -31.63 -34.09
N LYS A 614 8.87 -31.87 -34.45
CA LYS A 614 9.39 -31.46 -35.75
C LYS A 614 8.74 -32.18 -36.95
N ALA A 615 8.48 -33.48 -36.79
CA ALA A 615 7.90 -34.26 -37.87
C ALA A 615 6.40 -34.07 -38.05
N HIS A 616 5.73 -33.48 -37.06
CA HIS A 616 4.29 -33.27 -37.16
C HIS A 616 3.84 -31.84 -36.87
N PRO A 617 3.52 -31.08 -37.93
CA PRO A 617 3.09 -29.69 -37.83
C PRO A 617 1.83 -29.48 -37.00
N ALA A 618 1.10 -30.58 -36.74
CA ALA A 618 -0.13 -30.50 -35.94
C ALA A 618 0.15 -29.92 -34.55
N PHE A 619 1.37 -30.13 -34.08
CA PHE A 619 1.80 -29.62 -32.77
C PHE A 619 2.29 -28.19 -32.91
N ARG A 620 2.26 -27.66 -34.13
CA ARG A 620 2.76 -26.31 -34.39
C ARG A 620 1.83 -25.39 -35.17
N LEU A 621 0.56 -25.35 -34.78
CA LEU A 621 -0.41 -24.48 -35.44
C LEU A 621 0.07 -23.01 -35.37
N ARG A 622 -0.13 -22.27 -36.46
CA ARG A 622 0.31 -20.88 -36.54
C ARG A 622 -0.55 -19.78 -35.88
N SER A 623 -1.82 -20.05 -35.57
CA SER A 623 -2.65 -19.02 -34.96
C SER A 623 -3.76 -19.54 -34.05
N ALA A 624 -4.35 -18.64 -33.27
CA ALA A 624 -5.42 -19.01 -32.34
C ALA A 624 -6.63 -19.54 -33.08
N ALA A 625 -6.86 -19.00 -34.28
CA ALA A 625 -7.99 -19.42 -35.10
C ALA A 625 -7.81 -20.85 -35.60
N ASP A 626 -6.60 -21.20 -36.02
CA ASP A 626 -6.33 -22.53 -36.51
C ASP A 626 -6.45 -23.58 -35.39
N ILE A 627 -5.99 -23.20 -34.19
CA ILE A 627 -6.06 -24.11 -33.04
C ILE A 627 -7.50 -24.41 -32.71
N GLN A 628 -8.34 -23.38 -32.80
CA GLN A 628 -9.76 -23.49 -32.52
C GLN A 628 -10.43 -24.51 -33.47
N ARG A 629 -9.81 -24.71 -34.62
CA ARG A 629 -10.33 -25.60 -35.65
C ARG A 629 -9.75 -27.01 -35.71
N HIS A 630 -8.62 -27.24 -35.03
CA HIS A 630 -7.99 -28.56 -35.06
C HIS A 630 -7.65 -29.19 -33.71
N LEU A 631 -7.95 -28.50 -32.62
CA LEU A 631 -7.64 -29.04 -31.30
C LEU A 631 -8.86 -29.02 -30.40
N GLU A 632 -9.09 -30.12 -29.68
CA GLU A 632 -10.24 -30.22 -28.78
C GLU A 632 -9.92 -31.11 -27.58
N CYS A 633 -10.45 -30.72 -26.43
CA CYS A 633 -10.24 -31.48 -25.19
C CYS A 633 -11.21 -32.65 -25.19
N LEU A 634 -10.78 -33.80 -24.66
CA LEU A 634 -11.61 -35.01 -24.62
C LEU A 634 -11.92 -35.48 -23.19
N THR A 635 -10.95 -35.34 -22.29
CA THR A 635 -11.10 -35.75 -20.90
C THR A 635 -10.29 -34.82 -20.01
N LEU A 636 -10.85 -34.43 -18.87
CA LEU A 636 -10.15 -33.54 -17.96
C LEU A 636 -10.50 -33.83 -16.51
N LYS A 637 -9.65 -34.61 -15.85
CA LYS A 637 -9.82 -35.02 -14.45
C LYS A 637 -8.62 -34.55 -13.62
N GLU A 638 -8.69 -34.79 -12.30
CA GLU A 638 -7.63 -34.37 -11.37
C GLU A 638 -6.21 -34.87 -11.68
N HIS A 639 -6.09 -36.08 -12.21
CA HIS A 639 -4.78 -36.64 -12.53
C HIS A 639 -4.68 -37.12 -13.98
N LEU A 640 -5.72 -36.88 -14.77
CA LEU A 640 -5.72 -37.33 -16.15
C LEU A 640 -6.23 -36.25 -17.10
N ILE A 641 -5.50 -36.03 -18.18
CA ILE A 641 -5.87 -35.05 -19.20
C ILE A 641 -5.68 -35.67 -20.57
N ALA A 642 -6.68 -35.54 -21.43
CA ALA A 642 -6.60 -36.09 -22.78
C ALA A 642 -7.21 -35.15 -23.80
N TYR A 643 -6.42 -34.80 -24.82
CA TYR A 643 -6.86 -33.92 -25.90
C TYR A 643 -6.48 -34.54 -27.22
N ARG A 644 -7.03 -34.04 -28.32
CA ARG A 644 -6.69 -34.58 -29.63
C ARG A 644 -6.62 -33.53 -30.73
N LEU A 645 -5.79 -33.82 -31.73
CA LEU A 645 -5.61 -32.96 -32.89
C LEU A 645 -6.32 -33.69 -34.04
N TYR A 646 -7.22 -32.99 -34.73
CA TYR A 646 -7.98 -33.61 -35.82
C TYR A 646 -8.10 -32.74 -37.06
N ASP A 647 -8.70 -33.29 -38.11
CA ASP A 647 -8.91 -32.57 -39.36
C ASP A 647 -7.58 -32.12 -39.96
N LEU A 648 -6.59 -33.02 -39.92
CA LEU A 648 -5.25 -32.72 -40.41
C LEU A 648 -4.95 -33.18 -41.84
N ASP A 649 -5.73 -32.72 -42.82
CA ASP A 649 -5.51 -33.10 -44.22
C ASP A 649 -4.27 -32.44 -44.82
N GLU A 650 -4.41 -31.17 -45.20
CA GLU A 650 -3.29 -30.45 -45.78
C GLU A 650 -2.18 -30.32 -44.73
N VAL A 651 -2.60 -30.26 -43.48
CA VAL A 651 -1.72 -30.12 -42.32
C VAL A 651 -0.64 -31.17 -42.07
N ASP A 652 -1.01 -32.20 -41.31
CA ASP A 652 -0.11 -33.27 -40.90
C ASP A 652 -0.11 -34.52 -41.78
N GLU A 653 0.88 -35.38 -41.55
CA GLU A 653 1.02 -36.63 -42.27
C GLU A 653 0.02 -37.64 -41.70
N TRP A 654 -0.35 -37.45 -40.43
CA TRP A 654 -1.31 -38.32 -39.78
C TRP A 654 -2.70 -37.68 -39.80
N LYS A 655 -3.72 -38.52 -39.81
CA LYS A 655 -5.10 -38.06 -39.81
C LYS A 655 -5.62 -37.61 -38.46
N ASP A 656 -5.34 -38.41 -37.43
CA ASP A 656 -5.82 -38.13 -36.08
C ASP A 656 -4.73 -38.42 -35.06
N ILE A 657 -4.60 -37.57 -34.05
CA ILE A 657 -3.60 -37.77 -33.01
C ILE A 657 -4.19 -37.53 -31.61
N ILE A 658 -3.99 -38.48 -30.71
CA ILE A 658 -4.51 -38.37 -29.34
C ILE A 658 -3.39 -38.44 -28.31
N VAL A 659 -3.39 -37.49 -27.38
CA VAL A 659 -2.37 -37.43 -26.35
C VAL A 659 -2.98 -37.49 -24.95
N ILE A 660 -2.51 -38.44 -24.14
CA ILE A 660 -3.01 -38.60 -22.77
C ILE A 660 -1.89 -38.43 -21.75
N HIS A 661 -2.08 -37.49 -20.80
CA HIS A 661 -1.08 -37.24 -19.76
C HIS A 661 -1.62 -37.77 -18.42
N HIS A 662 -0.89 -38.68 -17.78
CA HIS A 662 -1.32 -39.26 -16.50
C HIS A 662 -0.36 -38.86 -15.39
N ALA A 663 -0.88 -38.35 -14.29
CA ALA A 663 -0.02 -37.90 -13.20
C ALA A 663 -0.10 -38.68 -11.88
N SER A 664 -0.50 -39.95 -11.95
CA SER A 664 -0.57 -40.77 -10.74
C SER A 664 0.00 -42.15 -11.06
N PRO A 665 0.54 -42.85 -10.04
CA PRO A 665 1.13 -44.18 -10.21
C PRO A 665 0.16 -45.34 -10.46
N ASP A 666 -1.11 -45.13 -10.18
CA ASP A 666 -2.08 -46.21 -10.38
C ASP A 666 -2.24 -46.56 -11.86
N SER A 667 -3.09 -47.55 -12.12
CA SER A 667 -3.35 -48.03 -13.47
C SER A 667 -4.83 -47.89 -13.81
N VAL A 668 -5.14 -47.31 -14.97
CA VAL A 668 -6.54 -47.12 -15.39
C VAL A 668 -6.82 -47.41 -16.86
N GLU A 669 -8.11 -47.43 -17.20
CA GLU A 669 -8.57 -47.70 -18.56
C GLU A 669 -9.17 -46.43 -19.16
N TRP A 670 -8.92 -46.19 -20.45
CA TRP A 670 -9.44 -44.99 -21.13
C TRP A 670 -10.13 -45.35 -22.44
N ARG A 671 -11.37 -44.88 -22.61
CA ARG A 671 -12.16 -45.14 -23.81
C ARG A 671 -11.90 -44.19 -24.98
N LEU A 672 -11.53 -44.73 -26.12
CA LEU A 672 -11.30 -43.91 -27.31
C LEU A 672 -12.65 -43.37 -27.80
N PRO A 673 -12.65 -42.19 -28.45
CA PRO A 673 -13.88 -41.59 -28.95
C PRO A 673 -14.49 -42.33 -30.14
N ASN A 674 -13.94 -43.48 -30.49
CA ASN A 674 -14.47 -44.28 -31.58
C ASN A 674 -13.95 -45.72 -31.57
N ASP A 675 -14.32 -46.50 -32.57
CA ASP A 675 -13.92 -47.91 -32.62
C ASP A 675 -12.89 -48.25 -33.71
N ILE A 676 -12.34 -47.23 -34.34
CA ILE A 676 -11.32 -47.43 -35.37
C ILE A 676 -9.99 -47.81 -34.71
N PRO A 677 -9.21 -48.71 -35.32
CA PRO A 677 -7.92 -49.13 -34.76
C PRO A 677 -6.86 -48.04 -34.88
N TYR A 678 -6.12 -47.82 -33.79
CA TYR A 678 -5.06 -46.82 -33.76
C TYR A 678 -3.69 -47.46 -33.50
N ARG A 679 -2.63 -46.67 -33.62
CA ARG A 679 -1.28 -47.17 -33.37
C ARG A 679 -0.79 -46.65 -32.03
N LEU A 680 -0.23 -47.53 -31.20
CA LEU A 680 0.29 -47.12 -29.91
C LEU A 680 1.72 -46.68 -30.16
N LEU A 681 1.92 -45.37 -30.17
CA LEU A 681 3.24 -44.81 -30.44
C LEU A 681 4.09 -44.62 -29.19
N CYS A 682 3.43 -44.37 -28.05
CA CYS A 682 4.16 -44.12 -26.81
C CYS A 682 3.30 -44.36 -25.56
N ASP A 683 3.95 -44.72 -24.47
CA ASP A 683 3.26 -44.94 -23.19
C ASP A 683 4.25 -44.63 -22.06
N PRO A 684 3.79 -44.65 -20.79
CA PRO A 684 4.62 -44.37 -19.62
C PRO A 684 6.03 -44.97 -19.58
N SER A 685 6.30 -45.93 -20.46
CA SER A 685 7.60 -46.57 -20.52
C SER A 685 8.51 -45.80 -21.48
N GLY A 686 7.92 -45.29 -22.55
CA GLY A 686 8.69 -44.54 -23.53
C GLY A 686 8.15 -44.91 -24.91
N PHE A 687 8.79 -44.40 -25.96
CA PHE A 687 8.34 -44.71 -27.31
C PHE A 687 8.47 -46.20 -27.62
N GLN A 688 7.66 -46.68 -28.56
CA GLN A 688 7.64 -48.09 -28.93
C GLN A 688 8.20 -48.36 -30.31
N GLU A 689 9.02 -49.39 -30.42
CA GLU A 689 9.60 -49.77 -31.71
C GLU A 689 8.48 -50.46 -32.49
N ASP A 690 8.21 -49.99 -33.70
CA ASP A 690 7.14 -50.57 -34.52
C ASP A 690 5.82 -50.58 -33.73
N PRO A 691 5.02 -49.51 -33.86
CA PRO A 691 3.72 -49.33 -33.19
C PRO A 691 2.73 -50.49 -33.35
N THR A 692 2.11 -50.87 -32.23
CA THR A 692 1.11 -51.93 -32.23
C THR A 692 -0.26 -51.29 -32.36
N GLU A 693 -1.28 -52.08 -32.71
CA GLU A 693 -2.63 -51.55 -32.84
C GLU A 693 -3.57 -51.94 -31.72
N ILE A 694 -4.33 -50.97 -31.23
CA ILE A 694 -5.31 -51.20 -30.17
C ILE A 694 -6.68 -50.69 -30.62
N LYS A 695 -7.75 -51.13 -29.96
CA LYS A 695 -9.10 -50.72 -30.32
C LYS A 695 -9.98 -50.39 -29.12
N LYS A 696 -10.93 -49.48 -29.33
CA LYS A 696 -11.89 -49.04 -28.32
C LYS A 696 -11.30 -48.55 -27.00
N THR A 697 -10.37 -49.31 -26.43
CA THR A 697 -9.77 -48.92 -25.16
C THR A 697 -8.26 -49.13 -25.11
N VAL A 698 -7.62 -48.38 -24.23
CA VAL A 698 -6.18 -48.46 -24.05
C VAL A 698 -5.93 -48.35 -22.55
N ALA A 699 -4.81 -48.90 -22.09
CA ALA A 699 -4.47 -48.86 -20.67
C ALA A 699 -3.46 -47.76 -20.36
N VAL A 700 -3.63 -47.11 -19.22
CA VAL A 700 -2.73 -46.03 -18.80
C VAL A 700 -2.10 -46.47 -17.47
N ASN A 701 -0.96 -47.15 -17.55
CA ASN A 701 -0.30 -47.64 -16.33
C ASN A 701 0.79 -46.73 -15.77
N GLY A 702 0.51 -46.11 -14.63
CA GLY A 702 1.49 -45.25 -13.99
C GLY A 702 1.71 -43.89 -14.65
N ILE A 703 2.55 -43.09 -14.00
CA ILE A 703 2.90 -41.74 -14.45
C ILE A 703 3.59 -41.72 -15.82
N GLY A 704 3.05 -40.90 -16.73
CA GLY A 704 3.64 -40.81 -18.05
C GLY A 704 2.67 -40.33 -19.11
N THR A 705 3.09 -40.47 -20.37
CA THR A 705 2.28 -40.03 -21.50
C THR A 705 2.09 -41.15 -22.51
N VAL A 706 0.88 -41.22 -23.07
CA VAL A 706 0.56 -42.19 -24.09
C VAL A 706 0.09 -41.43 -25.31
N ILE A 707 0.62 -41.79 -26.47
CA ILE A 707 0.26 -41.11 -27.70
C ILE A 707 -0.27 -42.12 -28.71
N LEU A 708 -1.43 -41.80 -29.27
CA LEU A 708 -2.07 -42.65 -30.27
C LEU A 708 -2.22 -41.84 -31.55
N TYR A 709 -2.08 -42.50 -32.68
CA TYR A 709 -2.22 -41.81 -33.95
C TYR A 709 -2.85 -42.71 -35.01
N LEU A 710 -3.43 -42.06 -36.02
CA LEU A 710 -4.08 -42.76 -37.12
C LEU A 710 -3.46 -42.20 -38.40
N ALA A 711 -2.82 -43.06 -39.19
CA ALA A 711 -2.18 -42.60 -40.42
C ALA A 711 -3.22 -42.42 -41.53
N SER A 712 -2.77 -41.89 -42.67
CA SER A 712 -3.68 -41.66 -43.79
C SER A 712 -3.57 -42.75 -44.86
N MET B 1 -13.53 19.83 59.11
CA MET B 1 -14.57 19.82 60.17
C MET B 1 -15.67 18.83 59.82
N VAL B 2 -16.38 18.37 60.85
CA VAL B 2 -17.48 17.42 60.69
C VAL B 2 -17.05 16.06 60.15
N SER B 3 -17.10 15.07 61.03
CA SER B 3 -16.75 13.69 60.68
C SER B 3 -16.99 12.82 61.90
N ILE B 4 -16.94 11.51 61.72
CA ILE B 4 -17.15 10.61 62.85
C ILE B 4 -15.90 10.62 63.73
N ARG B 5 -16.11 10.73 65.04
CA ARG B 5 -14.98 10.73 65.95
C ARG B 5 -14.41 9.31 66.05
N ARG B 6 -13.10 9.19 65.90
CA ARG B 6 -12.44 7.89 65.96
C ARG B 6 -11.12 7.97 66.75
N SER B 7 -10.81 6.90 67.48
CA SER B 7 -9.57 6.83 68.28
C SER B 7 -8.37 6.67 67.36
N PHE B 8 -8.50 5.80 66.34
CA PHE B 8 -7.44 5.58 65.36
C PHE B 8 -8.09 5.12 64.04
N GLU B 9 -7.28 4.83 63.03
CA GLU B 9 -7.82 4.43 61.74
C GLU B 9 -7.32 3.09 61.21
N ALA B 10 -8.15 2.42 60.42
CA ALA B 10 -7.79 1.13 59.84
C ALA B 10 -8.44 0.97 58.46
N TYR B 11 -7.63 0.53 57.48
CA TYR B 11 -8.10 0.32 56.12
C TYR B 11 -7.74 -1.07 55.59
N VAL B 12 -8.59 -1.59 54.70
CA VAL B 12 -8.36 -2.89 54.08
C VAL B 12 -7.76 -2.67 52.69
N ASP B 13 -6.44 -2.75 52.59
CA ASP B 13 -5.74 -2.52 51.33
C ASP B 13 -5.64 -3.70 50.36
N ASP B 14 -6.01 -4.90 50.81
CA ASP B 14 -5.99 -6.07 49.95
C ASP B 14 -6.82 -7.11 50.64
N MET B 15 -7.17 -8.19 49.93
CA MET B 15 -8.00 -9.23 50.50
C MET B 15 -7.56 -9.78 51.87
N ASN B 16 -6.24 -9.75 52.15
CA ASN B 16 -5.74 -10.27 53.41
C ASN B 16 -4.97 -9.28 54.28
N ILE B 17 -4.73 -8.06 53.80
CA ILE B 17 -3.98 -7.13 54.62
C ILE B 17 -4.78 -5.93 55.08
N ILE B 18 -4.51 -5.53 56.32
CA ILE B 18 -5.17 -4.41 56.95
C ILE B 18 -4.11 -3.42 57.41
N THR B 19 -4.26 -2.17 57.02
CA THR B 19 -3.32 -1.14 57.42
C THR B 19 -3.93 -0.34 58.58
N VAL B 20 -3.21 -0.29 59.70
CA VAL B 20 -3.67 0.43 60.88
C VAL B 20 -2.80 1.67 61.08
N LEU B 21 -3.44 2.83 61.27
CA LEU B 21 -2.73 4.09 61.48
C LEU B 21 -3.04 4.65 62.87
N ILE B 22 -1.99 4.94 63.63
CA ILE B 22 -2.15 5.46 64.97
C ILE B 22 -1.55 6.85 65.11
N PRO B 23 -2.31 7.79 65.67
CA PRO B 23 -1.79 9.15 65.86
C PRO B 23 -0.51 9.17 66.70
N ALA B 24 0.49 9.89 66.22
CA ALA B 24 1.79 10.00 66.89
C ALA B 24 1.71 10.21 68.40
N GLU B 25 0.66 10.88 68.86
CA GLU B 25 0.49 11.16 70.28
C GLU B 25 0.06 9.95 71.10
N GLN B 26 -0.42 8.91 70.44
CA GLN B 26 -0.88 7.71 71.13
C GLN B 26 -0.12 6.45 70.75
N LYS B 27 1.00 6.61 70.06
CA LYS B 27 1.79 5.46 69.64
C LYS B 27 2.10 4.51 70.81
N GLU B 28 2.52 5.08 71.93
CA GLU B 28 2.88 4.32 73.11
C GLU B 28 1.67 3.76 73.87
N ILE B 29 0.46 4.17 73.46
CA ILE B 29 -0.76 3.72 74.12
C ILE B 29 -1.59 2.69 73.35
N MET B 30 -1.94 3.01 72.11
CA MET B 30 -2.74 2.12 71.27
C MET B 30 -1.82 1.19 70.49
N THR B 31 -1.25 0.21 71.21
CA THR B 31 -0.28 -0.73 70.63
C THR B 31 -0.81 -2.14 70.37
N PRO B 32 -0.09 -2.90 69.54
CA PRO B 32 -0.49 -4.28 69.23
C PRO B 32 -0.43 -5.08 70.53
N PRO B 33 -1.04 -6.27 70.57
CA PRO B 33 -1.75 -7.00 69.51
C PRO B 33 -3.03 -6.34 69.01
N PHE B 34 -3.28 -6.50 67.71
CA PHE B 34 -4.47 -5.97 67.07
C PHE B 34 -5.35 -7.18 66.71
N ARG B 35 -6.66 -7.03 66.86
CA ARG B 35 -7.59 -8.11 66.53
C ARG B 35 -8.68 -7.60 65.61
N LEU B 36 -9.26 -8.50 64.82
CA LEU B 36 -10.32 -8.17 63.89
C LEU B 36 -11.62 -8.86 64.34
N GLU B 37 -12.67 -8.07 64.54
CA GLU B 37 -13.95 -8.57 65.02
C GLU B 37 -15.12 -8.31 64.07
N THR B 38 -16.20 -9.06 64.29
CA THR B 38 -17.45 -8.94 63.54
C THR B 38 -18.50 -9.46 64.52
N GLU B 39 -19.75 -9.52 64.09
CA GLU B 39 -20.81 -10.02 64.97
C GLU B 39 -20.72 -11.54 65.05
N ILE B 40 -19.85 -12.12 64.24
CA ILE B 40 -19.69 -13.57 64.19
C ILE B 40 -18.28 -14.06 64.49
N THR B 41 -17.28 -13.25 64.16
CA THR B 41 -15.88 -13.65 64.35
C THR B 41 -14.99 -12.74 65.19
N ASP B 42 -13.90 -13.33 65.71
CA ASP B 42 -12.90 -12.63 66.52
C ASP B 42 -11.54 -13.27 66.21
N PHE B 43 -10.76 -12.63 65.35
CA PHE B 43 -9.45 -13.18 64.97
C PHE B 43 -8.27 -12.25 65.23
N PRO B 44 -7.07 -12.83 65.40
CA PRO B 44 -5.85 -12.04 65.65
C PRO B 44 -5.23 -11.58 64.35
N LEU B 45 -4.46 -10.49 64.42
CA LEU B 45 -3.79 -9.95 63.25
C LEU B 45 -2.29 -9.98 63.49
N ALA B 46 -1.53 -10.28 62.44
CA ALA B 46 -0.08 -10.30 62.54
C ALA B 46 0.52 -9.06 61.87
N VAL B 47 1.55 -8.48 62.47
CA VAL B 47 2.20 -7.29 61.91
C VAL B 47 3.35 -7.72 61.00
N ARG B 48 3.23 -7.43 59.71
CA ARG B 48 4.25 -7.81 58.74
C ARG B 48 5.38 -6.78 58.69
N GLU B 49 5.03 -5.52 58.88
CA GLU B 49 6.00 -4.42 58.87
C GLU B 49 5.38 -3.24 59.61
N GLU B 50 6.23 -2.35 60.11
CA GLU B 50 5.76 -1.18 60.83
C GLU B 50 6.82 -0.10 60.77
N TYR B 51 6.40 1.11 60.43
CA TYR B 51 7.31 2.24 60.35
C TYR B 51 6.53 3.52 60.62
N SER B 52 7.22 4.63 60.78
CA SER B 52 6.52 5.88 61.08
C SER B 52 6.23 6.73 59.85
N LEU B 53 5.23 7.60 59.98
CA LEU B 53 4.83 8.51 58.93
C LEU B 53 5.01 9.92 59.47
N GLU B 54 4.42 10.90 58.81
CA GLU B 54 4.55 12.30 59.23
C GLU B 54 3.99 12.58 60.64
N ALA B 55 2.74 12.22 60.88
CA ALA B 55 2.11 12.46 62.18
C ALA B 55 1.41 11.21 62.72
N LYS B 56 1.66 10.08 62.08
CA LYS B 56 1.04 8.82 62.48
C LYS B 56 2.06 7.67 62.43
N TYR B 57 1.73 6.57 63.09
CA TYR B 57 2.59 5.39 63.09
C TYR B 57 1.75 4.33 62.39
N LYS B 58 2.35 3.66 61.42
CA LYS B 58 1.66 2.66 60.61
C LYS B 58 2.09 1.20 60.79
N TYR B 59 1.10 0.31 60.88
CA TYR B 59 1.35 -1.13 60.99
C TYR B 59 0.59 -1.80 59.86
N VAL B 60 1.25 -2.49 58.93
CA VAL B 60 0.48 -3.19 57.91
C VAL B 60 0.34 -4.60 58.46
N CYS B 61 -0.90 -5.08 58.56
CA CYS B 61 -1.18 -6.40 59.13
C CYS B 61 -1.77 -7.41 58.15
N VAL B 62 -1.66 -8.69 58.51
CA VAL B 62 -2.16 -9.78 57.69
C VAL B 62 -3.12 -10.64 58.50
N SER B 63 -4.24 -11.02 57.88
CA SER B 63 -5.22 -11.87 58.55
C SER B 63 -5.27 -13.23 57.85
N ASP B 64 -5.55 -14.27 58.60
CA ASP B 64 -5.61 -15.61 58.02
C ASP B 64 -6.76 -15.71 57.03
N HIS B 65 -7.98 -15.62 57.55
CA HIS B 65 -9.17 -15.71 56.71
C HIS B 65 -9.41 -14.40 55.96
N PRO B 66 -9.93 -14.49 54.73
CA PRO B 66 -10.20 -13.28 53.94
C PRO B 66 -11.32 -12.44 54.55
N VAL B 67 -11.25 -11.11 54.36
CA VAL B 67 -12.28 -10.22 54.89
C VAL B 67 -13.62 -10.46 54.18
N THR B 68 -14.70 -10.52 54.96
CA THR B 68 -16.02 -10.75 54.38
C THR B 68 -16.76 -9.43 54.19
N PHE B 69 -16.68 -8.88 53.00
CA PHE B 69 -17.34 -7.61 52.69
C PHE B 69 -18.84 -7.70 52.85
N GLY B 70 -19.42 -6.62 53.39
CA GLY B 70 -20.85 -6.59 53.61
C GLY B 70 -21.15 -6.55 55.11
N LYS B 71 -20.16 -6.95 55.89
CA LYS B 71 -20.27 -7.00 57.34
C LYS B 71 -19.43 -5.90 57.96
N ILE B 72 -19.93 -5.29 59.03
CA ILE B 72 -19.19 -4.24 59.72
C ILE B 72 -18.05 -4.91 60.50
N HIS B 73 -16.83 -4.43 60.30
CA HIS B 73 -15.66 -4.95 60.99
C HIS B 73 -15.09 -3.88 61.92
N CYS B 74 -14.52 -4.30 63.03
CA CYS B 74 -13.90 -3.37 63.98
C CYS B 74 -12.52 -3.92 64.35
N VAL B 75 -11.51 -3.06 64.42
CA VAL B 75 -10.18 -3.52 64.80
C VAL B 75 -9.95 -3.05 66.23
N ARG B 76 -9.44 -3.95 67.06
CA ARG B 76 -9.22 -3.68 68.48
C ARG B 76 -7.75 -3.62 68.85
N ALA B 77 -7.35 -2.55 69.56
CA ALA B 77 -5.98 -2.41 70.02
C ALA B 77 -5.93 -3.04 71.42
N SER B 78 -4.73 -3.37 71.90
CA SER B 78 -4.59 -4.01 73.22
C SER B 78 -5.03 -3.13 74.39
N SER B 79 -5.13 -1.83 74.15
CA SER B 79 -5.54 -0.88 75.18
C SER B 79 -7.07 -0.84 75.34
N GLY B 80 -7.77 -1.54 74.45
CA GLY B 80 -9.22 -1.54 74.52
C GLY B 80 -9.90 -0.69 73.45
N HIS B 81 -9.20 0.30 72.91
CA HIS B 81 -9.76 1.16 71.87
C HIS B 81 -10.10 0.38 70.61
N LYS B 82 -11.13 0.84 69.90
CA LYS B 82 -11.57 0.20 68.66
C LYS B 82 -11.92 1.25 67.61
N THR B 83 -12.00 0.83 66.35
CA THR B 83 -12.36 1.71 65.25
C THR B 83 -13.02 0.84 64.18
N ASP B 84 -13.72 1.48 63.24
CA ASP B 84 -14.40 0.75 62.17
C ASP B 84 -13.49 0.60 60.94
N LEU B 85 -13.48 -0.59 60.34
CA LEU B 85 -12.65 -0.86 59.16
C LEU B 85 -13.14 -0.03 57.96
N GLN B 86 -12.26 0.81 57.45
CA GLN B 86 -12.61 1.63 56.30
C GLN B 86 -12.09 0.97 55.02
N ILE B 87 -12.57 1.45 53.88
CA ILE B 87 -12.17 0.89 52.59
C ILE B 87 -10.79 1.39 52.16
N GLY B 88 -9.93 0.45 51.80
CA GLY B 88 -8.60 0.83 51.36
C GLY B 88 -8.45 0.64 49.85
N ALA B 89 -7.25 0.22 49.43
CA ALA B 89 -6.97 0.02 48.01
C ALA B 89 -7.39 -1.35 47.45
N VAL B 90 -7.93 -2.21 48.30
CA VAL B 90 -8.35 -3.55 47.87
C VAL B 90 -9.26 -3.58 46.63
N ILE B 91 -10.13 -2.59 46.51
CA ILE B 91 -11.07 -2.48 45.40
C ILE B 91 -10.42 -2.49 44.02
N ARG B 92 -9.15 -2.11 43.93
CA ARG B 92 -8.46 -2.06 42.66
C ARG B 92 -7.63 -3.30 42.32
N THR B 93 -7.70 -4.32 43.18
CA THR B 93 -6.96 -5.55 42.96
C THR B 93 -7.71 -6.52 42.04
N ALA B 94 -6.95 -7.33 41.31
CA ALA B 94 -7.52 -8.31 40.40
C ALA B 94 -8.35 -9.29 41.19
N ALA B 95 -7.87 -9.65 42.38
CA ALA B 95 -8.56 -10.59 43.27
C ALA B 95 -9.95 -10.10 43.68
N PHE B 96 -10.05 -8.81 44.03
CA PHE B 96 -11.34 -8.24 44.41
C PHE B 96 -12.25 -8.28 43.18
N ASP B 97 -11.71 -7.85 42.05
CA ASP B 97 -12.46 -7.81 40.78
C ASP B 97 -12.99 -9.20 40.40
N ASP B 98 -12.16 -10.24 40.55
CA ASP B 98 -12.57 -11.61 40.22
C ASP B 98 -13.61 -12.19 41.18
N GLU B 99 -13.53 -11.78 42.44
CA GLU B 99 -14.46 -12.25 43.45
C GLU B 99 -15.88 -11.69 43.25
N PHE B 100 -15.99 -10.39 42.96
CA PHE B 100 -17.31 -9.80 42.82
C PHE B 100 -17.89 -9.48 41.43
N TYR B 101 -17.24 -9.87 40.35
CA TYR B 101 -17.82 -9.58 39.02
C TYR B 101 -19.26 -10.11 38.91
N TYR B 102 -20.19 -9.25 38.55
CA TYR B 102 -21.59 -9.65 38.42
C TYR B 102 -22.00 -9.62 36.94
N ASP B 103 -22.51 -10.74 36.46
CA ASP B 103 -22.88 -10.87 35.05
C ASP B 103 -24.33 -10.52 34.70
N GLY B 104 -25.17 -10.27 35.71
CA GLY B 104 -26.58 -9.97 35.45
C GLY B 104 -26.90 -8.52 35.16
N GLU B 105 -28.19 -8.20 35.06
CA GLU B 105 -28.60 -6.83 34.76
C GLU B 105 -28.80 -6.00 36.02
N LEU B 106 -28.48 -4.71 35.92
CA LEU B 106 -28.58 -3.77 37.03
C LEU B 106 -29.55 -2.63 36.74
N GLY B 107 -29.91 -1.90 37.80
CA GLY B 107 -30.81 -0.77 37.65
C GLY B 107 -32.22 -1.08 38.14
N ALA B 108 -33.21 -0.46 37.51
CA ALA B 108 -34.59 -0.68 37.89
C ALA B 108 -35.30 -1.51 36.83
N VAL B 109 -35.72 -2.71 37.20
CA VAL B 109 -36.42 -3.60 36.27
C VAL B 109 -37.92 -3.45 36.51
N TYR B 110 -38.63 -2.90 35.53
CA TYR B 110 -40.06 -2.64 35.65
C TYR B 110 -41.03 -3.68 35.09
N THR B 111 -42.13 -3.80 35.82
CA THR B 111 -43.25 -4.68 35.50
C THR B 111 -44.47 -3.94 36.05
N ALA B 112 -45.62 -4.10 35.39
CA ALA B 112 -46.83 -3.41 35.84
C ALA B 112 -47.19 -3.82 37.26
N ASP B 113 -46.86 -5.06 37.59
CA ASP B 113 -47.14 -5.66 38.89
C ASP B 113 -46.15 -5.22 39.98
N HIS B 114 -44.86 -5.14 39.63
CA HIS B 114 -43.82 -4.75 40.59
C HIS B 114 -42.54 -4.30 39.90
N THR B 115 -41.59 -3.81 40.69
CA THR B 115 -40.29 -3.36 40.19
C THR B 115 -39.19 -3.89 41.08
N VAL B 116 -38.11 -4.36 40.46
CA VAL B 116 -36.95 -4.87 41.20
C VAL B 116 -35.82 -3.84 41.09
N PHE B 117 -35.22 -3.50 42.22
CA PHE B 117 -34.12 -2.53 42.21
C PHE B 117 -32.82 -3.24 42.55
N LYS B 118 -31.83 -3.11 41.68
CA LYS B 118 -30.54 -3.76 41.92
C LYS B 118 -29.35 -2.82 41.66
N VAL B 119 -28.36 -2.89 42.55
CA VAL B 119 -27.17 -2.05 42.44
C VAL B 119 -25.92 -2.80 42.92
N TRP B 120 -24.80 -2.55 42.25
CA TRP B 120 -23.53 -3.21 42.58
C TRP B 120 -22.73 -2.33 43.56
N ALA B 121 -22.64 -2.78 44.81
CA ALA B 121 -21.90 -2.04 45.83
C ALA B 121 -21.23 -3.05 46.77
N PRO B 122 -20.20 -3.75 46.26
CA PRO B 122 -19.47 -4.76 47.02
C PRO B 122 -18.72 -4.33 48.29
N ALA B 123 -18.28 -3.09 48.36
CA ALA B 123 -17.55 -2.66 49.56
C ALA B 123 -18.45 -2.03 50.62
N ALA B 124 -19.75 -1.98 50.34
CA ALA B 124 -20.69 -1.37 51.26
C ALA B 124 -21.13 -2.33 52.39
N THR B 125 -21.75 -1.79 53.43
CA THR B 125 -22.24 -2.62 54.53
C THR B 125 -23.76 -2.55 54.57
N SER B 126 -24.34 -1.74 53.70
CA SER B 126 -25.79 -1.59 53.68
C SER B 126 -26.25 -0.70 52.51
N ALA B 127 -27.48 -0.91 52.05
CA ALA B 127 -28.06 -0.12 50.96
C ALA B 127 -29.57 0.03 51.10
N ALA B 128 -30.13 1.04 50.45
CA ALA B 128 -31.58 1.29 50.52
C ALA B 128 -32.04 2.08 49.32
N VAL B 129 -33.34 2.00 49.02
CA VAL B 129 -33.93 2.72 47.89
C VAL B 129 -34.94 3.74 48.44
N LYS B 130 -34.80 4.99 48.01
CA LYS B 130 -35.65 6.09 48.45
C LYS B 130 -36.61 6.56 47.35
N LEU B 131 -37.90 6.35 47.57
CA LEU B 131 -38.93 6.73 46.60
C LEU B 131 -39.70 7.99 46.98
N SER B 132 -40.00 8.81 45.98
CA SER B 132 -40.76 10.04 46.19
C SER B 132 -41.61 10.28 44.95
N HIS B 133 -42.68 11.07 45.13
CA HIS B 133 -43.60 11.37 44.03
C HIS B 133 -44.16 12.78 44.26
N PRO B 134 -44.40 13.53 43.17
CA PRO B 134 -44.93 14.89 43.27
C PRO B 134 -46.20 15.04 44.13
N ASN B 135 -47.13 14.10 44.01
CA ASN B 135 -48.36 14.16 44.79
C ASN B 135 -48.67 12.90 45.61
N LYS B 136 -47.64 12.16 45.99
CA LYS B 136 -47.83 10.95 46.79
C LYS B 136 -46.88 10.87 47.96
N SER B 137 -47.13 9.92 48.86
CA SER B 137 -46.29 9.75 50.04
C SER B 137 -45.00 9.01 49.72
N GLY B 138 -43.90 9.50 50.29
CA GLY B 138 -42.60 8.89 50.06
C GLY B 138 -42.36 7.67 50.94
N ARG B 139 -41.48 6.79 50.49
CA ARG B 139 -41.13 5.58 51.20
C ARG B 139 -39.66 5.22 50.92
N THR B 140 -38.98 4.66 51.92
CA THR B 140 -37.58 4.24 51.77
C THR B 140 -37.49 2.78 52.28
N PHE B 141 -37.11 1.87 51.40
CA PHE B 141 -37.03 0.45 51.77
C PHE B 141 -35.60 -0.10 51.75
N GLN B 142 -35.28 -0.94 52.73
CA GLN B 142 -33.95 -1.52 52.83
C GLN B 142 -33.77 -2.62 51.80
N MET B 143 -32.56 -2.71 51.25
CA MET B 143 -32.24 -3.73 50.26
C MET B 143 -31.46 -4.88 50.89
N THR B 144 -31.50 -6.05 50.26
CA THR B 144 -30.81 -7.22 50.77
C THR B 144 -29.59 -7.53 49.92
N ARG B 145 -28.50 -7.95 50.58
CA ARG B 145 -27.28 -8.28 49.86
C ARG B 145 -27.35 -9.71 49.33
N LEU B 146 -27.13 -9.86 48.03
CA LEU B 146 -27.14 -11.18 47.40
C LEU B 146 -25.69 -11.54 47.11
N GLU B 147 -25.47 -12.49 46.22
CA GLU B 147 -24.11 -12.89 45.86
C GLU B 147 -23.53 -11.85 44.89
N LYS B 148 -22.21 -11.82 44.80
CA LYS B 148 -21.52 -10.90 43.90
C LYS B 148 -21.58 -9.42 44.28
N GLY B 149 -21.88 -9.14 45.55
CA GLY B 149 -21.95 -7.76 46.00
C GLY B 149 -23.10 -6.93 45.45
N VAL B 150 -24.18 -7.59 45.05
CA VAL B 150 -25.37 -6.93 44.51
C VAL B 150 -26.44 -6.78 45.58
N TYR B 151 -27.02 -5.58 45.69
CA TYR B 151 -28.08 -5.32 46.65
C TYR B 151 -29.40 -5.21 45.89
N ALA B 152 -30.48 -5.77 46.44
CA ALA B 152 -31.76 -5.73 45.75
C ALA B 152 -32.98 -5.67 46.65
N VAL B 153 -34.12 -5.35 46.05
CA VAL B 153 -35.40 -5.30 46.73
C VAL B 153 -36.49 -5.24 45.68
N THR B 154 -37.58 -5.97 45.94
CA THR B 154 -38.71 -6.03 45.03
C THR B 154 -39.87 -5.32 45.71
N VAL B 155 -40.38 -4.27 45.09
CA VAL B 155 -41.48 -3.49 45.63
C VAL B 155 -42.75 -3.74 44.82
N THR B 156 -43.80 -4.21 45.50
CA THR B 156 -45.07 -4.50 44.85
C THR B 156 -45.82 -3.22 44.53
N GLY B 157 -46.57 -3.24 43.43
CA GLY B 157 -47.33 -2.07 43.01
C GLY B 157 -46.79 -1.57 41.67
N ASP B 158 -47.40 -0.50 41.15
CA ASP B 158 -46.97 0.08 39.89
C ASP B 158 -46.25 1.39 40.19
N LEU B 159 -44.94 1.40 39.96
CA LEU B 159 -44.13 2.57 40.26
C LEU B 159 -43.93 3.57 39.12
N HIS B 160 -44.66 3.41 38.02
CA HIS B 160 -44.52 4.34 36.90
C HIS B 160 -44.72 5.77 37.40
N GLY B 161 -43.74 6.64 37.11
CA GLY B 161 -43.85 8.02 37.55
C GLY B 161 -43.09 8.34 38.84
N TYR B 162 -42.68 7.31 39.57
CA TYR B 162 -41.95 7.51 40.83
C TYR B 162 -40.50 7.89 40.67
N GLU B 163 -40.06 8.91 41.42
CA GLU B 163 -38.68 9.34 41.40
C GLU B 163 -37.94 8.44 42.40
N TYR B 164 -36.71 8.04 42.08
CA TYR B 164 -35.97 7.17 42.99
C TYR B 164 -34.51 7.53 43.08
N LEU B 165 -33.90 7.14 44.20
CA LEU B 165 -32.50 7.37 44.50
C LEU B 165 -32.00 6.18 45.32
N PHE B 166 -30.69 5.98 45.34
CA PHE B 166 -30.10 4.91 46.12
C PHE B 166 -29.32 5.54 47.27
N CYS B 167 -29.25 4.83 48.39
CA CYS B 167 -28.51 5.29 49.55
C CYS B 167 -27.52 4.18 49.85
N ILE B 168 -26.23 4.47 49.70
CA ILE B 168 -25.20 3.47 49.92
C ILE B 168 -24.37 3.80 51.16
N CYS B 169 -24.13 2.81 52.01
CA CYS B 169 -23.33 3.04 53.21
C CYS B 169 -21.92 2.50 53.08
N ASN B 170 -20.97 3.40 52.81
CA ASN B 170 -19.55 3.05 52.69
C ASN B 170 -18.84 3.79 53.82
N ASN B 171 -17.89 3.13 54.48
CA ASN B 171 -17.13 3.75 55.58
C ASN B 171 -18.02 4.34 56.70
N SER B 172 -19.16 3.72 56.97
CA SER B 172 -20.08 4.22 58.00
C SER B 172 -20.78 5.54 57.66
N GLU B 173 -20.64 6.00 56.41
CA GLU B 173 -21.30 7.22 55.99
C GLU B 173 -22.30 6.90 54.86
N TRP B 174 -23.52 7.37 55.01
CA TRP B 174 -24.55 7.15 53.99
C TRP B 174 -24.52 8.24 52.93
N MET B 175 -24.53 7.86 51.67
CA MET B 175 -24.54 8.84 50.58
C MET B 175 -25.72 8.62 49.63
N GLU B 176 -26.30 9.73 49.18
CA GLU B 176 -27.46 9.72 48.30
C GLU B 176 -26.99 9.78 46.84
N THR B 177 -27.54 8.94 45.97
CA THR B 177 -27.11 8.97 44.57
C THR B 177 -28.14 8.48 43.55
N VAL B 178 -28.00 8.94 42.32
CA VAL B 178 -28.87 8.52 41.24
C VAL B 178 -28.32 7.18 40.68
N ASP B 179 -29.22 6.32 40.23
CA ASP B 179 -28.89 5.03 39.65
C ASP B 179 -27.97 5.22 38.43
N GLN B 180 -26.82 4.55 38.42
CA GLN B 180 -25.88 4.65 37.31
C GLN B 180 -26.59 4.23 36.02
N TYR B 181 -27.57 3.33 36.18
CA TYR B 181 -28.34 2.79 35.06
C TYR B 181 -29.72 3.46 34.87
N ALA B 182 -29.87 4.67 35.40
CA ALA B 182 -31.12 5.43 35.29
C ALA B 182 -31.44 5.75 33.82
N LYS B 183 -32.58 5.28 33.35
CA LYS B 183 -33.00 5.49 31.96
C LYS B 183 -33.91 6.71 31.79
N ALA B 184 -34.20 7.39 32.90
CA ALA B 184 -35.01 8.60 32.92
C ALA B 184 -34.64 9.39 34.18
N VAL B 185 -34.75 10.72 34.11
CA VAL B 185 -34.44 11.59 35.25
C VAL B 185 -35.32 12.85 35.26
N THR B 186 -35.27 13.57 36.38
CA THR B 186 -36.03 14.81 36.54
C THR B 186 -35.24 15.97 35.95
N VAL B 187 -35.81 17.17 35.98
CA VAL B 187 -35.15 18.35 35.44
C VAL B 187 -33.76 18.53 36.06
N ASN B 188 -32.77 18.76 35.19
CA ASN B 188 -31.37 18.93 35.57
C ASN B 188 -30.72 17.71 36.22
N GLY B 189 -31.28 16.54 35.95
CA GLY B 189 -30.73 15.29 36.47
C GLY B 189 -30.63 15.09 37.97
N GLU B 190 -31.53 15.70 38.72
CA GLU B 190 -31.52 15.61 40.18
C GLU B 190 -31.89 14.23 40.73
N LYS B 191 -32.93 13.62 40.18
CA LYS B 191 -33.35 12.29 40.64
C LYS B 191 -33.64 11.40 39.44
N GLY B 192 -33.58 10.09 39.62
CA GLY B 192 -33.89 9.19 38.52
C GLY B 192 -35.41 9.01 38.52
N VAL B 193 -35.97 8.37 37.49
CA VAL B 193 -37.41 8.15 37.43
C VAL B 193 -37.76 6.79 36.83
N VAL B 194 -38.74 6.11 37.43
CA VAL B 194 -39.18 4.81 36.92
C VAL B 194 -40.30 5.09 35.91
N LEU B 195 -40.19 4.51 34.72
CA LEU B 195 -41.21 4.70 33.69
C LEU B 195 -41.51 3.39 32.98
N ARG B 196 -42.77 3.16 32.65
CA ARG B 196 -43.16 1.94 31.94
C ARG B 196 -42.71 2.12 30.49
N PRO B 197 -42.54 1.01 29.76
CA PRO B 197 -42.12 1.11 28.36
C PRO B 197 -43.12 2.02 27.63
N ASP B 198 -42.63 2.97 26.83
CA ASP B 198 -43.54 3.88 26.14
C ASP B 198 -44.20 3.32 24.87
N GLN B 199 -45.07 4.12 24.27
CA GLN B 199 -45.82 3.72 23.07
C GLN B 199 -45.27 4.30 21.76
N MET B 200 -44.10 3.84 21.35
CA MET B 200 -43.47 4.32 20.13
C MET B 200 -43.48 3.28 18.99
N LYS B 201 -43.93 3.69 17.81
CA LYS B 201 -43.94 2.77 16.67
C LYS B 201 -42.87 3.17 15.66
N TRP B 202 -41.89 2.30 15.47
CA TRP B 202 -40.82 2.56 14.51
C TRP B 202 -41.24 2.07 13.13
N THR B 203 -40.70 2.69 12.09
CA THR B 203 -41.01 2.29 10.72
C THR B 203 -40.26 1.00 10.41
N ALA B 204 -40.45 0.46 9.21
CA ALA B 204 -39.77 -0.78 8.82
C ALA B 204 -38.26 -0.63 8.94
N PRO B 205 -37.57 -1.66 9.46
CA PRO B 205 -36.12 -1.71 9.66
C PRO B 205 -35.30 -1.58 8.37
N LEU B 206 -34.24 -0.78 8.42
CA LEU B 206 -33.36 -0.59 7.28
C LEU B 206 -32.43 -1.80 7.23
N LYS B 207 -32.07 -2.24 6.03
CA LYS B 207 -31.16 -3.37 5.88
C LYS B 207 -29.79 -2.95 6.39
N PRO B 208 -28.93 -3.93 6.73
CA PRO B 208 -27.58 -3.63 7.23
C PRO B 208 -26.79 -2.75 6.27
N PHE B 209 -26.05 -1.78 6.81
CA PHE B 209 -25.29 -0.89 5.95
C PHE B 209 -24.14 -1.63 5.25
N SER B 210 -24.19 -1.60 3.93
CA SER B 210 -23.22 -2.27 3.05
C SER B 210 -21.76 -2.32 3.49
N HIS B 211 -21.11 -1.15 3.57
CA HIS B 211 -19.69 -1.08 3.93
C HIS B 211 -19.32 0.35 4.31
N PRO B 212 -18.37 0.52 5.25
CA PRO B 212 -17.93 1.84 5.68
C PRO B 212 -17.51 2.86 4.59
N VAL B 213 -16.82 2.42 3.54
CA VAL B 213 -16.40 3.35 2.49
C VAL B 213 -17.56 3.83 1.63
N ASP B 214 -18.74 3.27 1.85
CA ASP B 214 -19.91 3.67 1.10
C ASP B 214 -20.67 4.77 1.87
N ALA B 215 -20.11 5.21 3.00
CA ALA B 215 -20.75 6.23 3.81
C ALA B 215 -20.24 7.66 3.59
N VAL B 216 -21.07 8.63 3.95
CA VAL B 216 -20.73 10.05 3.86
C VAL B 216 -21.33 10.62 5.15
N ILE B 217 -20.47 10.92 6.12
CA ILE B 217 -20.91 11.42 7.41
C ILE B 217 -21.06 12.93 7.47
N TYR B 218 -22.06 13.41 8.23
CA TYR B 218 -22.36 14.84 8.39
C TYR B 218 -22.47 15.17 9.88
N GLU B 219 -21.48 15.87 10.44
CA GLU B 219 -21.47 16.20 11.87
C GLU B 219 -22.24 17.46 12.26
N THR B 220 -23.19 17.35 13.17
CA THR B 220 -23.96 18.52 13.59
C THR B 220 -24.38 18.53 15.07
N HIS B 221 -24.59 19.72 15.60
CA HIS B 221 -25.02 19.91 16.99
C HIS B 221 -26.51 20.24 16.95
N LEU B 222 -27.32 19.50 17.72
CA LEU B 222 -28.76 19.70 17.75
C LEU B 222 -29.26 21.13 17.96
N ARG B 223 -28.50 21.94 18.70
CA ARG B 223 -28.92 23.32 18.94
C ARG B 223 -28.54 24.20 17.75
N ASP B 224 -27.29 24.09 17.33
CA ASP B 224 -26.77 24.88 16.21
C ASP B 224 -27.61 24.72 14.95
N PHE B 225 -27.93 23.47 14.64
CA PHE B 225 -28.67 23.13 13.45
C PHE B 225 -29.94 23.90 13.13
N SER B 226 -30.69 24.34 14.16
CA SER B 226 -31.93 25.05 13.89
C SER B 226 -32.23 26.34 14.70
N ILE B 227 -31.33 26.75 15.56
CA ILE B 227 -31.57 27.94 16.37
C ILE B 227 -31.74 29.27 15.60
N HIS B 228 -31.06 29.40 14.46
CA HIS B 228 -31.12 30.60 13.62
C HIS B 228 -32.53 31.00 13.15
N GLU B 229 -32.84 32.29 13.30
CA GLU B 229 -34.14 32.85 12.90
C GLU B 229 -34.66 32.38 11.53
N ASN B 230 -33.78 32.29 10.55
CA ASN B 230 -34.18 31.92 9.19
C ASN B 230 -34.04 30.42 8.89
N SER B 231 -33.98 29.60 9.93
CA SER B 231 -33.82 28.16 9.71
C SER B 231 -35.04 27.55 9.04
N GLY B 232 -36.20 28.19 9.22
CA GLY B 232 -37.42 27.69 8.61
C GLY B 232 -38.09 26.58 9.39
N MET B 233 -37.48 26.17 10.51
CA MET B 233 -38.03 25.11 11.34
C MET B 233 -38.77 25.69 12.54
N ILE B 234 -39.87 25.05 12.93
CA ILE B 234 -40.69 25.49 14.06
C ILE B 234 -40.07 25.22 15.42
N ASN B 235 -39.63 23.98 15.64
CA ASN B 235 -39.04 23.53 16.91
C ASN B 235 -37.54 23.83 17.02
N LYS B 236 -37.20 25.11 16.91
CA LYS B 236 -35.81 25.59 16.95
C LYS B 236 -34.95 25.14 18.13
N GLY B 237 -33.79 24.58 17.80
CA GLY B 237 -32.85 24.10 18.80
C GLY B 237 -33.30 22.86 19.55
N LYS B 238 -34.34 22.19 19.06
CA LYS B 238 -34.87 21.01 19.74
C LYS B 238 -34.86 19.73 18.91
N TYR B 239 -35.11 18.62 19.59
CA TYR B 239 -35.16 17.31 18.96
C TYR B 239 -36.10 17.31 17.76
N LEU B 240 -37.30 17.85 17.95
CA LEU B 240 -38.31 17.85 16.92
C LEU B 240 -37.98 18.60 15.63
N ALA B 241 -37.00 19.50 15.68
CA ALA B 241 -36.62 20.27 14.50
C ALA B 241 -36.35 19.38 13.30
N LEU B 242 -35.69 18.25 13.54
CA LEU B 242 -35.34 17.33 12.47
C LEU B 242 -36.45 16.41 11.99
N THR B 243 -37.67 16.56 12.53
CA THR B 243 -38.81 15.74 12.08
C THR B 243 -39.68 16.53 11.09
N GLU B 244 -39.38 17.82 10.96
CA GLU B 244 -40.14 18.70 10.08
C GLU B 244 -39.78 18.50 8.60
N THR B 245 -40.78 18.16 7.79
CA THR B 245 -40.57 17.93 6.36
C THR B 245 -40.74 19.16 5.47
N ASP B 246 -39.95 19.20 4.40
CA ASP B 246 -39.99 20.26 3.40
C ASP B 246 -39.90 21.72 3.86
N THR B 247 -39.00 21.99 4.80
CA THR B 247 -38.82 23.35 5.30
C THR B 247 -37.88 24.13 4.37
N GLN B 248 -37.81 25.44 4.58
CA GLN B 248 -36.95 26.27 3.75
C GLN B 248 -36.71 27.67 4.34
N THR B 249 -35.75 28.37 3.77
CA THR B 249 -35.43 29.72 4.22
C THR B 249 -36.46 30.70 3.70
N ALA B 250 -36.34 31.96 4.11
CA ALA B 250 -37.27 32.99 3.69
C ALA B 250 -37.36 33.12 2.17
N ASN B 251 -36.23 32.96 1.48
CA ASN B 251 -36.19 33.09 0.03
C ASN B 251 -36.41 31.81 -0.78
N GLY B 252 -36.81 30.74 -0.12
CA GLY B 252 -37.07 29.50 -0.85
C GLY B 252 -35.97 28.47 -0.94
N SER B 253 -34.86 28.67 -0.24
CA SER B 253 -33.79 27.68 -0.28
C SER B 253 -34.12 26.56 0.71
N SER B 254 -33.76 25.33 0.35
CA SER B 254 -34.03 24.18 1.21
C SER B 254 -33.25 24.27 2.52
N SER B 255 -33.83 23.72 3.58
CA SER B 255 -33.20 23.70 4.89
C SER B 255 -33.68 22.48 5.67
N GLY B 256 -33.14 22.29 6.87
CA GLY B 256 -33.52 21.16 7.69
C GLY B 256 -33.36 19.81 7.03
N LEU B 257 -34.22 18.87 7.44
CA LEU B 257 -34.21 17.51 6.92
C LEU B 257 -34.10 17.48 5.40
N ALA B 258 -34.93 18.28 4.74
CA ALA B 258 -34.95 18.34 3.28
C ALA B 258 -33.57 18.71 2.73
N TYR B 259 -32.87 19.60 3.43
CA TYR B 259 -31.54 20.02 3.01
C TYR B 259 -30.53 18.88 3.14
N VAL B 260 -30.52 18.20 4.28
CA VAL B 260 -29.58 17.11 4.50
C VAL B 260 -29.82 15.95 3.54
N LYS B 261 -31.08 15.70 3.20
CA LYS B 261 -31.38 14.62 2.28
C LYS B 261 -30.87 15.00 0.90
N GLU B 262 -31.11 16.25 0.50
CA GLU B 262 -30.68 16.77 -0.79
C GLU B 262 -29.16 16.71 -1.02
N LEU B 263 -28.38 16.99 0.04
CA LEU B 263 -26.92 16.94 -0.06
C LEU B 263 -26.41 15.58 -0.50
N GLY B 264 -27.05 14.52 -0.01
CA GLY B 264 -26.64 13.17 -0.37
C GLY B 264 -25.89 12.43 0.74
N VAL B 265 -25.83 13.02 1.92
CA VAL B 265 -25.13 12.36 3.02
C VAL B 265 -25.89 11.12 3.47
N THR B 266 -25.19 10.15 4.05
CA THR B 266 -25.84 8.91 4.49
C THR B 266 -26.05 8.80 5.99
N HIS B 267 -25.11 9.33 6.76
CA HIS B 267 -25.17 9.28 8.22
C HIS B 267 -25.06 10.65 8.87
N VAL B 268 -25.97 10.94 9.78
CA VAL B 268 -25.91 12.20 10.50
C VAL B 268 -25.28 11.89 11.86
N GLU B 269 -24.14 12.52 12.17
CA GLU B 269 -23.49 12.30 13.46
C GLU B 269 -23.88 13.46 14.39
N LEU B 270 -24.32 13.13 15.59
CA LEU B 270 -24.75 14.14 16.55
C LEU B 270 -23.81 14.29 17.75
N LEU B 271 -23.67 15.51 18.24
CA LEU B 271 -22.85 15.73 19.42
C LEU B 271 -23.68 15.14 20.57
N PRO B 272 -23.06 14.86 21.73
CA PRO B 272 -23.70 14.26 22.91
C PRO B 272 -25.19 14.53 23.20
N VAL B 273 -25.98 13.45 23.34
CA VAL B 273 -27.40 13.58 23.66
C VAL B 273 -27.77 12.89 24.98
N ASN B 274 -26.78 12.33 25.68
CA ASN B 274 -27.04 11.72 26.98
C ASN B 274 -27.03 12.94 27.92
N ASP B 275 -27.67 12.84 29.09
CA ASP B 275 -27.70 14.00 29.95
C ASP B 275 -26.31 14.51 30.36
N PHE B 276 -26.11 15.82 30.19
CA PHE B 276 -24.85 16.46 30.53
C PHE B 276 -25.02 17.77 31.31
N ALA B 277 -23.91 18.32 31.79
CA ALA B 277 -23.93 19.58 32.55
C ALA B 277 -23.44 20.73 31.69
N GLY B 278 -23.73 21.96 32.12
CA GLY B 278 -23.29 23.12 31.36
C GLY B 278 -24.39 24.05 30.87
N VAL B 279 -25.63 23.55 30.92
CA VAL B 279 -26.78 24.34 30.49
C VAL B 279 -27.89 24.07 31.49
N ASP B 280 -28.40 25.14 32.09
CA ASP B 280 -29.49 25.05 33.06
C ASP B 280 -30.75 24.79 32.26
N GLU B 281 -31.37 23.64 32.48
CA GLU B 281 -32.59 23.27 31.78
C GLU B 281 -33.81 24.11 32.18
N GLU B 282 -33.67 24.91 33.24
CA GLU B 282 -34.75 25.78 33.70
C GLU B 282 -34.70 27.09 32.91
N LYS B 283 -33.55 27.35 32.29
CA LYS B 283 -33.34 28.54 31.48
C LYS B 283 -32.23 28.26 30.46
N PRO B 284 -32.54 27.43 29.46
CA PRO B 284 -31.63 27.02 28.38
C PRO B 284 -31.00 28.09 27.52
N LEU B 285 -31.53 29.31 27.55
CA LEU B 285 -30.97 30.38 26.72
C LEU B 285 -29.87 31.17 27.40
N ASP B 286 -29.71 30.99 28.71
CA ASP B 286 -28.69 31.71 29.47
C ASP B 286 -27.27 31.17 29.27
N ALA B 287 -27.16 29.98 28.67
CA ALA B 287 -25.84 29.39 28.42
C ALA B 287 -25.85 28.41 27.24
N TYR B 288 -24.64 28.04 26.81
CA TYR B 288 -24.44 27.10 25.70
C TYR B 288 -23.34 26.09 26.05
N ASN B 289 -23.44 24.87 25.48
CA ASN B 289 -22.40 23.87 25.70
C ASN B 289 -22.45 22.72 24.72
N TRP B 290 -21.29 22.27 24.27
CA TRP B 290 -21.20 21.14 23.33
C TRP B 290 -21.79 19.87 23.94
N GLY B 291 -21.58 19.70 25.25
CA GLY B 291 -22.12 18.55 25.94
C GLY B 291 -21.14 17.50 26.44
N TYR B 292 -19.86 17.86 26.52
CA TYR B 292 -18.85 16.90 26.97
C TYR B 292 -18.62 16.91 28.49
N ASN B 293 -19.70 16.92 29.26
CA ASN B 293 -19.66 16.92 30.73
C ASN B 293 -20.73 15.94 31.20
N PRO B 294 -20.48 14.63 31.05
CA PRO B 294 -21.37 13.52 31.42
C PRO B 294 -21.93 13.49 32.84
N LEU B 295 -23.24 13.37 32.94
CA LEU B 295 -23.92 13.25 34.23
C LEU B 295 -24.55 11.85 34.31
N HIS B 296 -25.38 11.52 33.32
CA HIS B 296 -26.05 10.22 33.28
C HIS B 296 -25.90 9.64 31.88
N PHE B 297 -25.31 8.44 31.77
CA PHE B 297 -25.07 7.81 30.46
C PHE B 297 -26.24 7.08 29.80
N PHE B 298 -27.26 6.71 30.56
CA PHE B 298 -28.39 5.99 30.00
C PHE B 298 -29.63 6.86 29.79
N ALA B 299 -29.53 8.15 30.07
CA ALA B 299 -30.67 9.07 29.89
C ALA B 299 -30.35 10.22 28.93
N PRO B 300 -31.37 10.76 28.24
CA PRO B 300 -31.17 11.86 27.28
C PRO B 300 -31.01 13.23 27.94
N GLU B 301 -30.49 14.20 27.18
CA GLU B 301 -30.32 15.56 27.65
C GLU B 301 -31.70 16.21 27.66
N GLY B 302 -31.93 17.14 28.59
CA GLY B 302 -33.22 17.80 28.67
C GLY B 302 -33.43 19.13 27.96
N SER B 303 -32.36 19.88 27.71
CA SER B 303 -32.51 21.17 27.05
C SER B 303 -32.94 21.07 25.59
N TYR B 304 -32.94 19.86 25.03
CA TYR B 304 -33.35 19.66 23.65
C TYR B 304 -34.83 19.29 23.53
N ALA B 305 -35.48 19.05 24.66
CA ALA B 305 -36.91 18.68 24.64
C ALA B 305 -37.84 19.89 24.79
N SER B 306 -39.09 19.72 24.38
CA SER B 306 -40.08 20.79 24.51
C SER B 306 -40.35 21.08 25.98
N ASN B 307 -40.37 20.02 26.79
CA ASN B 307 -40.61 20.16 28.23
C ASN B 307 -39.64 19.27 29.01
N PRO B 308 -38.63 19.87 29.65
CA PRO B 308 -37.65 19.12 30.43
C PRO B 308 -38.14 18.68 31.80
N HIS B 309 -39.35 19.09 32.16
CA HIS B 309 -39.94 18.74 33.45
C HIS B 309 -40.67 17.40 33.46
N ASP B 310 -41.18 16.97 32.31
CA ASP B 310 -41.87 15.69 32.20
C ASP B 310 -40.83 14.67 31.70
N PRO B 311 -40.48 13.68 32.55
CA PRO B 311 -39.52 12.60 32.28
C PRO B 311 -39.61 11.85 30.94
N GLN B 312 -40.82 11.53 30.51
CA GLN B 312 -41.00 10.77 29.28
C GLN B 312 -40.88 11.60 28.00
N THR B 313 -41.14 12.90 28.10
CA THR B 313 -41.07 13.79 26.94
C THR B 313 -39.75 13.81 26.16
N ARG B 314 -38.62 13.99 26.86
CA ARG B 314 -37.33 14.01 26.16
C ARG B 314 -37.06 12.69 25.44
N LYS B 315 -37.50 11.59 26.04
CA LYS B 315 -37.32 10.27 25.44
C LYS B 315 -38.16 10.08 24.16
N THR B 316 -39.43 10.43 24.24
CA THR B 316 -40.32 10.30 23.09
C THR B 316 -39.90 11.17 21.91
N GLU B 317 -39.51 12.42 22.16
CA GLU B 317 -39.12 13.31 21.07
C GLU B 317 -37.79 12.92 20.39
N LEU B 318 -36.86 12.33 21.14
CA LEU B 318 -35.59 11.92 20.53
C LEU B 318 -35.83 10.72 19.61
N LYS B 319 -36.70 9.80 20.04
CA LYS B 319 -37.02 8.63 19.23
C LYS B 319 -37.71 9.02 17.93
N GLN B 320 -38.64 9.97 18.01
CA GLN B 320 -39.35 10.39 16.81
C GLN B 320 -38.41 11.01 15.77
N MET B 321 -37.39 11.72 16.25
CA MET B 321 -36.41 12.35 15.39
C MET B 321 -35.64 11.24 14.66
N ILE B 322 -35.13 10.29 15.42
CA ILE B 322 -34.39 9.19 14.85
C ILE B 322 -35.23 8.40 13.85
N ASN B 323 -36.52 8.23 14.17
CA ASN B 323 -37.42 7.49 13.30
C ASN B 323 -37.71 8.23 12.00
N THR B 324 -37.89 9.55 12.09
CA THR B 324 -38.16 10.32 10.89
C THR B 324 -36.96 10.29 9.93
N LEU B 325 -35.73 10.28 10.46
CA LEU B 325 -34.54 10.20 9.61
C LEU B 325 -34.55 8.86 8.90
N HIS B 326 -34.83 7.78 9.63
CA HIS B 326 -34.89 6.44 9.04
C HIS B 326 -35.92 6.41 7.91
N GLN B 327 -37.06 7.05 8.14
CA GLN B 327 -38.15 7.11 7.17
C GLN B 327 -37.69 7.72 5.84
N HIS B 328 -36.69 8.60 5.90
CA HIS B 328 -36.17 9.26 4.71
C HIS B 328 -34.83 8.68 4.24
N GLY B 329 -34.55 7.44 4.65
CA GLY B 329 -33.31 6.79 4.27
C GLY B 329 -32.02 7.20 4.96
N LEU B 330 -32.11 8.04 5.99
CA LEU B 330 -30.92 8.50 6.69
C LEU B 330 -30.64 7.71 7.99
N ARG B 331 -29.36 7.46 8.26
CA ARG B 331 -28.94 6.76 9.47
C ARG B 331 -28.30 7.75 10.47
N VAL B 332 -28.18 7.34 11.74
CA VAL B 332 -27.63 8.20 12.77
C VAL B 332 -26.49 7.61 13.64
N ILE B 333 -25.51 8.46 13.93
CA ILE B 333 -24.35 8.09 14.74
C ILE B 333 -24.35 8.95 16.01
N LEU B 334 -24.07 8.34 17.16
CA LEU B 334 -24.04 9.07 18.42
C LEU B 334 -22.63 9.27 18.94
N ASP B 335 -22.36 10.49 19.39
CA ASP B 335 -21.07 10.87 19.94
C ASP B 335 -21.16 10.46 21.41
N VAL B 336 -20.33 9.51 21.84
CA VAL B 336 -20.36 9.05 23.24
C VAL B 336 -19.05 9.40 23.97
N VAL B 337 -19.17 9.64 25.27
CA VAL B 337 -18.02 10.05 26.08
C VAL B 337 -17.74 9.16 27.29
N PHE B 338 -17.13 8.00 27.06
CA PHE B 338 -16.84 7.07 28.14
C PHE B 338 -15.44 7.24 28.75
N ASN B 339 -14.82 8.39 28.53
CA ASN B 339 -13.48 8.62 29.07
C ASN B 339 -13.43 9.38 30.39
N HIS B 340 -14.54 10.04 30.76
CA HIS B 340 -14.57 10.81 32.00
C HIS B 340 -15.99 11.25 32.37
N VAL B 341 -16.14 11.76 33.60
CA VAL B 341 -17.44 12.26 34.06
C VAL B 341 -17.25 13.72 34.48
N TYR B 342 -18.34 14.47 34.52
CA TYR B 342 -18.28 15.88 34.88
C TYR B 342 -17.46 16.17 36.16
N LYS B 343 -17.95 15.73 37.32
CA LYS B 343 -17.24 15.95 38.59
C LYS B 343 -17.08 14.63 39.34
N ARG B 344 -15.92 13.99 39.18
CA ARG B 344 -15.62 12.71 39.80
C ARG B 344 -16.07 12.55 41.25
N GLU B 345 -15.80 13.56 42.09
CA GLU B 345 -16.14 13.49 43.50
C GLU B 345 -17.64 13.41 43.83
N ASN B 346 -18.50 13.74 42.88
CA ASN B 346 -19.93 13.68 43.16
C ASN B 346 -20.69 12.89 42.12
N SER B 347 -20.02 11.95 41.47
CA SER B 347 -20.67 11.15 40.45
C SER B 347 -21.25 9.86 41.04
N PRO B 348 -22.24 9.28 40.36
CA PRO B 348 -22.81 8.03 40.88
C PRO B 348 -21.75 6.95 41.08
N PHE B 349 -20.70 7.00 40.25
CA PHE B 349 -19.63 6.02 40.35
C PHE B 349 -18.91 6.08 41.69
N GLU B 350 -18.35 7.25 42.01
CA GLU B 350 -17.59 7.43 43.23
C GLU B 350 -18.40 7.29 44.53
N LYS B 351 -19.70 7.56 44.45
CA LYS B 351 -20.56 7.45 45.62
C LYS B 351 -21.01 6.03 45.89
N THR B 352 -21.03 5.22 44.83
CA THR B 352 -21.45 3.83 44.96
C THR B 352 -20.28 2.91 45.35
N VAL B 353 -19.15 3.02 44.66
CA VAL B 353 -17.97 2.20 44.95
C VAL B 353 -16.72 3.07 44.84
N PRO B 354 -16.39 3.79 45.91
CA PRO B 354 -15.25 4.71 46.03
C PRO B 354 -13.91 4.13 45.57
N GLY B 355 -13.23 4.89 44.70
CA GLY B 355 -11.93 4.50 44.19
C GLY B 355 -11.86 3.35 43.18
N TYR B 356 -13.00 2.89 42.68
CA TYR B 356 -13.04 1.77 41.73
C TYR B 356 -13.03 2.16 40.24
N PHE B 357 -13.94 3.06 39.85
CA PHE B 357 -14.09 3.49 38.44
C PHE B 357 -13.07 4.48 37.85
N PHE B 358 -12.14 4.97 38.64
CA PHE B 358 -11.18 5.93 38.11
C PHE B 358 -9.74 5.44 38.24
N ARG B 359 -8.87 5.96 37.38
CA ARG B 359 -7.46 5.56 37.41
C ARG B 359 -6.66 6.48 38.31
N HIS B 360 -5.62 5.93 38.91
CA HIS B 360 -4.75 6.71 39.79
C HIS B 360 -3.28 6.59 39.35
N ASP B 361 -2.54 7.68 39.47
CA ASP B 361 -1.12 7.71 39.10
C ASP B 361 -0.25 6.99 40.14
N GLU B 362 1.07 7.16 40.05
CA GLU B 362 1.98 6.51 40.99
C GLU B 362 1.86 6.96 42.44
N CYS B 363 1.41 8.19 42.66
CA CYS B 363 1.26 8.72 44.02
C CYS B 363 -0.13 8.48 44.61
N GLY B 364 -0.90 7.57 44.02
CA GLY B 364 -2.24 7.28 44.51
C GLY B 364 -3.21 8.44 44.32
N LYS B 365 -2.94 9.27 43.32
CA LYS B 365 -3.77 10.43 43.01
C LYS B 365 -4.43 10.25 41.63
N PRO B 366 -5.64 10.83 41.43
CA PRO B 366 -6.36 10.71 40.16
C PRO B 366 -5.59 11.25 38.95
N SER B 367 -5.35 10.38 37.96
CA SER B 367 -4.64 10.77 36.75
C SER B 367 -5.51 11.70 35.90
N ASN B 368 -4.87 12.48 35.03
CA ASN B 368 -5.60 13.45 34.20
C ASN B 368 -5.18 13.42 32.74
N GLY B 369 -5.31 12.26 32.10
CA GLY B 369 -4.96 12.13 30.70
C GLY B 369 -5.94 12.84 29.78
N THR B 370 -7.20 12.92 30.23
CA THR B 370 -8.25 13.59 29.44
C THR B 370 -8.04 15.09 29.52
N GLY B 371 -7.42 15.54 30.60
CA GLY B 371 -7.18 16.96 30.78
C GLY B 371 -8.39 17.67 31.35
N VAL B 372 -9.40 16.91 31.77
CA VAL B 372 -10.61 17.51 32.35
C VAL B 372 -10.78 17.20 33.84
N GLY B 373 -9.85 16.43 34.40
CA GLY B 373 -9.92 16.11 35.83
C GLY B 373 -9.91 14.66 36.27
N ASN B 374 -10.29 13.74 35.38
CA ASN B 374 -10.33 12.32 35.73
C ASN B 374 -10.36 11.41 34.51
N ASP B 375 -9.87 10.18 34.67
CA ASP B 375 -9.87 9.18 33.60
C ASP B 375 -10.62 7.95 34.09
N ILE B 376 -11.60 7.48 33.32
CA ILE B 376 -12.36 6.29 33.71
C ILE B 376 -11.53 5.01 33.51
N ALA B 377 -11.40 4.22 34.57
CA ALA B 377 -10.61 2.98 34.48
C ALA B 377 -11.35 1.90 33.71
N SER B 378 -11.47 2.10 32.40
CA SER B 378 -12.17 1.15 31.53
C SER B 378 -11.75 -0.31 31.68
N GLU B 379 -10.52 -0.56 32.13
CA GLU B 379 -10.03 -1.93 32.26
C GLU B 379 -10.53 -2.71 33.47
N ARG B 380 -11.33 -2.09 34.34
CA ARG B 380 -11.90 -2.81 35.48
C ARG B 380 -13.08 -3.57 34.87
N ARG B 381 -13.30 -4.81 35.30
CA ARG B 381 -14.38 -5.62 34.76
C ARG B 381 -15.81 -5.07 34.84
N MET B 382 -16.13 -4.30 35.88
CA MET B 382 -17.47 -3.76 35.97
C MET B 382 -17.63 -2.48 35.15
N ALA B 383 -16.51 -1.81 34.91
CA ALA B 383 -16.52 -0.58 34.11
C ALA B 383 -16.64 -0.98 32.65
N ARG B 384 -15.98 -2.08 32.30
CA ARG B 384 -15.99 -2.62 30.94
C ARG B 384 -17.41 -3.06 30.65
N LYS B 385 -18.04 -3.69 31.65
CA LYS B 385 -19.42 -4.15 31.50
C LYS B 385 -20.38 -2.96 31.32
N PHE B 386 -20.15 -1.89 32.08
CA PHE B 386 -21.00 -0.71 31.99
C PHE B 386 -21.00 -0.10 30.58
N ILE B 387 -19.81 0.04 30.02
CA ILE B 387 -19.63 0.60 28.69
C ILE B 387 -20.32 -0.26 27.61
N ALA B 388 -20.18 -1.57 27.71
CA ALA B 388 -20.80 -2.46 26.74
C ALA B 388 -22.32 -2.44 26.89
N ASP B 389 -22.81 -2.42 28.13
CA ASP B 389 -24.25 -2.38 28.41
C ASP B 389 -24.86 -1.09 27.85
N CYS B 390 -24.14 0.02 28.01
CA CYS B 390 -24.61 1.30 27.54
C CYS B 390 -24.77 1.34 26.02
N VAL B 391 -23.73 0.92 25.30
CA VAL B 391 -23.76 0.89 23.84
C VAL B 391 -24.91 0.01 23.31
N VAL B 392 -25.10 -1.15 23.95
CA VAL B 392 -26.16 -2.07 23.54
C VAL B 392 -27.54 -1.46 23.82
N TYR B 393 -27.67 -0.75 24.93
CA TYR B 393 -28.95 -0.14 25.26
C TYR B 393 -29.37 0.91 24.24
N TRP B 394 -28.46 1.80 23.86
CA TRP B 394 -28.81 2.82 22.88
C TRP B 394 -29.14 2.21 21.52
N LEU B 395 -28.48 1.11 21.17
CA LEU B 395 -28.74 0.42 19.91
C LEU B 395 -30.15 -0.19 19.86
N GLU B 396 -30.53 -0.85 20.96
CA GLU B 396 -31.83 -1.50 21.08
C GLU B 396 -33.01 -0.57 21.41
N GLU B 397 -32.81 0.30 22.40
CA GLU B 397 -33.86 1.22 22.83
C GLU B 397 -34.07 2.41 21.88
N TYR B 398 -32.98 2.99 21.39
CA TYR B 398 -33.09 4.15 20.50
C TYR B 398 -32.87 3.87 19.02
N ASN B 399 -32.57 2.62 18.69
CA ASN B 399 -32.41 2.21 17.29
C ASN B 399 -31.38 2.99 16.43
N VAL B 400 -30.23 3.36 16.99
CA VAL B 400 -29.22 4.12 16.25
C VAL B 400 -28.32 3.25 15.35
N ASP B 401 -27.48 3.89 14.54
CA ASP B 401 -26.63 3.15 13.58
C ASP B 401 -25.10 3.19 13.75
N GLY B 402 -24.62 3.58 14.93
CA GLY B 402 -23.19 3.63 15.14
C GLY B 402 -22.80 4.65 16.17
N PHE B 403 -21.52 4.64 16.56
CA PHE B 403 -21.03 5.57 17.56
C PHE B 403 -19.66 6.16 17.23
N ARG B 404 -19.45 7.40 17.65
CA ARG B 404 -18.19 8.12 17.47
C ARG B 404 -17.68 8.24 18.91
N PHE B 405 -16.56 7.58 19.21
CA PHE B 405 -16.01 7.58 20.56
C PHE B 405 -15.07 8.73 20.91
N ASP B 406 -15.50 9.57 21.84
CA ASP B 406 -14.71 10.71 22.29
C ASP B 406 -13.48 10.19 23.03
N LEU B 407 -12.31 10.73 22.71
CA LEU B 407 -11.03 10.32 23.31
C LEU B 407 -10.88 8.80 23.41
N LEU B 408 -11.04 8.16 22.26
CA LEU B 408 -10.93 6.71 22.14
C LEU B 408 -9.63 6.19 22.76
N GLY B 409 -8.57 6.99 22.66
CA GLY B 409 -7.27 6.61 23.18
C GLY B 409 -7.17 6.41 24.69
N ILE B 410 -8.21 6.80 25.43
CA ILE B 410 -8.23 6.64 26.88
C ILE B 410 -8.72 5.24 27.25
N LEU B 411 -9.42 4.60 26.31
CA LEU B 411 -9.94 3.25 26.56
C LEU B 411 -8.92 2.16 26.25
N ASP B 412 -9.04 1.01 26.93
CA ASP B 412 -8.13 -0.10 26.68
C ASP B 412 -8.65 -0.94 25.51
N ILE B 413 -7.73 -1.56 24.78
CA ILE B 413 -8.07 -2.37 23.63
C ILE B 413 -9.05 -3.53 23.91
N ASP B 414 -8.85 -4.25 25.01
CA ASP B 414 -9.74 -5.37 25.33
C ASP B 414 -11.20 -4.93 25.49
N THR B 415 -11.41 -3.77 26.12
CA THR B 415 -12.77 -3.27 26.32
C THR B 415 -13.40 -2.92 24.97
N VAL B 416 -12.62 -2.23 24.13
CA VAL B 416 -13.09 -1.83 22.81
C VAL B 416 -13.46 -3.04 21.94
N LEU B 417 -12.65 -4.09 22.00
CA LEU B 417 -12.94 -5.30 21.23
C LEU B 417 -14.15 -6.03 21.80
N TYR B 418 -14.28 -6.01 23.12
CA TYR B 418 -15.40 -6.65 23.80
C TYR B 418 -16.73 -5.98 23.46
N MET B 419 -16.75 -4.66 23.42
CA MET B 419 -17.99 -3.95 23.10
C MET B 419 -18.30 -4.07 21.61
N LYS B 420 -17.25 -4.21 20.79
CA LYS B 420 -17.43 -4.34 19.35
C LYS B 420 -18.23 -5.60 19.03
N GLU B 421 -17.88 -6.71 19.68
CA GLU B 421 -18.55 -7.99 19.45
C GLU B 421 -20.05 -7.97 19.84
N LYS B 422 -20.38 -7.30 20.93
CA LYS B 422 -21.79 -7.24 21.33
C LYS B 422 -22.54 -6.23 20.48
N ALA B 423 -21.87 -5.15 20.10
CA ALA B 423 -22.50 -4.12 19.28
C ALA B 423 -22.85 -4.65 17.91
N THR B 424 -21.87 -5.24 17.22
CA THR B 424 -22.08 -5.79 15.89
C THR B 424 -23.08 -6.94 15.91
N LYS B 425 -23.08 -7.71 16.99
CA LYS B 425 -24.01 -8.81 17.09
C LYS B 425 -25.41 -8.22 17.20
N ALA B 426 -25.53 -7.18 18.01
CA ALA B 426 -26.81 -6.50 18.22
C ALA B 426 -27.32 -5.77 16.97
N LYS B 427 -26.39 -5.30 16.13
CA LYS B 427 -26.80 -4.62 14.91
C LYS B 427 -25.70 -4.62 13.85
N PRO B 428 -25.77 -5.58 12.91
CA PRO B 428 -24.82 -5.76 11.81
C PRO B 428 -24.70 -4.55 10.88
N GLY B 429 -23.46 -4.19 10.55
CA GLY B 429 -23.22 -3.08 9.65
C GLY B 429 -23.06 -1.72 10.28
N ILE B 430 -23.08 -1.62 11.60
CA ILE B 430 -22.92 -0.31 12.23
C ILE B 430 -21.48 0.18 12.11
N LEU B 431 -21.31 1.50 12.14
CA LEU B 431 -19.99 2.11 12.06
C LEU B 431 -19.51 2.43 13.48
N LEU B 432 -18.24 2.13 13.74
CA LEU B 432 -17.64 2.37 15.04
C LEU B 432 -16.27 2.99 14.84
N PHE B 433 -16.08 4.22 15.30
CA PHE B 433 -14.81 4.93 15.15
C PHE B 433 -14.63 6.00 16.22
N GLY B 434 -13.44 6.60 16.26
CA GLY B 434 -13.20 7.65 17.24
C GLY B 434 -11.83 8.31 17.11
N GLU B 435 -11.52 9.24 18.01
CA GLU B 435 -10.23 9.94 17.98
C GLU B 435 -9.17 9.18 18.79
N GLY B 436 -8.24 8.54 18.08
CA GLY B 436 -7.20 7.78 18.75
C GLY B 436 -5.90 8.53 19.01
N TRP B 437 -6.00 9.73 19.58
CA TRP B 437 -4.81 10.52 19.90
C TRP B 437 -4.02 9.76 20.97
N ASP B 438 -2.70 9.97 21.02
CA ASP B 438 -1.88 9.31 22.03
C ASP B 438 -1.93 10.18 23.29
N LEU B 439 -2.64 9.71 24.31
CA LEU B 439 -2.80 10.47 25.55
C LEU B 439 -2.03 9.92 26.75
N ALA B 440 -1.66 10.82 27.66
CA ALA B 440 -0.90 10.44 28.84
C ALA B 440 -1.75 9.91 29.99
N THR B 441 -2.24 8.68 29.82
CA THR B 441 -3.05 8.05 30.85
C THR B 441 -2.24 6.86 31.38
N PRO B 442 -2.37 6.53 32.67
CA PRO B 442 -1.63 5.40 33.24
C PRO B 442 -1.88 3.99 32.69
N LEU B 443 -1.61 3.79 31.40
CA LEU B 443 -1.76 2.48 30.75
C LEU B 443 -0.60 2.37 29.76
N PRO B 444 0.04 1.21 29.68
CA PRO B 444 1.16 1.02 28.74
C PRO B 444 0.76 1.37 27.31
N HIS B 445 1.70 1.95 26.57
CA HIS B 445 1.48 2.37 25.20
C HIS B 445 0.71 1.37 24.34
N GLU B 446 1.17 0.13 24.28
CA GLU B 446 0.54 -0.90 23.46
C GLU B 446 -0.81 -1.44 23.93
N GLN B 447 -1.31 -0.92 25.04
CA GLN B 447 -2.60 -1.37 25.56
C GLN B 447 -3.76 -0.39 25.36
N LYS B 448 -3.46 0.82 24.92
CA LYS B 448 -4.46 1.85 24.68
C LYS B 448 -5.05 1.74 23.28
N ALA B 449 -6.29 2.20 23.09
CA ALA B 449 -6.95 2.13 21.79
C ALA B 449 -6.62 3.34 20.92
N ALA B 450 -5.32 3.58 20.73
CA ALA B 450 -4.85 4.71 19.94
C ALA B 450 -4.62 4.31 18.47
N LEU B 451 -4.48 5.31 17.61
CA LEU B 451 -4.25 5.05 16.18
C LEU B 451 -3.01 4.18 15.99
N ALA B 452 -2.04 4.33 16.89
CA ALA B 452 -0.80 3.58 16.82
C ALA B 452 -0.97 2.06 16.96
N ASN B 453 -2.14 1.61 17.43
CA ASN B 453 -2.37 0.19 17.60
C ASN B 453 -3.51 -0.35 16.71
N ALA B 454 -3.85 0.42 15.67
CA ALA B 454 -4.92 0.08 14.74
C ALA B 454 -4.88 -1.37 14.20
N PRO B 455 -3.68 -1.93 13.98
CA PRO B 455 -3.61 -3.31 13.47
C PRO B 455 -4.31 -4.32 14.40
N ARG B 456 -4.43 -3.97 15.67
CA ARG B 456 -5.06 -4.86 16.64
C ARG B 456 -6.53 -4.52 16.91
N MET B 457 -7.14 -3.75 16.02
CA MET B 457 -8.54 -3.37 16.17
C MET B 457 -9.28 -3.31 14.83
N PRO B 458 -9.31 -4.42 14.09
CA PRO B 458 -10.03 -4.37 12.80
C PRO B 458 -11.50 -4.13 13.12
N GLY B 459 -12.17 -3.32 12.29
CA GLY B 459 -13.57 -3.04 12.56
C GLY B 459 -13.74 -1.73 13.31
N ILE B 460 -12.64 -1.09 13.67
CA ILE B 460 -12.68 0.19 14.39
C ILE B 460 -11.98 1.25 13.54
N GLY B 461 -12.64 2.40 13.36
CA GLY B 461 -12.04 3.46 12.56
C GLY B 461 -11.40 4.59 13.34
N PHE B 462 -10.61 5.42 12.65
CA PHE B 462 -9.92 6.54 13.30
C PHE B 462 -9.88 7.81 12.45
N PHE B 463 -10.02 8.97 13.10
CA PHE B 463 -9.93 10.25 12.41
C PHE B 463 -8.48 10.36 11.92
N ASN B 464 -8.29 10.64 10.63
CA ASN B 464 -6.96 10.73 10.04
C ASN B 464 -6.38 12.14 10.10
N ASP B 465 -5.68 12.46 11.19
CA ASP B 465 -5.08 13.80 11.35
C ASP B 465 -3.91 14.09 10.40
N MET B 466 -3.25 13.06 9.90
CA MET B 466 -2.15 13.22 8.95
C MET B 466 -2.70 13.83 7.65
N PHE B 467 -3.76 13.23 7.14
CA PHE B 467 -4.42 13.66 5.91
C PHE B 467 -5.01 15.07 6.08
N ARG B 468 -5.53 15.33 7.28
CA ARG B 468 -6.13 16.61 7.63
C ARG B 468 -5.12 17.76 7.50
N ASP B 469 -4.02 17.64 8.21
CA ASP B 469 -2.98 18.67 8.21
C ASP B 469 -2.27 18.79 6.87
N ALA B 470 -2.15 17.67 6.16
CA ALA B 470 -1.51 17.67 4.86
C ALA B 470 -2.28 18.54 3.87
N VAL B 471 -3.61 18.45 3.91
CA VAL B 471 -4.47 19.24 3.02
C VAL B 471 -4.67 20.69 3.49
N LYS B 472 -5.08 20.84 4.75
CA LYS B 472 -5.35 22.16 5.32
C LYS B 472 -4.13 22.89 5.91
N GLY B 473 -3.26 22.13 6.55
CA GLY B 473 -2.09 22.72 7.19
C GLY B 473 -2.07 22.36 8.65
N ASN B 474 -0.90 22.43 9.28
CA ASN B 474 -0.75 22.11 10.70
C ASN B 474 -1.86 22.79 11.52
N THR B 475 -2.59 22.00 12.29
CA THR B 475 -3.70 22.52 13.09
C THR B 475 -3.29 23.33 14.33
N PHE B 476 -2.10 23.07 14.87
CA PHE B 476 -1.67 23.78 16.06
C PHE B 476 -0.82 25.02 15.81
N HIS B 477 -0.50 25.26 14.54
CA HIS B 477 0.27 26.44 14.16
C HIS B 477 -0.61 27.25 13.22
N LEU B 478 -1.33 28.19 13.82
CA LEU B 478 -2.28 29.04 13.12
C LEU B 478 -1.94 29.44 11.68
N LYS B 479 -0.71 29.89 11.47
CA LYS B 479 -0.28 30.33 10.14
C LYS B 479 0.22 29.24 9.21
N ALA B 480 0.53 28.06 9.74
CA ALA B 480 1.01 26.96 8.92
C ALA B 480 0.04 26.71 7.75
N THR B 481 0.58 26.33 6.59
CA THR B 481 -0.25 26.06 5.42
C THR B 481 -0.10 24.63 4.91
N GLY B 482 -1.10 24.18 4.14
CA GLY B 482 -1.10 22.85 3.57
C GLY B 482 -1.21 22.94 2.05
N PHE B 483 -1.23 21.77 1.38
CA PHE B 483 -1.32 21.70 -0.08
C PHE B 483 -2.44 22.53 -0.72
N ALA B 484 -3.64 22.46 -0.15
CA ALA B 484 -4.76 23.22 -0.69
C ALA B 484 -4.55 24.73 -0.52
N LEU B 485 -3.71 25.10 0.44
CA LEU B 485 -3.41 26.52 0.71
C LEU B 485 -2.14 26.98 0.01
N GLY B 486 -1.53 26.11 -0.79
CA GLY B 486 -0.32 26.48 -1.52
C GLY B 486 1.04 25.99 -1.04
N ASN B 487 1.07 25.09 -0.06
CA ASN B 487 2.35 24.57 0.44
C ASN B 487 2.77 23.31 -0.35
N GLY B 488 3.90 23.40 -1.02
CA GLY B 488 4.38 22.28 -1.82
C GLY B 488 5.01 21.12 -1.08
N GLU B 489 5.37 21.30 0.18
CA GLU B 489 5.98 20.21 0.93
C GLU B 489 4.96 19.21 1.46
N SER B 490 3.69 19.43 1.14
CA SER B 490 2.64 18.54 1.63
C SER B 490 2.10 17.62 0.55
N ALA B 491 2.50 17.88 -0.70
CA ALA B 491 2.03 17.11 -1.83
C ALA B 491 2.08 15.59 -1.66
N GLN B 492 3.23 15.04 -1.29
CA GLN B 492 3.33 13.60 -1.16
C GLN B 492 2.36 12.98 -0.14
N ALA B 493 2.22 13.63 1.02
CA ALA B 493 1.32 13.14 2.06
C ALA B 493 -0.12 13.10 1.56
N VAL B 494 -0.52 14.13 0.83
CA VAL B 494 -1.88 14.19 0.28
C VAL B 494 -2.14 12.98 -0.62
N MET B 495 -1.19 12.65 -1.49
CA MET B 495 -1.35 11.52 -2.40
C MET B 495 -1.53 10.23 -1.60
N HIS B 496 -0.85 10.14 -0.45
CA HIS B 496 -0.94 8.96 0.42
C HIS B 496 -2.37 8.80 0.93
N GLY B 497 -2.99 9.92 1.33
CA GLY B 497 -4.35 9.91 1.83
C GLY B 497 -5.39 9.63 0.76
N ILE B 498 -5.11 10.09 -0.45
CA ILE B 498 -6.00 9.88 -1.58
C ILE B 498 -5.98 8.39 -1.91
N ALA B 499 -4.88 7.74 -1.55
CA ALA B 499 -4.73 6.30 -1.80
C ALA B 499 -5.26 5.47 -0.64
N GLY B 500 -5.83 6.12 0.37
CA GLY B 500 -6.37 5.37 1.51
C GLY B 500 -5.49 5.21 2.74
N SER B 501 -4.35 5.91 2.78
CA SER B 501 -3.45 5.86 3.93
C SER B 501 -3.05 4.47 4.41
N SER B 502 -2.96 3.51 3.49
CA SER B 502 -2.57 2.15 3.86
C SER B 502 -1.15 1.85 3.40
N GLY B 503 -0.31 2.89 3.40
CA GLY B 503 1.06 2.74 2.97
C GLY B 503 1.23 3.26 1.55
N TRP B 504 2.23 4.11 1.35
CA TRP B 504 2.51 4.66 0.02
C TRP B 504 3.99 4.54 -0.25
N LYS B 505 4.36 3.43 -0.87
CA LYS B 505 5.74 3.11 -1.23
C LYS B 505 6.77 4.04 -0.57
N ALA B 506 7.18 3.66 0.64
CA ALA B 506 8.16 4.39 1.46
C ALA B 506 7.51 4.87 2.75
N LEU B 507 6.47 5.68 2.62
CA LEU B 507 5.76 6.19 3.78
C LEU B 507 5.08 5.02 4.49
N ALA B 508 5.06 5.07 5.82
CA ALA B 508 4.45 4.00 6.61
C ALA B 508 2.93 4.15 6.63
N PRO B 509 2.19 3.03 6.60
CA PRO B 509 0.74 3.00 6.62
C PRO B 509 0.19 3.68 7.87
N ILE B 510 -0.94 4.39 7.74
CA ILE B 510 -1.54 5.04 8.89
C ILE B 510 -2.48 4.00 9.48
N VAL B 511 -3.12 3.24 8.61
CA VAL B 511 -4.03 2.17 9.00
C VAL B 511 -3.94 1.04 7.98
N PRO B 512 -4.23 -0.19 8.42
CA PRO B 512 -4.19 -1.39 7.56
C PRO B 512 -5.17 -1.39 6.36
N GLU B 513 -6.41 -0.97 6.61
CA GLU B 513 -7.43 -0.94 5.55
C GLU B 513 -8.18 0.39 5.45
N PRO B 514 -8.59 0.77 4.22
CA PRO B 514 -9.32 2.01 3.95
C PRO B 514 -10.56 2.24 4.83
N SER B 515 -11.30 1.18 5.12
CA SER B 515 -12.49 1.30 5.94
C SER B 515 -12.21 1.80 7.37
N GLN B 516 -10.93 1.98 7.70
CA GLN B 516 -10.55 2.45 9.03
C GLN B 516 -10.05 3.90 9.03
N SER B 517 -10.06 4.53 7.86
CA SER B 517 -9.61 5.91 7.72
C SER B 517 -10.76 6.91 7.55
N ILE B 518 -11.03 7.68 8.59
CA ILE B 518 -12.06 8.72 8.56
C ILE B 518 -11.40 9.95 7.98
N ASN B 519 -11.70 10.24 6.70
CA ASN B 519 -11.08 11.39 6.02
C ASN B 519 -11.85 12.69 6.22
N TYR B 520 -11.16 13.74 6.65
CA TYR B 520 -11.81 15.03 6.87
C TYR B 520 -10.82 16.19 6.92
N VAL B 521 -11.34 17.41 6.91
CA VAL B 521 -10.51 18.61 6.99
C VAL B 521 -11.07 19.59 8.02
N GLU B 522 -12.30 19.36 8.46
CA GLU B 522 -12.94 20.23 9.45
C GLU B 522 -13.87 19.44 10.38
N SER B 523 -13.94 19.86 11.66
CA SER B 523 -14.83 19.24 12.65
C SER B 523 -15.25 20.33 13.63
N HIS B 524 -15.95 19.97 14.70
CA HIS B 524 -16.37 20.97 15.67
C HIS B 524 -15.17 21.53 16.45
N ASP B 525 -14.09 20.76 16.51
CA ASP B 525 -12.85 21.14 17.20
C ASP B 525 -12.00 22.08 16.34
N ASN B 526 -11.29 23.00 16.99
CA ASN B 526 -10.39 23.96 16.31
C ASN B 526 -11.06 24.91 15.30
N HIS B 527 -10.29 25.86 14.77
CA HIS B 527 -10.80 26.83 13.78
C HIS B 527 -11.46 26.11 12.61
N THR B 528 -12.47 26.74 12.01
CA THR B 528 -13.12 26.13 10.86
C THR B 528 -12.13 26.27 9.71
N PHE B 529 -12.34 25.55 8.61
CA PHE B 529 -11.40 25.65 7.51
C PHE B 529 -11.31 27.10 7.05
N TRP B 530 -12.46 27.77 6.98
CA TRP B 530 -12.48 29.16 6.54
C TRP B 530 -11.77 30.14 7.47
N ASP B 531 -12.02 30.01 8.78
CA ASP B 531 -11.38 30.89 9.75
C ASP B 531 -9.87 30.68 9.75
N LYS B 532 -9.45 29.42 9.69
CA LYS B 532 -8.02 29.08 9.67
C LYS B 532 -7.34 29.69 8.45
N MET B 533 -7.95 29.51 7.28
CA MET B 533 -7.43 30.02 6.02
C MET B 533 -7.34 31.55 6.02
N SER B 534 -8.26 32.19 6.73
CA SER B 534 -8.28 33.64 6.79
C SER B 534 -7.05 34.20 7.50
N PHE B 535 -6.49 33.43 8.45
CA PHE B 535 -5.31 33.85 9.19
C PHE B 535 -4.02 33.60 8.42
N ALA B 536 -3.93 32.43 7.77
CA ALA B 536 -2.75 32.03 7.02
C ALA B 536 -2.56 32.63 5.63
N LEU B 537 -3.63 33.16 5.04
CA LEU B 537 -3.56 33.77 3.71
C LEU B 537 -4.30 35.11 3.71
N PRO B 538 -3.89 36.03 4.61
CA PRO B 538 -4.52 37.36 4.74
C PRO B 538 -4.51 38.25 3.50
N GLN B 539 -3.63 37.95 2.54
CA GLN B 539 -3.53 38.77 1.34
C GLN B 539 -4.42 38.38 0.17
N GLU B 540 -4.86 37.13 0.12
CA GLU B 540 -5.71 36.69 -0.99
C GLU B 540 -7.17 37.12 -0.85
N ASN B 541 -7.84 37.29 -2.00
CA ASN B 541 -9.24 37.71 -2.00
C ASN B 541 -10.20 36.56 -1.66
N ASP B 542 -11.48 36.90 -1.47
CA ASP B 542 -12.49 35.91 -1.11
C ASP B 542 -12.79 34.89 -2.20
N SER B 543 -12.65 35.30 -3.46
CA SER B 543 -12.90 34.39 -4.57
C SER B 543 -11.86 33.25 -4.59
N ARG B 544 -10.61 33.59 -4.28
CA ARG B 544 -9.55 32.59 -4.26
C ARG B 544 -9.68 31.69 -3.05
N LYS B 545 -9.96 32.28 -1.89
CA LYS B 545 -10.13 31.51 -0.68
C LYS B 545 -11.25 30.47 -0.90
N ARG B 546 -12.35 30.89 -1.51
CA ARG B 546 -13.46 29.96 -1.77
C ARG B 546 -13.02 28.81 -2.67
N SER B 547 -12.21 29.11 -3.69
CA SER B 547 -11.77 28.06 -4.60
C SER B 547 -10.86 27.04 -3.91
N ARG B 548 -10.06 27.50 -2.95
CA ARG B 548 -9.15 26.61 -2.23
C ARG B 548 -9.90 25.73 -1.23
N GLN B 549 -11.02 26.22 -0.69
CA GLN B 549 -11.77 25.41 0.26
C GLN B 549 -12.58 24.36 -0.50
N ARG B 550 -13.10 24.73 -1.67
CA ARG B 550 -13.85 23.79 -2.50
C ARG B 550 -12.92 22.65 -2.94
N LEU B 551 -11.66 22.98 -3.22
CA LEU B 551 -10.66 22.00 -3.63
C LEU B 551 -10.41 21.01 -2.49
N ALA B 552 -10.37 21.50 -1.26
CA ALA B 552 -10.14 20.64 -0.11
C ALA B 552 -11.26 19.59 -0.06
N VAL B 553 -12.47 20.00 -0.39
CA VAL B 553 -13.63 19.10 -0.40
C VAL B 553 -13.50 18.04 -1.49
N ALA B 554 -13.05 18.45 -2.67
CA ALA B 554 -12.89 17.53 -3.78
C ALA B 554 -11.84 16.46 -3.44
N ILE B 555 -10.75 16.89 -2.83
CA ILE B 555 -9.69 15.96 -2.46
C ILE B 555 -10.22 14.88 -1.50
N ILE B 556 -10.90 15.32 -0.45
CA ILE B 556 -11.48 14.43 0.55
C ILE B 556 -12.59 13.53 -0.02
N LEU B 557 -13.53 14.12 -0.75
CA LEU B 557 -14.65 13.38 -1.32
C LEU B 557 -14.29 12.38 -2.42
N LEU B 558 -13.16 12.59 -3.10
CA LEU B 558 -12.76 11.65 -4.16
C LEU B 558 -11.61 10.74 -3.73
N ALA B 559 -11.35 10.67 -2.42
CA ALA B 559 -10.28 9.84 -1.88
C ALA B 559 -10.79 8.50 -1.34
N GLN B 560 -9.96 7.46 -1.41
CA GLN B 560 -10.36 6.17 -0.88
C GLN B 560 -10.45 6.36 0.65
N GLY B 561 -11.40 5.68 1.29
CA GLY B 561 -11.57 5.83 2.72
C GLY B 561 -13.01 6.22 3.04
N VAL B 562 -13.22 6.78 4.24
CA VAL B 562 -14.54 7.20 4.69
C VAL B 562 -14.65 8.72 4.85
N PRO B 563 -15.37 9.39 3.92
CA PRO B 563 -15.53 10.85 3.96
C PRO B 563 -16.41 11.38 5.10
N PHE B 564 -15.92 12.43 5.76
CA PHE B 564 -16.59 13.06 6.90
C PHE B 564 -16.66 14.57 6.68
N ILE B 565 -17.84 15.14 6.80
CA ILE B 565 -18.02 16.56 6.59
C ILE B 565 -18.61 17.27 7.82
N HIS B 566 -18.06 18.43 8.15
CA HIS B 566 -18.56 19.20 9.28
C HIS B 566 -19.74 20.03 8.76
N SER B 567 -20.81 20.12 9.55
CA SER B 567 -21.99 20.88 9.15
C SER B 567 -21.67 22.36 8.90
N GLY B 568 -21.97 22.84 7.69
CA GLY B 568 -21.70 24.23 7.36
C GLY B 568 -20.46 24.41 6.51
N GLN B 569 -19.60 23.39 6.49
CA GLN B 569 -18.36 23.40 5.71
C GLN B 569 -18.68 23.66 4.23
N GLU B 570 -19.77 23.07 3.75
CA GLU B 570 -20.20 23.23 2.36
C GLU B 570 -20.42 24.71 1.97
N PHE B 571 -20.68 25.56 2.95
CA PHE B 571 -20.82 26.98 2.67
C PHE B 571 -19.91 27.84 3.54
N PHE B 572 -18.65 27.41 3.60
CA PHE B 572 -17.59 28.10 4.32
C PHE B 572 -17.96 28.63 5.71
N ARG B 573 -18.50 27.76 6.56
CA ARG B 573 -18.90 28.16 7.91
C ARG B 573 -17.80 28.90 8.69
N THR B 574 -18.18 29.98 9.35
CA THR B 574 -17.24 30.75 10.14
C THR B 574 -17.72 30.86 11.57
N LYS B 575 -16.77 30.85 12.50
CA LYS B 575 -17.08 30.99 13.93
C LYS B 575 -16.47 32.30 14.42
N GLN B 576 -16.36 33.26 13.52
CA GLN B 576 -15.84 34.58 13.84
C GLN B 576 -14.46 34.57 14.47
N GLY B 577 -13.65 33.57 14.09
CA GLY B 577 -12.30 33.48 14.62
C GLY B 577 -12.07 32.69 15.90
N VAL B 578 -13.15 32.21 16.53
CA VAL B 578 -12.98 31.44 17.77
C VAL B 578 -12.43 30.04 17.48
N GLU B 579 -11.40 29.67 18.22
CA GLU B 579 -10.75 28.38 18.03
C GLU B 579 -11.39 27.19 18.76
N ASN B 580 -11.81 27.41 20.00
CA ASN B 580 -12.42 26.37 20.84
C ASN B 580 -13.73 26.93 21.39
N SER B 581 -14.81 26.72 20.65
CA SER B 581 -16.11 27.28 21.01
C SER B 581 -17.08 26.46 21.87
N TYR B 582 -16.58 25.52 22.65
CA TYR B 582 -17.44 24.68 23.46
C TYR B 582 -18.50 25.39 24.32
N GLN B 583 -18.25 26.63 24.71
CA GLN B 583 -19.22 27.37 25.52
C GLN B 583 -19.55 28.76 24.99
N SER B 584 -19.27 29.00 23.71
CA SER B 584 -19.54 30.29 23.10
C SER B 584 -21.03 30.48 22.85
N SER B 585 -21.44 31.72 22.62
CA SER B 585 -22.85 32.07 22.38
C SER B 585 -23.38 31.51 21.06
N ASP B 586 -24.70 31.64 20.87
CA ASP B 586 -25.36 31.16 19.67
C ASP B 586 -24.96 31.95 18.41
N SER B 587 -24.57 33.22 18.60
CA SER B 587 -24.18 34.03 17.46
C SER B 587 -22.82 33.56 16.95
N ILE B 588 -22.10 32.79 17.76
CA ILE B 588 -20.80 32.25 17.38
C ILE B 588 -20.95 30.83 16.82
N ASN B 589 -21.85 30.04 17.42
CA ASN B 589 -22.06 28.65 17.05
C ASN B 589 -23.24 28.26 16.16
N GLN B 590 -24.20 29.16 15.92
CA GLN B 590 -25.35 28.78 15.10
C GLN B 590 -25.04 28.51 13.63
N LEU B 591 -25.83 27.61 13.03
CA LEU B 591 -25.68 27.27 11.60
C LEU B 591 -26.37 28.42 10.86
N ASP B 592 -25.61 29.20 10.11
CA ASP B 592 -26.16 30.37 9.41
C ASP B 592 -26.84 30.04 8.09
N TRP B 593 -28.16 29.95 8.12
CA TRP B 593 -28.91 29.63 6.91
C TRP B 593 -28.95 30.74 5.86
N ASP B 594 -28.59 31.97 6.24
CA ASP B 594 -28.55 33.07 5.27
C ASP B 594 -27.32 32.82 4.40
N ARG B 595 -26.28 32.25 5.03
CA ARG B 595 -25.01 31.92 4.39
C ARG B 595 -25.17 30.76 3.42
N ARG B 596 -26.03 29.82 3.80
CA ARG B 596 -26.30 28.65 2.97
C ARG B 596 -26.99 29.14 1.70
N GLU B 597 -27.74 30.22 1.85
CA GLU B 597 -28.48 30.84 0.76
C GLU B 597 -27.51 31.65 -0.11
N THR B 598 -26.72 32.50 0.53
CA THR B 598 -25.74 33.32 -0.17
C THR B 598 -24.79 32.55 -1.07
N PHE B 599 -24.37 31.37 -0.61
CA PHE B 599 -23.43 30.55 -1.38
C PHE B 599 -24.06 29.26 -1.89
N LYS B 600 -25.31 29.34 -2.32
CA LYS B 600 -26.02 28.18 -2.85
C LYS B 600 -25.25 27.48 -3.97
N GLU B 601 -24.63 28.26 -4.85
CA GLU B 601 -23.88 27.69 -5.98
C GLU B 601 -22.71 26.82 -5.52
N ASP B 602 -21.98 27.27 -4.50
CA ASP B 602 -20.85 26.49 -3.98
C ASP B 602 -21.39 25.20 -3.32
N VAL B 603 -22.53 25.30 -2.66
CA VAL B 603 -23.16 24.16 -2.00
C VAL B 603 -23.56 23.11 -3.04
N HIS B 604 -23.96 23.58 -4.23
CA HIS B 604 -24.35 22.68 -5.31
C HIS B 604 -23.13 21.90 -5.82
N TYR B 605 -21.97 22.54 -5.80
CA TYR B 605 -20.74 21.88 -6.25
C TYR B 605 -20.44 20.68 -5.34
N ILE B 606 -20.63 20.87 -4.04
CA ILE B 606 -20.38 19.80 -3.09
C ILE B 606 -21.40 18.69 -3.32
N ARG B 607 -22.64 19.07 -3.57
CA ARG B 607 -23.70 18.10 -3.82
C ARG B 607 -23.38 17.20 -5.01
N ARG B 608 -22.76 17.77 -6.05
CA ARG B 608 -22.41 17.00 -7.24
C ARG B 608 -21.22 16.06 -7.04
N LEU B 609 -20.23 16.49 -6.25
CA LEU B 609 -19.08 15.63 -5.97
C LEU B 609 -19.61 14.39 -5.26
N ILE B 610 -20.48 14.59 -4.28
CA ILE B 610 -21.04 13.48 -3.52
C ILE B 610 -21.83 12.57 -4.47
N SER B 611 -22.54 13.17 -5.41
CA SER B 611 -23.34 12.43 -6.40
C SER B 611 -22.43 11.57 -7.29
N LEU B 612 -21.26 12.12 -7.61
CA LEU B 612 -20.29 11.43 -8.44
C LEU B 612 -19.69 10.24 -7.69
N ARG B 613 -19.40 10.45 -6.40
CA ARG B 613 -18.83 9.38 -5.60
C ARG B 613 -19.82 8.22 -5.47
N LYS B 614 -21.09 8.55 -5.27
CA LYS B 614 -22.11 7.54 -5.14
C LYS B 614 -22.35 6.75 -6.44
N ALA B 615 -22.13 7.38 -7.59
CA ALA B 615 -22.37 6.72 -8.86
C ALA B 615 -21.19 5.92 -9.42
N HIS B 616 -20.01 6.05 -8.82
CA HIS B 616 -18.84 5.33 -9.33
C HIS B 616 -18.02 4.59 -8.28
N PRO B 617 -18.24 3.26 -8.17
CA PRO B 617 -17.56 2.35 -7.22
C PRO B 617 -16.04 2.46 -7.26
N ALA B 618 -15.51 3.10 -8.30
CA ALA B 618 -14.07 3.29 -8.43
C ALA B 618 -13.52 4.13 -7.28
N PHE B 619 -14.32 5.05 -6.76
CA PHE B 619 -13.91 5.89 -5.65
C PHE B 619 -14.20 5.18 -4.32
N ARG B 620 -14.68 3.94 -4.40
CA ARG B 620 -15.00 3.20 -3.20
C ARG B 620 -14.45 1.77 -3.11
N LEU B 621 -13.15 1.65 -3.37
CA LEU B 621 -12.43 0.39 -3.33
C LEU B 621 -12.44 -0.18 -1.91
N ARG B 622 -12.86 -1.44 -1.77
CA ARG B 622 -12.99 -2.09 -0.47
C ARG B 622 -11.74 -2.57 0.26
N SER B 623 -10.61 -2.68 -0.42
CA SER B 623 -9.40 -3.16 0.27
C SER B 623 -8.13 -2.47 -0.21
N ALA B 624 -7.06 -2.61 0.58
CA ALA B 624 -5.79 -2.01 0.21
C ALA B 624 -5.20 -2.71 -1.01
N ALA B 625 -5.50 -4.01 -1.13
CA ALA B 625 -5.02 -4.82 -2.25
C ALA B 625 -5.72 -4.38 -3.53
N ASP B 626 -7.03 -4.09 -3.43
CA ASP B 626 -7.77 -3.64 -4.61
C ASP B 626 -7.26 -2.27 -5.07
N ILE B 627 -6.88 -1.43 -4.10
CA ILE B 627 -6.38 -0.10 -4.42
C ILE B 627 -5.05 -0.21 -5.14
N GLN B 628 -4.24 -1.15 -4.70
CA GLN B 628 -2.92 -1.42 -5.28
C GLN B 628 -3.07 -1.81 -6.75
N ARG B 629 -4.16 -2.49 -7.05
CA ARG B 629 -4.47 -2.98 -8.40
C ARG B 629 -5.14 -1.98 -9.35
N HIS B 630 -5.93 -1.06 -8.81
CA HIS B 630 -6.63 -0.10 -9.66
C HIS B 630 -6.34 1.39 -9.53
N LEU B 631 -5.39 1.78 -8.68
CA LEU B 631 -5.07 3.19 -8.52
C LEU B 631 -3.59 3.51 -8.66
N GLU B 632 -3.26 4.46 -9.53
CA GLU B 632 -1.87 4.87 -9.72
C GLU B 632 -1.72 6.39 -9.80
N CYS B 633 -0.56 6.87 -9.37
CA CYS B 633 -0.26 8.30 -9.41
C CYS B 633 0.42 8.62 -10.73
N LEU B 634 -0.04 9.67 -11.39
CA LEU B 634 0.51 10.08 -12.68
C LEU B 634 1.50 11.25 -12.56
N THR B 635 1.16 12.23 -11.73
CA THR B 635 2.01 13.39 -11.53
C THR B 635 1.92 13.90 -10.09
N LEU B 636 3.04 14.26 -9.51
CA LEU B 636 3.06 14.75 -8.15
C LEU B 636 4.06 15.91 -8.04
N LYS B 637 3.55 17.13 -8.00
CA LYS B 637 4.40 18.32 -7.91
C LYS B 637 3.96 19.24 -6.78
N GLU B 638 4.65 20.38 -6.63
CA GLU B 638 4.33 21.34 -5.59
C GLU B 638 2.86 21.74 -5.54
N HIS B 639 2.30 22.13 -6.68
CA HIS B 639 0.91 22.56 -6.73
C HIS B 639 0.06 21.75 -7.72
N LEU B 640 0.49 20.55 -8.06
CA LEU B 640 -0.26 19.76 -9.03
C LEU B 640 -0.18 18.26 -8.78
N ILE B 641 -1.32 17.65 -8.52
CA ILE B 641 -1.39 16.22 -8.28
C ILE B 641 -2.38 15.62 -9.26
N ALA B 642 -1.97 14.55 -9.94
CA ALA B 642 -2.85 13.90 -10.90
C ALA B 642 -2.78 12.41 -10.68
N TYR B 643 -3.94 11.75 -10.55
CA TYR B 643 -3.95 10.31 -10.36
C TYR B 643 -5.02 9.69 -11.25
N ARG B 644 -5.08 8.36 -11.29
CA ARG B 644 -6.05 7.69 -12.13
C ARG B 644 -6.48 6.30 -11.64
N LEU B 645 -7.74 5.95 -11.91
CA LEU B 645 -8.31 4.65 -11.53
C LEU B 645 -8.51 3.85 -12.83
N TYR B 646 -7.94 2.66 -12.92
CA TYR B 646 -8.04 1.88 -14.15
C TYR B 646 -8.50 0.44 -14.02
N ASP B 647 -8.64 -0.22 -15.17
CA ASP B 647 -9.11 -1.62 -15.25
C ASP B 647 -10.34 -1.79 -14.39
N LEU B 648 -11.35 -0.96 -14.66
CA LEU B 648 -12.61 -0.95 -13.91
C LEU B 648 -13.71 -1.65 -14.69
N ASP B 649 -13.33 -2.45 -15.68
CA ASP B 649 -14.28 -3.14 -16.54
C ASP B 649 -15.40 -3.93 -15.86
N GLU B 650 -15.18 -4.41 -14.64
CA GLU B 650 -16.21 -5.16 -13.94
C GLU B 650 -16.59 -4.50 -12.63
N VAL B 651 -16.32 -3.20 -12.53
CA VAL B 651 -16.59 -2.46 -11.32
C VAL B 651 -17.37 -1.18 -11.54
N ASP B 652 -16.85 -0.35 -12.44
CA ASP B 652 -17.45 0.94 -12.73
C ASP B 652 -18.04 1.02 -14.14
N GLU B 653 -18.94 1.98 -14.34
CA GLU B 653 -19.58 2.20 -15.62
C GLU B 653 -18.55 2.77 -16.60
N TRP B 654 -17.54 3.46 -16.05
CA TRP B 654 -16.49 4.03 -16.88
C TRP B 654 -15.25 3.16 -16.81
N LYS B 655 -14.56 3.06 -17.94
CA LYS B 655 -13.36 2.23 -18.05
C LYS B 655 -12.10 2.84 -17.43
N ASP B 656 -11.99 4.16 -17.48
CA ASP B 656 -10.84 4.85 -16.94
C ASP B 656 -11.27 6.21 -16.40
N ILE B 657 -10.68 6.62 -15.27
CA ILE B 657 -11.02 7.92 -14.68
C ILE B 657 -9.76 8.67 -14.25
N ILE B 658 -9.61 9.91 -14.72
CA ILE B 658 -8.45 10.73 -14.37
C ILE B 658 -8.86 11.98 -13.58
N VAL B 659 -8.20 12.20 -12.45
CA VAL B 659 -8.47 13.33 -11.59
C VAL B 659 -7.20 14.13 -11.35
N ILE B 660 -7.28 15.44 -11.46
CA ILE B 660 -6.11 16.28 -11.21
C ILE B 660 -6.47 17.53 -10.41
N HIS B 661 -5.80 17.68 -9.27
CA HIS B 661 -6.03 18.81 -8.39
C HIS B 661 -4.94 19.86 -8.60
N HIS B 662 -5.35 21.12 -8.67
CA HIS B 662 -4.41 22.20 -8.88
C HIS B 662 -4.56 23.27 -7.81
N ALA B 663 -3.50 23.53 -7.07
CA ALA B 663 -3.54 24.53 -5.99
C ALA B 663 -2.75 25.80 -6.29
N SER B 664 -2.71 26.18 -7.56
CA SER B 664 -1.98 27.37 -8.00
C SER B 664 -2.88 28.14 -8.97
N PRO B 665 -2.92 29.48 -8.86
CA PRO B 665 -3.75 30.35 -9.71
C PRO B 665 -3.36 30.53 -11.18
N ASP B 666 -2.16 30.09 -11.56
CA ASP B 666 -1.75 30.25 -12.94
C ASP B 666 -2.38 29.17 -13.83
N SER B 667 -2.09 29.26 -15.13
CA SER B 667 -2.63 28.33 -16.11
C SER B 667 -1.51 27.45 -16.66
N VAL B 668 -1.76 26.15 -16.80
CA VAL B 668 -0.77 25.22 -17.32
C VAL B 668 -1.39 24.11 -18.17
N GLU B 669 -0.53 23.43 -18.94
CA GLU B 669 -0.98 22.33 -19.78
C GLU B 669 -0.55 21.01 -19.14
N TRP B 670 -1.25 19.94 -19.47
CA TRP B 670 -0.93 18.63 -18.91
C TRP B 670 -1.08 17.52 -19.96
N ARG B 671 -0.06 16.67 -20.06
CA ARG B 671 -0.07 15.56 -21.02
C ARG B 671 -0.75 14.31 -20.47
N LEU B 672 -1.78 13.83 -21.16
CA LEU B 672 -2.44 12.60 -20.74
C LEU B 672 -1.47 11.45 -21.02
N PRO B 673 -1.67 10.28 -20.37
CA PRO B 673 -0.81 9.11 -20.53
C PRO B 673 -0.98 8.33 -21.85
N ASN B 674 -1.84 8.82 -22.73
CA ASN B 674 -2.05 8.15 -24.02
C ASN B 674 -2.65 9.10 -25.04
N ASP B 675 -3.14 8.54 -26.16
CA ASP B 675 -3.71 9.35 -27.21
C ASP B 675 -5.19 9.10 -27.48
N ILE B 676 -5.87 8.43 -26.56
CA ILE B 676 -7.29 8.15 -26.73
C ILE B 676 -8.14 9.36 -26.30
N PRO B 677 -9.25 9.63 -27.01
CA PRO B 677 -10.12 10.76 -26.65
C PRO B 677 -10.87 10.55 -25.34
N TYR B 678 -10.88 11.57 -24.49
CA TYR B 678 -11.55 11.51 -23.19
C TYR B 678 -12.66 12.55 -23.06
N ARG B 679 -13.56 12.31 -22.10
CA ARG B 679 -14.65 13.24 -21.83
C ARG B 679 -14.24 14.17 -20.67
N LEU B 680 -14.40 15.47 -20.88
CA LEU B 680 -14.07 16.48 -19.87
C LEU B 680 -15.35 16.74 -19.08
N LEU B 681 -15.45 16.11 -17.91
CA LEU B 681 -16.64 16.22 -17.06
C LEU B 681 -16.61 17.38 -16.07
N CYS B 682 -15.42 17.84 -15.71
CA CYS B 682 -15.28 18.91 -14.73
C CYS B 682 -13.93 19.59 -14.82
N ASP B 683 -13.91 20.89 -14.51
CA ASP B 683 -12.69 21.70 -14.50
C ASP B 683 -12.84 22.76 -13.39
N PRO B 684 -11.82 23.63 -13.20
CA PRO B 684 -11.91 24.66 -12.16
C PRO B 684 -13.18 25.51 -12.17
N SER B 685 -13.98 25.38 -13.23
CA SER B 685 -15.23 26.13 -13.36
C SER B 685 -16.41 25.34 -12.82
N GLY B 686 -16.26 24.03 -12.73
CA GLY B 686 -17.33 23.19 -12.25
C GLY B 686 -17.65 22.09 -13.23
N PHE B 687 -18.73 21.36 -12.96
CA PHE B 687 -19.15 20.28 -13.84
C PHE B 687 -19.77 20.78 -15.15
N GLN B 688 -19.57 20.01 -16.21
CA GLN B 688 -20.09 20.36 -17.53
C GLN B 688 -21.42 19.68 -17.78
N GLU B 689 -22.39 20.45 -18.28
CA GLU B 689 -23.74 19.93 -18.55
C GLU B 689 -23.84 18.86 -19.64
N ASP B 690 -22.75 18.67 -20.38
CA ASP B 690 -22.68 17.66 -21.44
C ASP B 690 -21.23 17.56 -21.91
N PRO B 691 -20.40 16.84 -21.14
CA PRO B 691 -18.98 16.64 -21.41
C PRO B 691 -18.62 16.49 -22.89
N THR B 692 -17.63 17.27 -23.30
CA THR B 692 -17.16 17.22 -24.68
C THR B 692 -15.97 16.26 -24.71
N GLU B 693 -15.24 16.19 -25.81
CA GLU B 693 -14.09 15.30 -25.89
C GLU B 693 -12.77 16.02 -26.13
N ILE B 694 -11.71 15.54 -25.47
CA ILE B 694 -10.39 16.13 -25.66
C ILE B 694 -9.37 15.03 -25.97
N LYS B 695 -8.23 15.45 -26.52
CA LYS B 695 -7.18 14.50 -26.89
C LYS B 695 -5.78 14.99 -26.55
N LYS B 696 -4.93 14.05 -26.15
CA LYS B 696 -3.53 14.31 -25.82
C LYS B 696 -3.21 15.27 -24.68
N THR B 697 -3.68 16.51 -24.76
CA THR B 697 -3.40 17.47 -23.69
C THR B 697 -4.67 18.16 -23.21
N VAL B 698 -4.59 18.75 -22.01
CA VAL B 698 -5.72 19.44 -21.42
C VAL B 698 -5.22 20.67 -20.67
N ALA B 699 -6.02 21.72 -20.63
CA ALA B 699 -5.64 22.95 -19.95
C ALA B 699 -6.12 22.99 -18.51
N VAL B 700 -5.21 23.32 -17.59
CA VAL B 700 -5.54 23.42 -16.18
C VAL B 700 -5.45 24.89 -15.79
N ASN B 701 -6.57 25.59 -15.89
CA ASN B 701 -6.61 27.03 -15.59
C ASN B 701 -7.06 27.36 -14.17
N GLY B 702 -6.12 27.86 -13.36
CA GLY B 702 -6.45 28.25 -12.00
C GLY B 702 -6.62 27.16 -10.95
N ILE B 703 -7.04 27.58 -9.77
CA ILE B 703 -7.24 26.67 -8.64
C ILE B 703 -8.56 25.91 -8.77
N GLY B 704 -8.46 24.58 -8.78
CA GLY B 704 -9.64 23.75 -8.92
C GLY B 704 -9.33 22.31 -9.25
N THR B 705 -10.33 21.59 -9.76
CA THR B 705 -10.17 20.18 -10.10
C THR B 705 -10.72 19.87 -11.48
N VAL B 706 -10.00 19.09 -12.27
CA VAL B 706 -10.49 18.69 -13.58
C VAL B 706 -10.62 17.17 -13.55
N ILE B 707 -11.72 16.67 -14.09
CA ILE B 707 -11.98 15.23 -14.12
C ILE B 707 -12.25 14.78 -15.56
N LEU B 708 -11.57 13.71 -15.97
CA LEU B 708 -11.70 13.17 -17.32
C LEU B 708 -12.09 11.71 -17.22
N TYR B 709 -12.85 11.21 -18.19
CA TYR B 709 -13.24 9.82 -18.14
C TYR B 709 -13.43 9.17 -19.51
N LEU B 710 -13.33 7.84 -19.52
CA LEU B 710 -13.49 7.05 -20.73
C LEU B 710 -14.62 6.07 -20.43
N ALA B 711 -15.58 5.97 -21.34
CA ALA B 711 -16.70 5.06 -21.13
C ALA B 711 -16.36 3.65 -21.64
N SER B 712 -17.35 2.77 -21.61
CA SER B 712 -17.18 1.39 -22.06
C SER B 712 -18.45 0.86 -22.74
C1 GLC C . 16.52 -10.86 -14.27
C2 GLC C . 17.37 -12.13 -14.31
C3 GLC C . 17.87 -12.42 -12.88
C4 GLC C . 18.63 -11.19 -12.33
C5 GLC C . 17.76 -9.92 -12.46
C6 GLC C . 18.50 -8.64 -12.07
O1 GLC C . 15.45 -11.04 -13.40
O2 GLC C . 16.62 -13.22 -14.81
O3 GLC C . 18.72 -13.56 -12.90
O4 GLC C . 18.95 -11.41 -10.93
O5 GLC C . 17.31 -9.75 -13.82
O6 GLC C . 18.64 -7.77 -13.17
C1 GLC C . 20.26 -11.84 -10.65
C2 GLC C . 20.33 -12.39 -9.21
C3 GLC C . 20.31 -11.24 -8.19
C4 GLC C . 21.45 -10.27 -8.50
C5 GLC C . 21.24 -9.73 -9.92
C6 GLC C . 22.29 -8.73 -10.37
O2 GLC C . 19.23 -13.26 -8.98
O3 GLC C . 20.46 -11.76 -6.87
O4 GLC C . 21.44 -9.19 -7.55
O5 GLC C . 21.26 -10.83 -10.87
O6 GLC C . 23.59 -9.26 -10.25
C1 GLC C . 22.45 -9.25 -6.58
C2 GLC C . 21.89 -8.87 -5.21
C3 GLC C . 21.50 -7.38 -5.20
C4 GLC C . 22.71 -6.52 -5.62
C5 GLC C . 23.28 -7.00 -6.96
C6 GLC C . 24.58 -6.30 -7.33
O2 GLC C . 20.76 -9.68 -4.91
O3 GLC C . 21.06 -7.01 -3.90
O4 GLC C . 22.31 -5.16 -5.72
O5 GLC C . 23.58 -8.43 -6.91
O6 GLC C . 25.72 -7.05 -6.96
C1 GLC D . 27.00 -2.92 -42.21
C2 GLC D . 27.10 -4.37 -42.73
C3 GLC D . 27.83 -5.27 -41.73
C4 GLC D . 29.17 -4.65 -41.30
C5 GLC D . 28.89 -3.24 -40.76
C6 GLC D . 30.15 -2.52 -40.28
O1 GLC D . 26.15 -2.87 -41.12
O2 GLC D . 25.80 -4.88 -42.96
O3 GLC D . 28.07 -6.56 -42.31
O4 GLC D . 29.80 -5.46 -40.30
O5 GLC D . 28.29 -2.43 -41.79
O6 GLC D . 30.79 -1.84 -41.35
C1 GLC D . 30.86 -6.27 -40.76
C2 GLC D . 30.97 -7.56 -39.92
C3 GLC D . 31.56 -7.27 -38.54
C4 GLC D . 32.87 -6.47 -38.67
C5 GLC D . 32.64 -5.21 -39.50
C6 GLC D . 33.93 -4.42 -39.73
O2 GLC D . 29.70 -8.16 -39.78
O3 GLC D . 31.79 -8.50 -37.87
O4 GLC D . 33.35 -6.10 -37.37
O5 GLC D . 32.11 -5.58 -40.80
O6 GLC D . 34.97 -5.23 -40.26
C1 GLC E . -12.67 15.53 22.86
C2 GLC E . -13.69 16.54 22.33
C3 GLC E . -13.46 17.88 23.04
C4 GLC E . -13.57 17.69 24.57
C5 GLC E . -12.65 16.55 25.05
C6 GLC E . -12.85 16.19 26.51
O1 GLC E . -11.39 16.03 22.67
O2 GLC E . -13.54 16.70 20.92
O3 GLC E . -14.42 18.83 22.58
O4 GLC E . -13.18 18.92 25.24
O5 GLC E . -12.89 15.35 24.27
O6 GLC E . -13.75 15.10 26.66
C1 GLC E . -14.04 20.01 25.06
C2 GLC E . -13.24 21.30 24.82
C3 GLC E . -12.66 21.81 26.13
C4 GLC E . -13.84 22.07 27.07
C5 GLC E . -14.52 20.71 27.35
C6 GLC E . -15.73 20.82 28.28
O2 GLC E . -12.20 21.06 23.89
O3 GLC E . -11.93 23.00 25.93
O4 GLC E . -13.41 22.78 28.26
O5 GLC E . -15.00 20.15 26.11
O6 GLC E . -16.14 19.54 28.72
C2 BGC E . -11.95 22.75 30.14
C3 BGC E . -11.60 21.95 31.39
C4 BGC E . -12.84 21.80 32.31
C5 BGC E . -14.03 21.25 31.50
C6 BGC E . -15.35 21.25 32.28
C1 BGC E . -13.13 22.08 29.43
O2 BGC E . -10.82 22.82 29.27
O3 BGC E . -10.55 22.60 32.09
O4 BGC E . -12.53 20.91 33.37
O5 BGC E . -14.25 22.04 30.31
O6 BGC E . -15.17 21.63 33.63
CA CA F . 34.11 -8.20 -17.08
C ACT G . 18.49 -38.99 -9.65
O ACT G . 19.11 -38.20 -8.79
OXT ACT G . 17.89 -38.62 -10.72
CH3 ACT G . 18.41 -40.45 -9.42
C ACT H . 12.31 -41.91 0.27
O ACT H . 12.00 -43.06 -0.29
OXT ACT H . 11.92 -41.51 1.43
CH3 ACT H . 13.20 -40.92 -0.41
C1 GOL I . 37.70 -19.72 -16.35
O1 GOL I . 38.79 -20.43 -16.57
C2 GOL I . 37.21 -18.68 -17.15
O2 GOL I . 38.19 -17.83 -17.50
C3 GOL I . 36.03 -18.81 -17.33
O3 GOL I . 34.58 -19.39 -17.28
CA CA J . -28.56 18.41 31.31
C ACT K . -16.86 34.36 1.35
O ACT K . -17.25 33.16 1.67
OXT ACT K . -16.38 34.72 0.23
CH3 ACT K . -16.93 35.49 2.34
C1 GOL L . -16.08 -3.87 55.53
O1 GOL L . -17.15 -4.28 54.86
C2 GOL L . -15.77 -2.55 55.83
O2 GOL L . -15.23 -1.91 54.78
C3 GOL L . -16.07 -2.29 56.99
O3 GOL L . -16.60 -2.44 58.44
#